data_8VZ5
# 
_entry.id   8VZ5 
# 
_audit_conform.dict_name       mmcif_pdbx.dic 
_audit_conform.dict_version    5.403 
_audit_conform.dict_location   http://mmcif.pdb.org/dictionaries/ascii/mmcif_pdbx.dic 
# 
loop_
_database_2.database_id 
_database_2.database_code 
_database_2.pdbx_database_accession 
_database_2.pdbx_DOI 
PDB   8VZ5         pdb_00008vz5 10.2210/pdb8vz5/pdb 
WWPDB D_1000281533 ?            ?                   
# 
_pdbx_audit_revision_history.ordinal             1 
_pdbx_audit_revision_history.data_content_type   'Structure model' 
_pdbx_audit_revision_history.major_revision      1 
_pdbx_audit_revision_history.minor_revision      0 
_pdbx_audit_revision_history.revision_date       2025-04-30 
_pdbx_audit_revision_history.part_number         ? 
# 
_pdbx_audit_revision_details.ordinal             1 
_pdbx_audit_revision_details.revision_ordinal    1 
_pdbx_audit_revision_details.data_content_type   'Structure model' 
_pdbx_audit_revision_details.provider            repository 
_pdbx_audit_revision_details.type                'Initial release' 
_pdbx_audit_revision_details.description         ? 
_pdbx_audit_revision_details.details             ? 
# 
_pdbx_database_status.status_code                     REL 
_pdbx_database_status.status_code_sf                  REL 
_pdbx_database_status.status_code_mr                  ? 
_pdbx_database_status.entry_id                        8VZ5 
_pdbx_database_status.recvd_initial_deposition_date   2024-02-09 
_pdbx_database_status.SG_entry                        N 
_pdbx_database_status.deposit_site                    RCSB 
_pdbx_database_status.process_site                    RCSB 
_pdbx_database_status.status_code_cs                  ? 
_pdbx_database_status.status_code_nmr_data            ? 
_pdbx_database_status.methods_development_category    ? 
_pdbx_database_status.pdb_format_compatible           N 
# 
_pdbx_database_related.db_name        PDB 
_pdbx_database_related.details        '8VZ3 contains the same protein derivatized with a different SuFEX compound.' 
_pdbx_database_related.db_id          8VZ3 
_pdbx_database_related.content_type   unspecified 
# 
_pdbx_contact_author.id                 2 
_pdbx_contact_author.email              noel@salk.edu 
_pdbx_contact_author.name_first         Joseph 
_pdbx_contact_author.name_last          Noel 
_pdbx_contact_author.name_mi            P 
_pdbx_contact_author.role               'principal investigator/group leader' 
_pdbx_contact_author.identifier_ORCID   0000-0002-1277-0331 
# 
loop_
_audit_author.name 
_audit_author.pdbx_ordinal 
_audit_author.identifier_ORCID 
'Louie, G.V.' 1 0000-0002-8043-4348 
'Noel, J.P.'  2 0000-0002-1277-0331 
'Wang, W.-M.' 3 0009-0000-4279-7247 
'Kelly, J.W.' 4 0000-0001-8943-3395 
# 
_citation.abstract                  ? 
_citation.abstract_id_CAS           ? 
_citation.book_id_ISBN              ? 
_citation.book_publisher            ? 
_citation.book_publisher_city       ? 
_citation.book_title                ? 
_citation.coordinate_linkage        ? 
_citation.country                   ? 
_citation.database_id_Medline       ? 
_citation.details                   ? 
_citation.id                        primary 
_citation.journal_abbrev            'To be published' 
_citation.journal_id_ASTM           ? 
_citation.journal_id_CSD            0353 
_citation.journal_id_ISSN           ? 
_citation.journal_full              ? 
_citation.journal_issue             ? 
_citation.journal_volume            ? 
_citation.language                  ? 
_citation.page_first                ? 
_citation.page_last                 ? 
_citation.title                     'Structure of human PIN1 covalently derivatized with SuFEx compound' 
_citation.year                      ? 
_citation.database_id_CSD           ? 
_citation.pdbx_database_id_DOI      ? 
_citation.pdbx_database_id_PubMed   ? 
_citation.pdbx_database_id_patent   ? 
_citation.unpublished_flag          ? 
# 
_citation_author.citation_id        primary 
_citation_author.name               'Lastname, F.M.' 
_citation_author.ordinal            1 
_citation_author.identifier_ORCID   ? 
# 
loop_
_entity.id 
_entity.type 
_entity.src_method 
_entity.pdbx_description 
_entity.formula_weight 
_entity.pdbx_number_of_molecules 
_entity.pdbx_ec 
_entity.pdbx_mutation 
_entity.pdbx_fragment 
_entity.details 
1 polymer     man 'Peptidyl-prolyl cis-trans isomerase NIMA-interacting 1'                             18610.641 1   5.2.1.8 ? ? ? 
2 non-polymer syn '4-[fluoro(dihydroxy)-lambda~4~-sulfanyl]benzoic acid'                               204.176   1   ?       ? ? ? 
3 non-polymer syn 'SULFATE ION'                                                                        96.063    2   ?       ? ? ? 
4 non-polymer syn '2-{2-[2-(2-{2-[2-(2-ETHOXY-ETHOXY)-ETHOXY]-ETHOXY}-ETHOXY)-ETHOXY]-ETHOXY}-ETHANOL' 354.436   1   ?       ? ? ? 
5 water       nat water                                                                                18.015    148 ?       ? ? ? 
# 
_entity_name_com.entity_id   1 
_entity_name_com.name        'Peptidyl-prolyl cis-trans isomerase Pin1,PPIase Pin1,Rotamase Pin1' 
# 
_entity_poly.entity_id                      1 
_entity_poly.type                           'polypeptide(L)' 
_entity_poly.nstd_linkage                   no 
_entity_poly.nstd_monomer                   no 
_entity_poly.pdbx_seq_one_letter_code       
;GSHGMADEEKLPPGWEKRMSRSSGRVYYFNHITNASQWERPSGNSSSGGKNGQGEPARVRCSHLLVKHSQSRRPSSWRQE
KITRTKEEALELINGYIQKIKSGEEDFESLASQFSDCSSAKARGDLGAFSRGQMQKPFEDASFALRTGEMSGPVFTDSGI
HIILRTE
;
_entity_poly.pdbx_seq_one_letter_code_can   
;GSHGMADEEKLPPGWEKRMSRSSGRVYYFNHITNASQWERPSGNSSSGGKNGQGEPARVRCSHLLVKHSQSRRPSSWRQE
KITRTKEEALELINGYIQKIKSGEEDFESLASQFSDCSSAKARGDLGAFSRGQMQKPFEDASFALRTGEMSGPVFTDSGI
HIILRTE
;
_entity_poly.pdbx_strand_id                 A 
_entity_poly.pdbx_target_identifier         ? 
# 
loop_
_pdbx_entity_nonpoly.entity_id 
_pdbx_entity_nonpoly.name 
_pdbx_entity_nonpoly.comp_id 
2 '4-[fluoro(dihydroxy)-lambda~4~-sulfanyl]benzoic acid'                               A1AEM 
3 'SULFATE ION'                                                                        SO4   
4 '2-{2-[2-(2-{2-[2-(2-ETHOXY-ETHOXY)-ETHOXY]-ETHOXY}-ETHOXY)-ETHOXY]-ETHOXY}-ETHANOL' PE4   
5 water                                                                                HOH   
# 
loop_
_entity_poly_seq.entity_id 
_entity_poly_seq.num 
_entity_poly_seq.mon_id 
_entity_poly_seq.hetero 
1 1   GLY n 
1 2   SER n 
1 3   HIS n 
1 4   GLY n 
1 5   MET n 
1 6   ALA n 
1 7   ASP n 
1 8   GLU n 
1 9   GLU n 
1 10  LYS n 
1 11  LEU n 
1 12  PRO n 
1 13  PRO n 
1 14  GLY n 
1 15  TRP n 
1 16  GLU n 
1 17  LYS n 
1 18  ARG n 
1 19  MET n 
1 20  SER n 
1 21  ARG n 
1 22  SER n 
1 23  SER n 
1 24  GLY n 
1 25  ARG n 
1 26  VAL n 
1 27  TYR n 
1 28  TYR n 
1 29  PHE n 
1 30  ASN n 
1 31  HIS n 
1 32  ILE n 
1 33  THR n 
1 34  ASN n 
1 35  ALA n 
1 36  SER n 
1 37  GLN n 
1 38  TRP n 
1 39  GLU n 
1 40  ARG n 
1 41  PRO n 
1 42  SER n 
1 43  GLY n 
1 44  ASN n 
1 45  SER n 
1 46  SER n 
1 47  SER n 
1 48  GLY n 
1 49  GLY n 
1 50  LYS n 
1 51  ASN n 
1 52  GLY n 
1 53  GLN n 
1 54  GLY n 
1 55  GLU n 
1 56  PRO n 
1 57  ALA n 
1 58  ARG n 
1 59  VAL n 
1 60  ARG n 
1 61  CYS n 
1 62  SER n 
1 63  HIS n 
1 64  LEU n 
1 65  LEU n 
1 66  VAL n 
1 67  LYS n 
1 68  HIS n 
1 69  SER n 
1 70  GLN n 
1 71  SER n 
1 72  ARG n 
1 73  ARG n 
1 74  PRO n 
1 75  SER n 
1 76  SER n 
1 77  TRP n 
1 78  ARG n 
1 79  GLN n 
1 80  GLU n 
1 81  LYS n 
1 82  ILE n 
1 83  THR n 
1 84  ARG n 
1 85  THR n 
1 86  LYS n 
1 87  GLU n 
1 88  GLU n 
1 89  ALA n 
1 90  LEU n 
1 91  GLU n 
1 92  LEU n 
1 93  ILE n 
1 94  ASN n 
1 95  GLY n 
1 96  TYR n 
1 97  ILE n 
1 98  GLN n 
1 99  LYS n 
1 100 ILE n 
1 101 LYS n 
1 102 SER n 
1 103 GLY n 
1 104 GLU n 
1 105 GLU n 
1 106 ASP n 
1 107 PHE n 
1 108 GLU n 
1 109 SER n 
1 110 LEU n 
1 111 ALA n 
1 112 SER n 
1 113 GLN n 
1 114 PHE n 
1 115 SER n 
1 116 ASP n 
1 117 CYS n 
1 118 SER n 
1 119 SER n 
1 120 ALA n 
1 121 LYS n 
1 122 ALA n 
1 123 ARG n 
1 124 GLY n 
1 125 ASP n 
1 126 LEU n 
1 127 GLY n 
1 128 ALA n 
1 129 PHE n 
1 130 SER n 
1 131 ARG n 
1 132 GLY n 
1 133 GLN n 
1 134 MET n 
1 135 GLN n 
1 136 LYS n 
1 137 PRO n 
1 138 PHE n 
1 139 GLU n 
1 140 ASP n 
1 141 ALA n 
1 142 SER n 
1 143 PHE n 
1 144 ALA n 
1 145 LEU n 
1 146 ARG n 
1 147 THR n 
1 148 GLY n 
1 149 GLU n 
1 150 MET n 
1 151 SER n 
1 152 GLY n 
1 153 PRO n 
1 154 VAL n 
1 155 PHE n 
1 156 THR n 
1 157 ASP n 
1 158 SER n 
1 159 GLY n 
1 160 ILE n 
1 161 HIS n 
1 162 ILE n 
1 163 ILE n 
1 164 LEU n 
1 165 ARG n 
1 166 THR n 
1 167 GLU n 
# 
_entity_src_gen.entity_id                          1 
_entity_src_gen.pdbx_src_id                        1 
_entity_src_gen.pdbx_alt_source_flag               sample 
_entity_src_gen.pdbx_seq_type                      'Biological sequence' 
_entity_src_gen.pdbx_beg_seq_num                   1 
_entity_src_gen.pdbx_end_seq_num                   167 
_entity_src_gen.gene_src_common_name               human 
_entity_src_gen.gene_src_genus                     ? 
_entity_src_gen.pdbx_gene_src_gene                 PIN1 
_entity_src_gen.gene_src_species                   ? 
_entity_src_gen.gene_src_strain                    ? 
_entity_src_gen.gene_src_tissue                    ? 
_entity_src_gen.gene_src_tissue_fraction           ? 
_entity_src_gen.gene_src_details                   ? 
_entity_src_gen.pdbx_gene_src_fragment             ? 
_entity_src_gen.pdbx_gene_src_scientific_name      'Homo sapiens' 
_entity_src_gen.pdbx_gene_src_ncbi_taxonomy_id     9606 
_entity_src_gen.pdbx_gene_src_variant              ? 
_entity_src_gen.pdbx_gene_src_cell_line            ? 
_entity_src_gen.pdbx_gene_src_atcc                 ? 
_entity_src_gen.pdbx_gene_src_organ                ? 
_entity_src_gen.pdbx_gene_src_organelle            ? 
_entity_src_gen.pdbx_gene_src_cell                 ? 
_entity_src_gen.pdbx_gene_src_cellular_location    ? 
_entity_src_gen.host_org_common_name               ? 
_entity_src_gen.pdbx_host_org_scientific_name      'Escherichia coli' 
_entity_src_gen.pdbx_host_org_ncbi_taxonomy_id     562 
_entity_src_gen.host_org_genus                     ? 
_entity_src_gen.pdbx_host_org_gene                 ? 
_entity_src_gen.pdbx_host_org_organ                ? 
_entity_src_gen.host_org_species                   ? 
_entity_src_gen.pdbx_host_org_tissue               ? 
_entity_src_gen.pdbx_host_org_tissue_fraction      ? 
_entity_src_gen.pdbx_host_org_strain               ? 
_entity_src_gen.pdbx_host_org_variant              ? 
_entity_src_gen.pdbx_host_org_cell_line            ? 
_entity_src_gen.pdbx_host_org_atcc                 ? 
_entity_src_gen.pdbx_host_org_culture_collection   ? 
_entity_src_gen.pdbx_host_org_cell                 ? 
_entity_src_gen.pdbx_host_org_organelle            ? 
_entity_src_gen.pdbx_host_org_cellular_location    ? 
_entity_src_gen.pdbx_host_org_vector_type          ? 
_entity_src_gen.pdbx_host_org_vector               ? 
_entity_src_gen.host_org_details                   ? 
_entity_src_gen.expression_system_id               ? 
_entity_src_gen.plasmid_name                       ? 
_entity_src_gen.plasmid_details                    ? 
_entity_src_gen.pdbx_description                   ? 
# 
loop_
_chem_comp.id 
_chem_comp.type 
_chem_comp.mon_nstd_flag 
_chem_comp.name 
_chem_comp.pdbx_synonyms 
_chem_comp.formula 
_chem_comp.formula_weight 
A1AEM non-polymer         . '4-[fluoro(dihydroxy)-lambda~4~-sulfanyl]benzoic acid'                               ? 'C7 H5 F O4 S' 
204.176 
ALA   'L-peptide linking' y ALANINE                                                                              ? 'C3 H7 N O2' 
89.093  
ARG   'L-peptide linking' y ARGININE                                                                             ? 
'C6 H15 N4 O2 1' 175.209 
ASN   'L-peptide linking' y ASPARAGINE                                                                           ? 'C4 H8 N2 O3' 
132.118 
ASP   'L-peptide linking' y 'ASPARTIC ACID'                                                                      ? 'C4 H7 N O4' 
133.103 
CYS   'L-peptide linking' y CYSTEINE                                                                             ? 'C3 H7 N O2 S' 
121.158 
GLN   'L-peptide linking' y GLUTAMINE                                                                            ? 'C5 H10 N2 O3' 
146.144 
GLU   'L-peptide linking' y 'GLUTAMIC ACID'                                                                      ? 'C5 H9 N O4' 
147.129 
GLY   'peptide linking'   y GLYCINE                                                                              ? 'C2 H5 N O2' 
75.067  
HIS   'L-peptide linking' y HISTIDINE                                                                            ? 
'C6 H10 N3 O2 1' 156.162 
HOH   non-polymer         . WATER                                                                                ? 'H2 O' 18.015  
ILE   'L-peptide linking' y ISOLEUCINE                                                                           ? 'C6 H13 N O2' 
131.173 
LEU   'L-peptide linking' y LEUCINE                                                                              ? 'C6 H13 N O2' 
131.173 
LYS   'L-peptide linking' y LYSINE                                                                               ? 
'C6 H15 N2 O2 1' 147.195 
MET   'L-peptide linking' y METHIONINE                                                                           ? 'C5 H11 N O2 S' 
149.211 
PE4   non-polymer         . '2-{2-[2-(2-{2-[2-(2-ETHOXY-ETHOXY)-ETHOXY]-ETHOXY}-ETHOXY)-ETHOXY]-ETHOXY}-ETHANOL' 
'POLYETHYLENE GLYCOL PEG4000' 'C16 H34 O8'     354.436 
PHE   'L-peptide linking' y PHENYLALANINE                                                                        ? 'C9 H11 N O2' 
165.189 
PRO   'L-peptide linking' y PROLINE                                                                              ? 'C5 H9 N O2' 
115.130 
SER   'L-peptide linking' y SERINE                                                                               ? 'C3 H7 N O3' 
105.093 
SO4   non-polymer         . 'SULFATE ION'                                                                        ? 'O4 S -2' 
96.063  
THR   'L-peptide linking' y THREONINE                                                                            ? 'C4 H9 N O3' 
119.119 
TRP   'L-peptide linking' y TRYPTOPHAN                                                                           ? 'C11 H12 N2 O2' 
204.225 
TYR   'L-peptide linking' y TYROSINE                                                                             ? 'C9 H11 N O3' 
181.189 
VAL   'L-peptide linking' y VALINE                                                                               ? 'C5 H11 N O2' 
117.146 
# 
loop_
_pdbx_poly_seq_scheme.asym_id 
_pdbx_poly_seq_scheme.entity_id 
_pdbx_poly_seq_scheme.seq_id 
_pdbx_poly_seq_scheme.mon_id 
_pdbx_poly_seq_scheme.ndb_seq_num 
_pdbx_poly_seq_scheme.pdb_seq_num 
_pdbx_poly_seq_scheme.auth_seq_num 
_pdbx_poly_seq_scheme.pdb_mon_id 
_pdbx_poly_seq_scheme.auth_mon_id 
_pdbx_poly_seq_scheme.pdb_strand_id 
_pdbx_poly_seq_scheme.pdb_ins_code 
_pdbx_poly_seq_scheme.hetero 
A 1 1   GLY 1   -3  ?   ?   ?   A . n 
A 1 2   SER 2   -2  ?   ?   ?   A . n 
A 1 3   HIS 3   -1  ?   ?   ?   A . n 
A 1 4   GLY 4   0   ?   ?   ?   A . n 
A 1 5   MET 5   1   ?   ?   ?   A . n 
A 1 6   ALA 6   2   ?   ?   ?   A . n 
A 1 7   ASP 7   3   ?   ?   ?   A . n 
A 1 8   GLU 8   4   ?   ?   ?   A . n 
A 1 9   GLU 9   5   ?   ?   ?   A . n 
A 1 10  LYS 10  6   ?   ?   ?   A . n 
A 1 11  LEU 11  7   7   LEU LEU A . n 
A 1 12  PRO 12  8   8   PRO PRO A . n 
A 1 13  PRO 13  9   9   PRO PRO A . n 
A 1 14  GLY 14  10  10  GLY GLY A . n 
A 1 15  TRP 15  11  11  TRP TRP A . n 
A 1 16  GLU 16  12  12  GLU GLU A . n 
A 1 17  LYS 17  13  13  LYS LYS A . n 
A 1 18  ARG 18  14  14  ARG ARG A . n 
A 1 19  MET 19  15  15  MET MET A . n 
A 1 20  SER 20  16  16  SER SER A . n 
A 1 21  ARG 21  17  17  ARG ARG A . n 
A 1 22  SER 22  18  18  SER SER A . n 
A 1 23  SER 23  19  19  SER SER A . n 
A 1 24  GLY 24  20  20  GLY GLY A . n 
A 1 25  ARG 25  21  21  ARG ARG A . n 
A 1 26  VAL 26  22  22  VAL VAL A . n 
A 1 27  TYR 27  23  23  TYR TYR A . n 
A 1 28  TYR 28  24  24  TYR TYR A . n 
A 1 29  PHE 29  25  25  PHE PHE A . n 
A 1 30  ASN 30  26  26  ASN ASN A . n 
A 1 31  HIS 31  27  27  HIS HIS A . n 
A 1 32  ILE 32  28  28  ILE ILE A . n 
A 1 33  THR 33  29  29  THR THR A . n 
A 1 34  ASN 34  30  30  ASN ASN A . n 
A 1 35  ALA 35  31  31  ALA ALA A . n 
A 1 36  SER 36  32  32  SER SER A . n 
A 1 37  GLN 37  33  33  GLN GLN A . n 
A 1 38  TRP 38  34  34  TRP TRP A . n 
A 1 39  GLU 39  35  35  GLU GLU A . n 
A 1 40  ARG 40  36  36  ARG ARG A . n 
A 1 41  PRO 41  37  37  PRO PRO A . n 
A 1 42  SER 42  38  38  SER SER A . n 
A 1 43  GLY 43  39  ?   ?   ?   A . n 
A 1 44  ASN 44  40  ?   ?   ?   A . n 
A 1 45  SER 45  41  ?   ?   ?   A . n 
A 1 46  SER 46  42  ?   ?   ?   A . n 
A 1 47  SER 47  43  ?   ?   ?   A . n 
A 1 48  GLY 48  44  ?   ?   ?   A . n 
A 1 49  GLY 49  45  ?   ?   ?   A . n 
A 1 50  LYS 50  46  ?   ?   ?   A . n 
A 1 51  ASN 51  47  ?   ?   ?   A . n 
A 1 52  GLY 52  48  ?   ?   ?   A . n 
A 1 53  GLN 53  49  ?   ?   ?   A . n 
A 1 54  GLY 54  50  ?   ?   ?   A . n 
A 1 55  GLU 55  51  51  GLU GLU A . n 
A 1 56  PRO 56  52  52  PRO PRO A . n 
A 1 57  ALA 57  53  53  ALA ALA A . n 
A 1 58  ARG 58  54  54  ARG ARG A . n 
A 1 59  VAL 59  55  55  VAL VAL A . n 
A 1 60  ARG 60  56  56  ARG ARG A . n 
A 1 61  CYS 61  57  57  CYS CYS A . n 
A 1 62  SER 62  58  58  SER SER A . n 
A 1 63  HIS 63  59  59  HIS HIS A . n 
A 1 64  LEU 64  60  60  LEU LEU A . n 
A 1 65  LEU 65  61  61  LEU LEU A . n 
A 1 66  VAL 66  62  62  VAL VAL A . n 
A 1 67  LYS 67  63  63  LYS LYS A . n 
A 1 68  HIS 68  64  64  HIS HIS A . n 
A 1 69  SER 69  65  65  SER SER A . n 
A 1 70  GLN 70  66  66  GLN GLN A . n 
A 1 71  SER 71  67  67  SER SER A . n 
A 1 72  ARG 72  68  68  ARG ARG A . n 
A 1 73  ARG 73  69  69  ARG ARG A . n 
A 1 74  PRO 74  70  70  PRO PRO A . n 
A 1 75  SER 75  71  71  SER SER A . n 
A 1 76  SER 76  72  72  SER SER A . n 
A 1 77  TRP 77  73  73  TRP TRP A . n 
A 1 78  ARG 78  74  74  ARG ARG A . n 
A 1 79  GLN 79  75  75  GLN GLN A . n 
A 1 80  GLU 80  76  76  GLU GLU A . n 
A 1 81  LYS 81  77  77  LYS LYS A . n 
A 1 82  ILE 82  78  78  ILE ILE A . n 
A 1 83  THR 83  79  79  THR THR A . n 
A 1 84  ARG 84  80  80  ARG ARG A . n 
A 1 85  THR 85  81  81  THR THR A . n 
A 1 86  LYS 86  82  82  LYS LYS A . n 
A 1 87  GLU 87  83  83  GLU GLU A . n 
A 1 88  GLU 88  84  84  GLU GLU A . n 
A 1 89  ALA 89  85  85  ALA ALA A . n 
A 1 90  LEU 90  86  86  LEU LEU A . n 
A 1 91  GLU 91  87  87  GLU GLU A . n 
A 1 92  LEU 92  88  88  LEU LEU A . n 
A 1 93  ILE 93  89  89  ILE ILE A . n 
A 1 94  ASN 94  90  90  ASN ASN A . n 
A 1 95  GLY 95  91  91  GLY GLY A . n 
A 1 96  TYR 96  92  92  TYR TYR A . n 
A 1 97  ILE 97  93  93  ILE ILE A . n 
A 1 98  GLN 98  94  94  GLN GLN A . n 
A 1 99  LYS 99  95  95  LYS LYS A . n 
A 1 100 ILE 100 96  96  ILE ILE A . n 
A 1 101 LYS 101 97  97  LYS LYS A . n 
A 1 102 SER 102 98  98  SER SER A . n 
A 1 103 GLY 103 99  99  GLY GLY A . n 
A 1 104 GLU 104 100 100 GLU GLU A . n 
A 1 105 GLU 105 101 101 GLU GLU A . n 
A 1 106 ASP 106 102 102 ASP ASP A . n 
A 1 107 PHE 107 103 103 PHE PHE A . n 
A 1 108 GLU 108 104 104 GLU GLU A . n 
A 1 109 SER 109 105 105 SER SER A . n 
A 1 110 LEU 110 106 106 LEU LEU A . n 
A 1 111 ALA 111 107 107 ALA ALA A . n 
A 1 112 SER 112 108 108 SER SER A . n 
A 1 113 GLN 113 109 109 GLN GLN A . n 
A 1 114 PHE 114 110 110 PHE PHE A . n 
A 1 115 SER 115 111 111 SER SER A . n 
A 1 116 ASP 116 112 112 ASP ASP A . n 
A 1 117 CYS 117 113 113 CYS CYS A . n 
A 1 118 SER 118 114 114 SER SER A . n 
A 1 119 SER 119 115 115 SER SER A . n 
A 1 120 ALA 120 116 116 ALA ALA A . n 
A 1 121 LYS 121 117 117 LYS LYS A . n 
A 1 122 ALA 122 118 118 ALA ALA A . n 
A 1 123 ARG 123 119 119 ARG ARG A . n 
A 1 124 GLY 124 120 120 GLY GLY A . n 
A 1 125 ASP 125 121 121 ASP ASP A . n 
A 1 126 LEU 126 122 122 LEU LEU A . n 
A 1 127 GLY 127 123 123 GLY GLY A . n 
A 1 128 ALA 128 124 124 ALA ALA A . n 
A 1 129 PHE 129 125 125 PHE PHE A . n 
A 1 130 SER 130 126 126 SER SER A . n 
A 1 131 ARG 131 127 127 ARG ARG A . n 
A 1 132 GLY 132 128 128 GLY GLY A . n 
A 1 133 GLN 133 129 129 GLN GLN A . n 
A 1 134 MET 134 130 130 MET MET A . n 
A 1 135 GLN 135 131 131 GLN GLN A . n 
A 1 136 LYS 136 132 132 LYS LYS A . n 
A 1 137 PRO 137 133 133 PRO PRO A . n 
A 1 138 PHE 138 134 134 PHE PHE A . n 
A 1 139 GLU 139 135 135 GLU GLU A . n 
A 1 140 ASP 140 136 136 ASP ASP A . n 
A 1 141 ALA 141 137 137 ALA ALA A . n 
A 1 142 SER 142 138 138 SER SER A . n 
A 1 143 PHE 143 139 139 PHE PHE A . n 
A 1 144 ALA 144 140 140 ALA ALA A . n 
A 1 145 LEU 145 141 141 LEU LEU A . n 
A 1 146 ARG 146 142 142 ARG ARG A . n 
A 1 147 THR 147 143 143 THR THR A . n 
A 1 148 GLY 148 144 144 GLY GLY A . n 
A 1 149 GLU 149 145 145 GLU GLU A . n 
A 1 150 MET 150 146 146 MET MET A . n 
A 1 151 SER 151 147 147 SER SER A . n 
A 1 152 GLY 152 148 148 GLY GLY A . n 
A 1 153 PRO 153 149 149 PRO PRO A . n 
A 1 154 VAL 154 150 150 VAL VAL A . n 
A 1 155 PHE 155 151 151 PHE PHE A . n 
A 1 156 THR 156 152 152 THR THR A . n 
A 1 157 ASP 157 153 153 ASP ASP A . n 
A 1 158 SER 158 154 154 SER SER A . n 
A 1 159 GLY 159 155 155 GLY GLY A . n 
A 1 160 ILE 160 156 156 ILE ILE A . n 
A 1 161 HIS 161 157 157 HIS HIS A . n 
A 1 162 ILE 162 158 158 ILE ILE A . n 
A 1 163 ILE 163 159 159 ILE ILE A . n 
A 1 164 LEU 164 160 160 LEU LEU A . n 
A 1 165 ARG 165 161 161 ARG ARG A . n 
A 1 166 THR 166 162 162 THR THR A . n 
A 1 167 GLU 167 163 163 GLU GLU A . n 
# 
_pdbx_entity_instance_feature.ordinal        1 
_pdbx_entity_instance_feature.comp_id        A1AEM 
_pdbx_entity_instance_feature.asym_id        ? 
_pdbx_entity_instance_feature.seq_num        ? 
_pdbx_entity_instance_feature.auth_comp_id   A1AEM 
_pdbx_entity_instance_feature.auth_asym_id   ? 
_pdbx_entity_instance_feature.auth_seq_num   ? 
_pdbx_entity_instance_feature.feature_type   'SUBJECT OF INVESTIGATION' 
_pdbx_entity_instance_feature.details        ? 
# 
loop_
_pdbx_nonpoly_scheme.asym_id 
_pdbx_nonpoly_scheme.entity_id 
_pdbx_nonpoly_scheme.mon_id 
_pdbx_nonpoly_scheme.ndb_seq_num 
_pdbx_nonpoly_scheme.pdb_seq_num 
_pdbx_nonpoly_scheme.auth_seq_num 
_pdbx_nonpoly_scheme.pdb_mon_id 
_pdbx_nonpoly_scheme.auth_mon_id 
_pdbx_nonpoly_scheme.pdb_strand_id 
_pdbx_nonpoly_scheme.pdb_ins_code 
B 2 A1AEM 1   901  901 A1AEM LIG A . 
C 3 SO4   1   902  201 SO4   SO4 A . 
D 3 SO4   1   903  202 SO4   SO4 A . 
E 4 PE4   1   904  300 PE4   PE4 A . 
F 5 HOH   1   1001 136 HOH   HOH A . 
F 5 HOH   2   1002 11  HOH   HOH A . 
F 5 HOH   3   1003 120 HOH   HOH A . 
F 5 HOH   4   1004 122 HOH   HOH A . 
F 5 HOH   5   1005 99  HOH   HOH A . 
F 5 HOH   6   1006 127 HOH   HOH A . 
F 5 HOH   7   1007 90  HOH   HOH A . 
F 5 HOH   8   1008 16  HOH   HOH A . 
F 5 HOH   9   1009 74  HOH   HOH A . 
F 5 HOH   10  1010 73  HOH   HOH A . 
F 5 HOH   11  1011 44  HOH   HOH A . 
F 5 HOH   12  1012 4   HOH   HOH A . 
F 5 HOH   13  1013 20  HOH   HOH A . 
F 5 HOH   14  1014 13  HOH   HOH A . 
F 5 HOH   15  1015 9   HOH   HOH A . 
F 5 HOH   16  1016 45  HOH   HOH A . 
F 5 HOH   17  1017 2   HOH   HOH A . 
F 5 HOH   18  1018 19  HOH   HOH A . 
F 5 HOH   19  1019 121 HOH   HOH A . 
F 5 HOH   20  1020 33  HOH   HOH A . 
F 5 HOH   21  1021 68  HOH   HOH A . 
F 5 HOH   22  1022 21  HOH   HOH A . 
F 5 HOH   23  1023 119 HOH   HOH A . 
F 5 HOH   24  1024 96  HOH   HOH A . 
F 5 HOH   25  1025 55  HOH   HOH A . 
F 5 HOH   26  1026 140 HOH   HOH A . 
F 5 HOH   27  1027 23  HOH   HOH A . 
F 5 HOH   28  1028 131 HOH   HOH A . 
F 5 HOH   29  1029 30  HOH   HOH A . 
F 5 HOH   30  1030 37  HOH   HOH A . 
F 5 HOH   31  1031 12  HOH   HOH A . 
F 5 HOH   32  1032 79  HOH   HOH A . 
F 5 HOH   33  1033 41  HOH   HOH A . 
F 5 HOH   34  1034 133 HOH   HOH A . 
F 5 HOH   35  1035 24  HOH   HOH A . 
F 5 HOH   36  1036 129 HOH   HOH A . 
F 5 HOH   37  1037 60  HOH   HOH A . 
F 5 HOH   38  1038 56  HOH   HOH A . 
F 5 HOH   39  1039 7   HOH   HOH A . 
F 5 HOH   40  1040 143 HOH   HOH A . 
F 5 HOH   41  1041 1   HOH   HOH A . 
F 5 HOH   42  1042 71  HOH   HOH A . 
F 5 HOH   43  1043 82  HOH   HOH A . 
F 5 HOH   44  1044 97  HOH   HOH A . 
F 5 HOH   45  1045 70  HOH   HOH A . 
F 5 HOH   46  1046 146 HOH   HOH A . 
F 5 HOH   47  1047 17  HOH   HOH A . 
F 5 HOH   48  1048 14  HOH   HOH A . 
F 5 HOH   49  1049 107 HOH   HOH A . 
F 5 HOH   50  1050 5   HOH   HOH A . 
F 5 HOH   51  1051 40  HOH   HOH A . 
F 5 HOH   52  1052 42  HOH   HOH A . 
F 5 HOH   53  1053 83  HOH   HOH A . 
F 5 HOH   54  1054 43  HOH   HOH A . 
F 5 HOH   55  1055 86  HOH   HOH A . 
F 5 HOH   56  1056 106 HOH   HOH A . 
F 5 HOH   57  1057 58  HOH   HOH A . 
F 5 HOH   58  1058 147 HOH   HOH A . 
F 5 HOH   59  1059 135 HOH   HOH A . 
F 5 HOH   60  1060 54  HOH   HOH A . 
F 5 HOH   61  1061 47  HOH   HOH A . 
F 5 HOH   62  1062 29  HOH   HOH A . 
F 5 HOH   63  1063 132 HOH   HOH A . 
F 5 HOH   64  1064 61  HOH   HOH A . 
F 5 HOH   65  1065 18  HOH   HOH A . 
F 5 HOH   66  1066 65  HOH   HOH A . 
F 5 HOH   67  1067 128 HOH   HOH A . 
F 5 HOH   68  1068 126 HOH   HOH A . 
F 5 HOH   69  1069 3   HOH   HOH A . 
F 5 HOH   70  1070 25  HOH   HOH A . 
F 5 HOH   71  1071 50  HOH   HOH A . 
F 5 HOH   72  1072 32  HOH   HOH A . 
F 5 HOH   73  1073 67  HOH   HOH A . 
F 5 HOH   74  1074 111 HOH   HOH A . 
F 5 HOH   75  1075 46  HOH   HOH A . 
F 5 HOH   76  1076 10  HOH   HOH A . 
F 5 HOH   77  1077 84  HOH   HOH A . 
F 5 HOH   78  1078 94  HOH   HOH A . 
F 5 HOH   79  1079 49  HOH   HOH A . 
F 5 HOH   80  1080 22  HOH   HOH A . 
F 5 HOH   81  1081 115 HOH   HOH A . 
F 5 HOH   82  1082 87  HOH   HOH A . 
F 5 HOH   83  1083 34  HOH   HOH A . 
F 5 HOH   84  1084 92  HOH   HOH A . 
F 5 HOH   85  1085 105 HOH   HOH A . 
F 5 HOH   86  1086 62  HOH   HOH A . 
F 5 HOH   87  1087 72  HOH   HOH A . 
F 5 HOH   88  1088 53  HOH   HOH A . 
F 5 HOH   89  1089 85  HOH   HOH A . 
F 5 HOH   90  1090 36  HOH   HOH A . 
F 5 HOH   91  1091 103 HOH   HOH A . 
F 5 HOH   92  1092 15  HOH   HOH A . 
F 5 HOH   93  1093 52  HOH   HOH A . 
F 5 HOH   94  1094 95  HOH   HOH A . 
F 5 HOH   95  1095 69  HOH   HOH A . 
F 5 HOH   96  1096 113 HOH   HOH A . 
F 5 HOH   97  1097 88  HOH   HOH A . 
F 5 HOH   98  1098 64  HOH   HOH A . 
F 5 HOH   99  1099 27  HOH   HOH A . 
F 5 HOH   100 1100 39  HOH   HOH A . 
F 5 HOH   101 1101 57  HOH   HOH A . 
F 5 HOH   102 1102 141 HOH   HOH A . 
F 5 HOH   103 1103 102 HOH   HOH A . 
F 5 HOH   104 1104 91  HOH   HOH A . 
F 5 HOH   105 1105 145 HOH   HOH A . 
F 5 HOH   106 1106 112 HOH   HOH A . 
F 5 HOH   107 1107 118 HOH   HOH A . 
F 5 HOH   108 1108 28  HOH   HOH A . 
F 5 HOH   109 1109 108 HOH   HOH A . 
F 5 HOH   110 1110 142 HOH   HOH A . 
F 5 HOH   111 1111 48  HOH   HOH A . 
F 5 HOH   112 1112 138 HOH   HOH A . 
F 5 HOH   113 1113 63  HOH   HOH A . 
F 5 HOH   114 1114 148 HOH   HOH A . 
F 5 HOH   115 1115 144 HOH   HOH A . 
F 5 HOH   116 1116 100 HOH   HOH A . 
F 5 HOH   117 1117 110 HOH   HOH A . 
F 5 HOH   118 1118 109 HOH   HOH A . 
F 5 HOH   119 1119 101 HOH   HOH A . 
F 5 HOH   120 1120 114 HOH   HOH A . 
F 5 HOH   121 1121 104 HOH   HOH A . 
F 5 HOH   122 1122 51  HOH   HOH A . 
F 5 HOH   123 1123 137 HOH   HOH A . 
F 5 HOH   124 1124 35  HOH   HOH A . 
F 5 HOH   125 1125 8   HOH   HOH A . 
F 5 HOH   126 1126 75  HOH   HOH A . 
F 5 HOH   127 1127 59  HOH   HOH A . 
F 5 HOH   128 1128 81  HOH   HOH A . 
F 5 HOH   129 1129 124 HOH   HOH A . 
F 5 HOH   130 1130 6   HOH   HOH A . 
F 5 HOH   131 1131 139 HOH   HOH A . 
F 5 HOH   132 1132 78  HOH   HOH A . 
F 5 HOH   133 1133 116 HOH   HOH A . 
F 5 HOH   134 1134 77  HOH   HOH A . 
F 5 HOH   135 1135 76  HOH   HOH A . 
F 5 HOH   136 1136 123 HOH   HOH A . 
F 5 HOH   137 1137 93  HOH   HOH A . 
F 5 HOH   138 1138 31  HOH   HOH A . 
F 5 HOH   139 1139 125 HOH   HOH A . 
F 5 HOH   140 1140 89  HOH   HOH A . 
F 5 HOH   141 1141 134 HOH   HOH A . 
F 5 HOH   142 1142 66  HOH   HOH A . 
F 5 HOH   143 1143 117 HOH   HOH A . 
F 5 HOH   144 1144 80  HOH   HOH A . 
F 5 HOH   145 1145 98  HOH   HOH A . 
F 5 HOH   146 1146 130 HOH   HOH A . 
F 5 HOH   147 1147 26  HOH   HOH A . 
F 5 HOH   148 1148 38  HOH   HOH A . 
# 
loop_
_software.citation_id 
_software.classification 
_software.compiler_name 
_software.compiler_version 
_software.contact_author 
_software.contact_author_email 
_software.date 
_software.description 
_software.dependencies 
_software.hardware 
_software.language 
_software.location 
_software.mods 
_software.name 
_software.os 
_software.os_version 
_software.type 
_software.version 
_software.pdbx_ordinal 
? refinement       ? ? ? ? ? ? ? ? ? ? ? PHENIX  ? ? ? '(1.20.1_4487: ???)' 1 
? 'data scaling'   ? ? ? ? ? ? ? ? ? ? ? Aimless ? ? ? .                    2 
? 'data reduction' ? ? ? ? ? ? ? ? ? ? ? MOSFLM  ? ? ? .                    3 
? phasing          ? ? ? ? ? ? ? ? ? ? ? PHENIX  ? ? ? .                    4 
# 
_cell.angle_alpha                  90.00 
_cell.angle_alpha_esd              ? 
_cell.angle_beta                   90.00 
_cell.angle_beta_esd               ? 
_cell.angle_gamma                  120.00 
_cell.angle_gamma_esd              ? 
_cell.entry_id                     8VZ5 
_cell.details                      ? 
_cell.formula_units_Z              ? 
_cell.length_a                     68.200 
_cell.length_a_esd                 ? 
_cell.length_b                     68.200 
_cell.length_b_esd                 ? 
_cell.length_c                     79.221 
_cell.length_c_esd                 ? 
_cell.volume                       ? 
_cell.volume_esd                   ? 
_cell.Z_PDB                        6 
_cell.reciprocal_angle_alpha       ? 
_cell.reciprocal_angle_beta        ? 
_cell.reciprocal_angle_gamma       ? 
_cell.reciprocal_angle_alpha_esd   ? 
_cell.reciprocal_angle_beta_esd    ? 
_cell.reciprocal_angle_gamma_esd   ? 
_cell.reciprocal_length_a          ? 
_cell.reciprocal_length_b          ? 
_cell.reciprocal_length_c          ? 
_cell.reciprocal_length_a_esd      ? 
_cell.reciprocal_length_b_esd      ? 
_cell.reciprocal_length_c_esd      ? 
_cell.pdbx_unique_axis             ? 
_cell.pdbx_esd_method              ? 
# 
_symmetry.entry_id                         8VZ5 
_symmetry.cell_setting                     ? 
_symmetry.Int_Tables_number                152 
_symmetry.space_group_name_Hall            ? 
_symmetry.space_group_name_H-M             'P 31 2 1' 
_symmetry.pdbx_full_space_group_name_H-M   ? 
# 
_exptl.absorpt_coefficient_mu     ? 
_exptl.absorpt_correction_T_max   ? 
_exptl.absorpt_correction_T_min   ? 
_exptl.absorpt_correction_type    ? 
_exptl.absorpt_process_details    ? 
_exptl.entry_id                   8VZ5 
_exptl.crystals_number            1 
_exptl.details                    ? 
_exptl.method                     'X-RAY DIFFRACTION' 
_exptl.method_details             ? 
# 
_exptl_crystal.colour                       ? 
_exptl_crystal.density_diffrn               ? 
_exptl_crystal.density_Matthews             2.86 
_exptl_crystal.density_method               ? 
_exptl_crystal.density_percent_sol          56.96 
_exptl_crystal.description                  ? 
_exptl_crystal.F_000                        ? 
_exptl_crystal.id                           1 
_exptl_crystal.preparation                  ? 
_exptl_crystal.size_max                     ? 
_exptl_crystal.size_mid                     ? 
_exptl_crystal.size_min                     ? 
_exptl_crystal.size_rad                     ? 
_exptl_crystal.colour_lustre                ? 
_exptl_crystal.colour_modifier              ? 
_exptl_crystal.colour_primary               ? 
_exptl_crystal.density_meas                 ? 
_exptl_crystal.density_meas_esd             ? 
_exptl_crystal.density_meas_gt              ? 
_exptl_crystal.density_meas_lt              ? 
_exptl_crystal.density_meas_temp            ? 
_exptl_crystal.density_meas_temp_esd        ? 
_exptl_crystal.density_meas_temp_gt         ? 
_exptl_crystal.density_meas_temp_lt         ? 
_exptl_crystal.pdbx_crystal_image_url       ? 
_exptl_crystal.pdbx_crystal_image_format    ? 
_exptl_crystal.pdbx_mosaicity               ? 
_exptl_crystal.pdbx_mosaicity_esd           ? 
_exptl_crystal.pdbx_mosaic_method           ? 
_exptl_crystal.pdbx_mosaic_block_size       ? 
_exptl_crystal.pdbx_mosaic_block_size_esd   ? 
# 
_exptl_crystal_grow.apparatus       ? 
_exptl_crystal_grow.atmosphere      ? 
_exptl_crystal_grow.crystal_id      1 
_exptl_crystal_grow.details         ? 
_exptl_crystal_grow.method          'VAPOR DIFFUSION, HANGING DROP' 
_exptl_crystal_grow.method_ref      ? 
_exptl_crystal_grow.pH              7.5 
_exptl_crystal_grow.pressure        ? 
_exptl_crystal_grow.pressure_esd    ? 
_exptl_crystal_grow.seeding         ? 
_exptl_crystal_grow.seeding_ref     ? 
_exptl_crystal_grow.temp_details    ? 
_exptl_crystal_grow.temp_esd        ? 
_exptl_crystal_grow.time            ? 
_exptl_crystal_grow.pdbx_details    '2.0 M ammonium sulfate, 0.1 M sodium HEPES, 1% v/v polyethylene glycol 400' 
_exptl_crystal_grow.pdbx_pH_range   7.0-7.5 
_exptl_crystal_grow.temp            277 
# 
_diffrn.ambient_environment              ? 
_diffrn.ambient_temp                     100 
_diffrn.ambient_temp_details             ? 
_diffrn.ambient_temp_esd                 ? 
_diffrn.crystal_id                       1 
_diffrn.crystal_support                  ? 
_diffrn.crystal_treatment                ? 
_diffrn.details                          ? 
_diffrn.id                               1 
_diffrn.ambient_pressure                 ? 
_diffrn.ambient_pressure_esd             ? 
_diffrn.ambient_pressure_gt              ? 
_diffrn.ambient_pressure_lt              ? 
_diffrn.ambient_temp_gt                  ? 
_diffrn.ambient_temp_lt                  ? 
_diffrn.pdbx_serial_crystal_experiment   N 
# 
_diffrn_detector.details                      ? 
_diffrn_detector.detector                     CCD 
_diffrn_detector.diffrn_id                    1 
_diffrn_detector.type                         'ADSC QUANTUM 315' 
_diffrn_detector.area_resol_mean              ? 
_diffrn_detector.dtime                        ? 
_diffrn_detector.pdbx_frames_total            ? 
_diffrn_detector.pdbx_collection_time_total   ? 
_diffrn_detector.pdbx_collection_date         2022-04-22 
_diffrn_detector.pdbx_frequency               ? 
_diffrn_detector.id                           ? 
_diffrn_detector.number_of_axes               ? 
# 
_diffrn_radiation.collimation                      ? 
_diffrn_radiation.diffrn_id                        1 
_diffrn_radiation.filter_edge                      ? 
_diffrn_radiation.inhomogeneity                    ? 
_diffrn_radiation.monochromator                    'Double-crystal Si(111)' 
_diffrn_radiation.polarisn_norm                    ? 
_diffrn_radiation.polarisn_ratio                   ? 
_diffrn_radiation.probe                            ? 
_diffrn_radiation.type                             ? 
_diffrn_radiation.xray_symbol                      ? 
_diffrn_radiation.wavelength_id                    1 
_diffrn_radiation.pdbx_monochromatic_or_laue_m_l   M 
_diffrn_radiation.pdbx_wavelength_list             ? 
_diffrn_radiation.pdbx_wavelength                  ? 
_diffrn_radiation.pdbx_diffrn_protocol             'SINGLE WAVELENGTH' 
_diffrn_radiation.pdbx_analyzer                    ? 
_diffrn_radiation.pdbx_scattering_type             x-ray 
# 
_diffrn_radiation_wavelength.id           1 
_diffrn_radiation_wavelength.wavelength   1.0 
_diffrn_radiation_wavelength.wt           1.0 
# 
_diffrn_source.current                     ? 
_diffrn_source.details                     ? 
_diffrn_source.diffrn_id                   1 
_diffrn_source.power                       ? 
_diffrn_source.size                        ? 
_diffrn_source.source                      SYNCHROTRON 
_diffrn_source.target                      ? 
_diffrn_source.type                        'ALS BEAMLINE 8.2.2' 
_diffrn_source.voltage                     ? 
_diffrn_source.take-off_angle              ? 
_diffrn_source.pdbx_wavelength_list        1.0 
_diffrn_source.pdbx_wavelength             ? 
_diffrn_source.pdbx_synchrotron_beamline   8.2.2 
_diffrn_source.pdbx_synchrotron_site       ALS 
# 
_reflns.B_iso_Wilson_estimate                          ? 
_reflns.entry_id                                       8VZ5 
_reflns.data_reduction_details                         ? 
_reflns.data_reduction_method                          ? 
_reflns.d_resolution_high                              1.95 
_reflns.d_resolution_low                               59.06 
_reflns.details                                        ? 
_reflns.limit_h_max                                    ? 
_reflns.limit_h_min                                    ? 
_reflns.limit_k_max                                    ? 
_reflns.limit_k_min                                    ? 
_reflns.limit_l_max                                    ? 
_reflns.limit_l_min                                    ? 
_reflns.number_all                                     ? 
_reflns.number_obs                                     16008 
_reflns.observed_criterion                             ? 
_reflns.observed_criterion_F_max                       ? 
_reflns.observed_criterion_F_min                       ? 
_reflns.observed_criterion_I_max                       ? 
_reflns.observed_criterion_I_min                       ? 
_reflns.observed_criterion_sigma_F                     ? 
_reflns.observed_criterion_sigma_I                     ? 
_reflns.percent_possible_obs                           100.0 
_reflns.R_free_details                                 ? 
_reflns.Rmerge_F_all                                   ? 
_reflns.Rmerge_F_obs                                   ? 
_reflns.Friedel_coverage                               ? 
_reflns.number_gt                                      ? 
_reflns.threshold_expression                           ? 
_reflns.pdbx_redundancy                                19.1 
_reflns.pdbx_netI_over_av_sigmaI                       ? 
_reflns.pdbx_netI_over_sigmaI                          8.1 
_reflns.pdbx_res_netI_over_av_sigmaI_2                 ? 
_reflns.pdbx_res_netI_over_sigmaI_2                    ? 
_reflns.pdbx_chi_squared                               0.43 
_reflns.pdbx_scaling_rejects                           ? 
_reflns.pdbx_d_res_high_opt                            ? 
_reflns.pdbx_d_res_low_opt                             ? 
_reflns.pdbx_d_res_opt_method                          ? 
_reflns.phase_calculation_details                      ? 
_reflns.pdbx_Rrim_I_all                                0.276 
_reflns.pdbx_Rpim_I_all                                0.063 
_reflns.pdbx_d_opt                                     ? 
_reflns.pdbx_number_measured_all                       363790 
_reflns.pdbx_diffrn_id                                 1 
_reflns.pdbx_ordinal                                   1 
_reflns.pdbx_CC_half                                   ? 
_reflns.pdbx_CC_star                                   ? 
_reflns.pdbx_R_split                                   ? 
_reflns.pdbx_Rmerge_I_obs                              0.268 
_reflns.pdbx_Rmerge_I_all                              ? 
_reflns.pdbx_Rsym_value                                ? 
_reflns.pdbx_CC_split_method                           ? 
_reflns.pdbx_aniso_diffraction_limit_axis_1_ortho[1]   ? 
_reflns.pdbx_aniso_diffraction_limit_axis_1_ortho[2]   ? 
_reflns.pdbx_aniso_diffraction_limit_axis_1_ortho[3]   ? 
_reflns.pdbx_aniso_diffraction_limit_axis_2_ortho[1]   ? 
_reflns.pdbx_aniso_diffraction_limit_axis_2_ortho[2]   ? 
_reflns.pdbx_aniso_diffraction_limit_axis_2_ortho[3]   ? 
_reflns.pdbx_aniso_diffraction_limit_axis_3_ortho[1]   ? 
_reflns.pdbx_aniso_diffraction_limit_axis_3_ortho[2]   ? 
_reflns.pdbx_aniso_diffraction_limit_axis_3_ortho[3]   ? 
_reflns.pdbx_aniso_diffraction_limit_1                 ? 
_reflns.pdbx_aniso_diffraction_limit_2                 ? 
_reflns.pdbx_aniso_diffraction_limit_3                 ? 
_reflns.pdbx_aniso_B_tensor_eigenvector_1_ortho[1]     ? 
_reflns.pdbx_aniso_B_tensor_eigenvector_1_ortho[2]     ? 
_reflns.pdbx_aniso_B_tensor_eigenvector_1_ortho[3]     ? 
_reflns.pdbx_aniso_B_tensor_eigenvector_2_ortho[1]     ? 
_reflns.pdbx_aniso_B_tensor_eigenvector_2_ortho[2]     ? 
_reflns.pdbx_aniso_B_tensor_eigenvector_2_ortho[3]     ? 
_reflns.pdbx_aniso_B_tensor_eigenvector_3_ortho[1]     ? 
_reflns.pdbx_aniso_B_tensor_eigenvector_3_ortho[2]     ? 
_reflns.pdbx_aniso_B_tensor_eigenvector_3_ortho[3]     ? 
_reflns.pdbx_aniso_B_tensor_eigenvalue_1               ? 
_reflns.pdbx_aniso_B_tensor_eigenvalue_2               ? 
_reflns.pdbx_aniso_B_tensor_eigenvalue_3               ? 
_reflns.pdbx_orthogonalization_convention              ? 
_reflns.pdbx_percent_possible_ellipsoidal              ? 
_reflns.pdbx_percent_possible_spherical                ? 
_reflns.pdbx_percent_possible_ellipsoidal_anomalous    ? 
_reflns.pdbx_percent_possible_spherical_anomalous      ? 
_reflns.pdbx_redundancy_anomalous                      ? 
_reflns.pdbx_CC_half_anomalous                         ? 
_reflns.pdbx_absDiff_over_sigma_anomalous              ? 
_reflns.pdbx_percent_possible_anomalous                ? 
_reflns.pdbx_observed_signal_threshold                 ? 
_reflns.pdbx_signal_type                               ? 
_reflns.pdbx_signal_details                            ? 
_reflns.pdbx_signal_software_id                        ? 
# 
_reflns_shell.d_res_high                                    1.95 
_reflns_shell.d_res_low                                     1.99 
_reflns_shell.meanI_over_sigI_all                           ? 
_reflns_shell.meanI_over_sigI_obs                           0.5 
_reflns_shell.number_measured_all                           ? 
_reflns_shell.number_measured_obs                           ? 
_reflns_shell.number_possible                               ? 
_reflns_shell.number_unique_all                             ? 
_reflns_shell.number_unique_obs                             1092 
_reflns_shell.percent_possible_obs                          ? 
_reflns_shell.Rmerge_F_all                                  ? 
_reflns_shell.Rmerge_F_obs                                  ? 
_reflns_shell.meanI_over_sigI_gt                            ? 
_reflns_shell.meanI_over_uI_all                             ? 
_reflns_shell.meanI_over_uI_gt                              ? 
_reflns_shell.number_measured_gt                            ? 
_reflns_shell.number_unique_gt                              ? 
_reflns_shell.percent_possible_gt                           ? 
_reflns_shell.Rmerge_F_gt                                   ? 
_reflns_shell.Rmerge_I_gt                                   ? 
_reflns_shell.pdbx_redundancy                               15.6 
_reflns_shell.pdbx_chi_squared                              0.27 
_reflns_shell.pdbx_netI_over_sigmaI_all                     ? 
_reflns_shell.pdbx_netI_over_sigmaI_obs                     ? 
_reflns_shell.pdbx_Rrim_I_all                               3.860 
_reflns_shell.pdbx_Rpim_I_all                               0.963 
_reflns_shell.pdbx_rejects                                  ? 
_reflns_shell.pdbx_ordinal                                  1 
_reflns_shell.pdbx_diffrn_id                                1 
_reflns_shell.pdbx_CC_half                                  ? 
_reflns_shell.pdbx_CC_star                                  ? 
_reflns_shell.pdbx_R_split                                  ? 
_reflns_shell.percent_possible_all                          100 
_reflns_shell.Rmerge_I_all                                  ? 
_reflns_shell.Rmerge_I_obs                                  3.736 
_reflns_shell.pdbx_Rsym_value                               ? 
_reflns_shell.pdbx_percent_possible_ellipsoidal             ? 
_reflns_shell.pdbx_percent_possible_spherical               ? 
_reflns_shell.pdbx_percent_possible_ellipsoidal_anomalous   ? 
_reflns_shell.pdbx_percent_possible_spherical_anomalous     ? 
_reflns_shell.pdbx_redundancy_anomalous                     ? 
_reflns_shell.pdbx_CC_half_anomalous                        ? 
_reflns_shell.pdbx_absDiff_over_sigma_anomalous             ? 
_reflns_shell.pdbx_percent_possible_anomalous               ? 
# 
_refine.aniso_B[1][1]                            ? 
_refine.aniso_B[1][2]                            ? 
_refine.aniso_B[1][3]                            ? 
_refine.aniso_B[2][2]                            ? 
_refine.aniso_B[2][3]                            ? 
_refine.aniso_B[3][3]                            ? 
_refine.B_iso_max                                ? 
_refine.B_iso_mean                               ? 
_refine.B_iso_min                                ? 
_refine.correlation_coeff_Fo_to_Fc               ? 
_refine.correlation_coeff_Fo_to_Fc_free          ? 
_refine.details                                  ? 
_refine.diff_density_max                         ? 
_refine.diff_density_max_esd                     ? 
_refine.diff_density_min                         ? 
_refine.diff_density_min_esd                     ? 
_refine.diff_density_rms                         ? 
_refine.diff_density_rms_esd                     ? 
_refine.entry_id                                 8VZ5 
_refine.pdbx_refine_id                           'X-RAY DIFFRACTION' 
_refine.ls_abs_structure_details                 ? 
_refine.ls_abs_structure_Flack                   ? 
_refine.ls_abs_structure_Flack_esd               ? 
_refine.ls_abs_structure_Rogers                  ? 
_refine.ls_abs_structure_Rogers_esd              ? 
_refine.ls_d_res_high                            1.95 
_refine.ls_d_res_low                             59.06 
_refine.ls_extinction_coef                       ? 
_refine.ls_extinction_coef_esd                   ? 
_refine.ls_extinction_expression                 ? 
_refine.ls_extinction_method                     ? 
_refine.ls_goodness_of_fit_all                   ? 
_refine.ls_goodness_of_fit_all_esd               ? 
_refine.ls_goodness_of_fit_obs                   ? 
_refine.ls_goodness_of_fit_obs_esd               ? 
_refine.ls_hydrogen_treatment                    ? 
_refine.ls_matrix_type                           ? 
_refine.ls_number_constraints                    ? 
_refine.ls_number_parameters                     ? 
_refine.ls_number_reflns_all                     ? 
_refine.ls_number_reflns_obs                     15978 
_refine.ls_number_reflns_R_free                  834 
_refine.ls_number_reflns_R_work                  ? 
_refine.ls_number_restraints                     ? 
_refine.ls_percent_reflns_obs                    99.97 
_refine.ls_percent_reflns_R_free                 5.22 
_refine.ls_R_factor_all                          ? 
_refine.ls_R_factor_obs                          0.2049 
_refine.ls_R_factor_R_free                       0.2431 
_refine.ls_R_factor_R_free_error                 ? 
_refine.ls_R_factor_R_free_error_details         ? 
_refine.ls_R_factor_R_work                       0.2028 
_refine.ls_R_Fsqd_factor_obs                     ? 
_refine.ls_R_I_factor_obs                        ? 
_refine.ls_redundancy_reflns_all                 ? 
_refine.ls_redundancy_reflns_obs                 ? 
_refine.ls_restrained_S_all                      ? 
_refine.ls_restrained_S_obs                      ? 
_refine.ls_shift_over_esd_max                    ? 
_refine.ls_shift_over_esd_mean                   ? 
_refine.ls_structure_factor_coef                 ? 
_refine.ls_weighting_details                     ? 
_refine.ls_weighting_scheme                      ? 
_refine.ls_wR_factor_all                         ? 
_refine.ls_wR_factor_obs                         ? 
_refine.ls_wR_factor_R_free                      ? 
_refine.ls_wR_factor_R_work                      ? 
_refine.occupancy_max                            ? 
_refine.occupancy_min                            ? 
_refine.solvent_model_details                    'FLAT BULK SOLVENT MODEL' 
_refine.solvent_model_param_bsol                 ? 
_refine.solvent_model_param_ksol                 ? 
_refine.pdbx_R_complete                          ? 
_refine.ls_R_factor_gt                           ? 
_refine.ls_goodness_of_fit_gt                    ? 
_refine.ls_goodness_of_fit_ref                   ? 
_refine.ls_shift_over_su_max                     ? 
_refine.ls_shift_over_su_max_lt                  ? 
_refine.ls_shift_over_su_mean                    ? 
_refine.ls_shift_over_su_mean_lt                 ? 
_refine.pdbx_ls_sigma_I                          ? 
_refine.pdbx_ls_sigma_F                          1.36 
_refine.pdbx_ls_sigma_Fsqd                       ? 
_refine.pdbx_data_cutoff_high_absF               ? 
_refine.pdbx_data_cutoff_high_rms_absF           ? 
_refine.pdbx_data_cutoff_low_absF                ? 
_refine.pdbx_isotropic_thermal_model             ? 
_refine.pdbx_ls_cross_valid_method               THROUGHOUT 
_refine.pdbx_method_to_determine_struct          'MOLECULAR REPLACEMENT' 
_refine.pdbx_starting_model                      ? 
_refine.pdbx_stereochemistry_target_values       ML 
_refine.pdbx_R_Free_selection_details            ? 
_refine.pdbx_stereochem_target_val_spec_case     ? 
_refine.pdbx_overall_ESU_R                       ? 
_refine.pdbx_overall_ESU_R_Free                  ? 
_refine.pdbx_solvent_vdw_probe_radii             1.10 
_refine.pdbx_solvent_ion_probe_radii             ? 
_refine.pdbx_solvent_shrinkage_radii             0.90 
_refine.pdbx_real_space_R                        ? 
_refine.pdbx_density_correlation                 ? 
_refine.pdbx_pd_number_of_powder_patterns        ? 
_refine.pdbx_pd_number_of_points                 ? 
_refine.pdbx_pd_meas_number_of_points            ? 
_refine.pdbx_pd_proc_ls_prof_R_factor            ? 
_refine.pdbx_pd_proc_ls_prof_wR_factor           ? 
_refine.pdbx_pd_Marquardt_correlation_coeff      ? 
_refine.pdbx_pd_Fsqrd_R_factor                   ? 
_refine.pdbx_pd_ls_matrix_band_width             ? 
_refine.pdbx_overall_phase_error                 28.15 
_refine.pdbx_overall_SU_R_free_Cruickshank_DPI   ? 
_refine.pdbx_overall_SU_R_free_Blow_DPI          ? 
_refine.pdbx_overall_SU_R_Blow_DPI               ? 
_refine.pdbx_TLS_residual_ADP_flag               ? 
_refine.pdbx_diffrn_id                           1 
_refine.overall_SU_B                             ? 
_refine.overall_SU_ML                            0.31 
_refine.overall_SU_R_Cruickshank_DPI             ? 
_refine.overall_SU_R_free                        ? 
_refine.overall_FOM_free_R_set                   ? 
_refine.overall_FOM_work_R_set                   ? 
_refine.pdbx_average_fsc_overall                 ? 
_refine.pdbx_average_fsc_work                    ? 
_refine.pdbx_average_fsc_free                    ? 
# 
_refine_hist.pdbx_refine_id                   'X-RAY DIFFRACTION' 
_refine_hist.cycle_id                         LAST 
_refine_hist.details                          ? 
_refine_hist.d_res_high                       1.95 
_refine_hist.d_res_low                        59.06 
_refine_hist.number_atoms_solvent             148 
_refine_hist.number_atoms_total               1356 
_refine_hist.number_reflns_all                ? 
_refine_hist.number_reflns_obs                ? 
_refine_hist.number_reflns_R_free             ? 
_refine_hist.number_reflns_R_work             ? 
_refine_hist.R_factor_all                     ? 
_refine_hist.R_factor_obs                     ? 
_refine_hist.R_factor_R_free                  ? 
_refine_hist.R_factor_R_work                  ? 
_refine_hist.pdbx_number_residues_total       ? 
_refine_hist.pdbx_B_iso_mean_ligand           ? 
_refine_hist.pdbx_B_iso_mean_solvent          ? 
_refine_hist.pdbx_number_atoms_protein        1162 
_refine_hist.pdbx_number_atoms_nucleic_acid   0 
_refine_hist.pdbx_number_atoms_ligand         46 
_refine_hist.pdbx_number_atoms_lipid          ? 
_refine_hist.pdbx_number_atoms_carb           ? 
_refine_hist.pdbx_pseudo_atom_details         ? 
# 
loop_
_refine_ls_restr.pdbx_refine_id 
_refine_ls_restr.criterion 
_refine_ls_restr.dev_ideal 
_refine_ls_restr.dev_ideal_target 
_refine_ls_restr.number 
_refine_ls_restr.rejects 
_refine_ls_restr.type 
_refine_ls_restr.weight 
_refine_ls_restr.pdbx_restraint_function 
'X-RAY DIFFRACTION' ? 0.007  ? 1230 ? f_bond_d           ? ? 
'X-RAY DIFFRACTION' ? 0.834  ? 1643 ? f_angle_d          ? ? 
'X-RAY DIFFRACTION' ? 14.746 ? 477  ? f_dihedral_angle_d ? ? 
'X-RAY DIFFRACTION' ? 0.046  ? 163  ? f_chiral_restr     ? ? 
'X-RAY DIFFRACTION' ? 0.007  ? 212  ? f_plane_restr      ? ? 
# 
loop_
_refine_ls_shell.pdbx_refine_id 
_refine_ls_shell.d_res_high 
_refine_ls_shell.d_res_low 
_refine_ls_shell.number_reflns_all 
_refine_ls_shell.number_reflns_obs 
_refine_ls_shell.number_reflns_R_free 
_refine_ls_shell.number_reflns_R_work 
_refine_ls_shell.percent_reflns_obs 
_refine_ls_shell.percent_reflns_R_free 
_refine_ls_shell.R_factor_all 
_refine_ls_shell.R_factor_obs 
_refine_ls_shell.R_factor_R_free_error 
_refine_ls_shell.R_factor_R_work 
_refine_ls_shell.redundancy_reflns_all 
_refine_ls_shell.redundancy_reflns_obs 
_refine_ls_shell.wR_factor_all 
_refine_ls_shell.wR_factor_obs 
_refine_ls_shell.wR_factor_R_free 
_refine_ls_shell.wR_factor_R_work 
_refine_ls_shell.pdbx_R_complete 
_refine_ls_shell.pdbx_total_number_of_bins_used 
_refine_ls_shell.pdbx_phase_error 
_refine_ls_shell.pdbx_fsc_work 
_refine_ls_shell.pdbx_fsc_free 
_refine_ls_shell.R_factor_R_free 
'X-RAY DIFFRACTION' 1.95 2.07  . . 124 2492 100.00 . . . . 0.3251 . . . . . . . . . . . 0.3221 
'X-RAY DIFFRACTION' 2.07 2.23  . . 151 2461 100.00 . . . . 0.2475 . . . . . . . . . . . 0.3320 
'X-RAY DIFFRACTION' 2.23 2.46  . . 114 2529 100.00 . . . . 0.2501 . . . . . . . . . . . 0.2517 
'X-RAY DIFFRACTION' 2.46 2.81  . . 142 2507 100.00 . . . . 0.2189 . . . . . . . . . . . 0.2836 
'X-RAY DIFFRACTION' 2.81 3.54  . . 145 2522 100.00 . . . . 0.1991 . . . . . . . . . . . 0.2431 
'X-RAY DIFFRACTION' 3.54 59.06 . . 158 2633 100.00 . . . . 0.1602 . . . . . . . . . . . 0.1989 
# 
_struct.entry_id                     8VZ5 
_struct.title                        'Structure of human PIN1 covalently derivatized with SuFEx compound' 
_struct.pdbx_model_details           ? 
_struct.pdbx_formula_weight          ? 
_struct.pdbx_formula_weight_method   ? 
_struct.pdbx_model_type_details      ? 
_struct.pdbx_CASP_flag               N 
# 
_struct_keywords.entry_id        8VZ5 
_struct_keywords.text            'Covalent derivatization SuFEx, ISOMERASE' 
_struct_keywords.pdbx_keywords   ISOMERASE 
# 
loop_
_struct_asym.id 
_struct_asym.pdbx_blank_PDB_chainid_flag 
_struct_asym.pdbx_modified 
_struct_asym.entity_id 
_struct_asym.details 
A N N 1 ? 
B N N 2 ? 
C N N 3 ? 
D N N 3 ? 
E N N 4 ? 
F N N 5 ? 
# 
_struct_ref.id                         1 
_struct_ref.db_name                    UNP 
_struct_ref.db_code                    PIN1_HUMAN 
_struct_ref.pdbx_db_accession          Q13526 
_struct_ref.pdbx_db_isoform            ? 
_struct_ref.entity_id                  1 
_struct_ref.pdbx_seq_one_letter_code   
;MADEEKLPPGWEKRMSRSSGRVYYFNHITNASQWERPSGNSSSGGKNGQGEPARVRCSHLLVKHSQSRRPSSWRQEKITR
TKEEALELINGYIQKIKSGEEDFESLASQFSDCSSAKARGDLGAFSRGQMQKPFEDASFALRTGEMSGPVFTDSGIHIIL
RTE
;
_struct_ref.pdbx_align_begin           1 
# 
_struct_ref_seq.align_id                      1 
_struct_ref_seq.ref_id                        1 
_struct_ref_seq.pdbx_PDB_id_code              8VZ5 
_struct_ref_seq.pdbx_strand_id                A 
_struct_ref_seq.seq_align_beg                 5 
_struct_ref_seq.pdbx_seq_align_beg_ins_code   ? 
_struct_ref_seq.seq_align_end                 167 
_struct_ref_seq.pdbx_seq_align_end_ins_code   ? 
_struct_ref_seq.pdbx_db_accession             Q13526 
_struct_ref_seq.db_align_beg                  1 
_struct_ref_seq.pdbx_db_align_beg_ins_code    ? 
_struct_ref_seq.db_align_end                  163 
_struct_ref_seq.pdbx_db_align_end_ins_code    ? 
_struct_ref_seq.pdbx_auth_seq_align_beg       1 
_struct_ref_seq.pdbx_auth_seq_align_end       163 
# 
loop_
_struct_ref_seq_dif.align_id 
_struct_ref_seq_dif.pdbx_pdb_id_code 
_struct_ref_seq_dif.mon_id 
_struct_ref_seq_dif.pdbx_pdb_strand_id 
_struct_ref_seq_dif.seq_num 
_struct_ref_seq_dif.pdbx_pdb_ins_code 
_struct_ref_seq_dif.pdbx_seq_db_name 
_struct_ref_seq_dif.pdbx_seq_db_accession_code 
_struct_ref_seq_dif.db_mon_id 
_struct_ref_seq_dif.pdbx_seq_db_seq_num 
_struct_ref_seq_dif.details 
_struct_ref_seq_dif.pdbx_auth_seq_num 
_struct_ref_seq_dif.pdbx_ordinal 
1 8VZ5 GLY A 1 ? UNP Q13526 ? ? 'expression tag' -3 1 
1 8VZ5 SER A 2 ? UNP Q13526 ? ? 'expression tag' -2 2 
1 8VZ5 HIS A 3 ? UNP Q13526 ? ? 'expression tag' -1 3 
1 8VZ5 GLY A 4 ? UNP Q13526 ? ? 'expression tag' 0  4 
# 
_pdbx_struct_assembly.id                   1 
_pdbx_struct_assembly.details              author_defined_assembly 
_pdbx_struct_assembly.method_details       ? 
_pdbx_struct_assembly.oligomeric_details   monomeric 
_pdbx_struct_assembly.oligomeric_count     1 
# 
_pdbx_struct_assembly_gen.assembly_id       1 
_pdbx_struct_assembly_gen.oper_expression   1 
_pdbx_struct_assembly_gen.asym_id_list      A,B,C,D,E,F 
# 
_pdbx_struct_assembly_auth_evidence.id                     1 
_pdbx_struct_assembly_auth_evidence.assembly_id            1 
_pdbx_struct_assembly_auth_evidence.experimental_support   'gel filtration' 
_pdbx_struct_assembly_auth_evidence.details                ? 
# 
_pdbx_struct_oper_list.id                   1 
_pdbx_struct_oper_list.type                 'identity operation' 
_pdbx_struct_oper_list.name                 1_555 
_pdbx_struct_oper_list.symmetry_operation   x,y,z 
_pdbx_struct_oper_list.matrix[1][1]         1.0000000000 
_pdbx_struct_oper_list.matrix[1][2]         0.0000000000 
_pdbx_struct_oper_list.matrix[1][3]         0.0000000000 
_pdbx_struct_oper_list.vector[1]            0.0000000000 
_pdbx_struct_oper_list.matrix[2][1]         0.0000000000 
_pdbx_struct_oper_list.matrix[2][2]         1.0000000000 
_pdbx_struct_oper_list.matrix[2][3]         0.0000000000 
_pdbx_struct_oper_list.vector[2]            0.0000000000 
_pdbx_struct_oper_list.matrix[3][1]         0.0000000000 
_pdbx_struct_oper_list.matrix[3][2]         0.0000000000 
_pdbx_struct_oper_list.matrix[3][3]         1.0000000000 
_pdbx_struct_oper_list.vector[3]            0.0000000000 
# 
loop_
_struct_conf.conf_type_id 
_struct_conf.id 
_struct_conf.pdbx_PDB_helix_id 
_struct_conf.beg_label_comp_id 
_struct_conf.beg_label_asym_id 
_struct_conf.beg_label_seq_id 
_struct_conf.pdbx_beg_PDB_ins_code 
_struct_conf.end_label_comp_id 
_struct_conf.end_label_asym_id 
_struct_conf.end_label_seq_id 
_struct_conf.pdbx_end_PDB_ins_code 
_struct_conf.beg_auth_comp_id 
_struct_conf.beg_auth_asym_id 
_struct_conf.beg_auth_seq_id 
_struct_conf.end_auth_comp_id 
_struct_conf.end_auth_asym_id 
_struct_conf.end_auth_seq_id 
_struct_conf.pdbx_PDB_helix_class 
_struct_conf.details 
_struct_conf.pdbx_PDB_helix_length 
HELX_P HELX_P1 AA1 THR A 85  ? GLY A 103 ? THR A 81  GLY A 99  1 ? 19 
HELX_P HELX_P2 AA2 ASP A 106 ? SER A 115 ? ASP A 102 SER A 111 1 ? 10 
HELX_P HELX_P3 AA3 CYS A 117 ? ARG A 123 ? CYS A 113 ARG A 119 5 ? 7  
HELX_P HELX_P4 AA4 GLN A 135 ? LEU A 145 ? GLN A 131 LEU A 141 1 ? 11 
# 
_struct_conf_type.id          HELX_P 
_struct_conf_type.criteria    ? 
_struct_conf_type.reference   ? 
# 
_struct_conn.id                            covale1 
_struct_conn.conn_type_id                  covale 
_struct_conn.pdbx_leaving_atom_flag        one 
_struct_conn.pdbx_PDB_id                   ? 
_struct_conn.ptnr1_label_asym_id           A 
_struct_conn.ptnr1_label_comp_id           TYR 
_struct_conn.ptnr1_label_seq_id            27 
_struct_conn.ptnr1_label_atom_id           OH 
_struct_conn.pdbx_ptnr1_label_alt_id       ? 
_struct_conn.pdbx_ptnr1_PDB_ins_code       ? 
_struct_conn.pdbx_ptnr1_standard_comp_id   ? 
_struct_conn.ptnr1_symmetry                1_555 
_struct_conn.ptnr2_label_asym_id           B 
_struct_conn.ptnr2_label_comp_id           A1AEM 
_struct_conn.ptnr2_label_seq_id            . 
_struct_conn.ptnr2_label_atom_id           S10 
_struct_conn.pdbx_ptnr2_label_alt_id       ? 
_struct_conn.pdbx_ptnr2_PDB_ins_code       ? 
_struct_conn.ptnr1_auth_asym_id            A 
_struct_conn.ptnr1_auth_comp_id            TYR 
_struct_conn.ptnr1_auth_seq_id             23 
_struct_conn.ptnr2_auth_asym_id            A 
_struct_conn.ptnr2_auth_comp_id            A1AEM 
_struct_conn.ptnr2_auth_seq_id             901 
_struct_conn.ptnr2_symmetry                1_555 
_struct_conn.pdbx_ptnr3_label_atom_id      ? 
_struct_conn.pdbx_ptnr3_label_seq_id       ? 
_struct_conn.pdbx_ptnr3_label_comp_id      ? 
_struct_conn.pdbx_ptnr3_label_asym_id      ? 
_struct_conn.pdbx_ptnr3_label_alt_id       ? 
_struct_conn.pdbx_ptnr3_PDB_ins_code       ? 
_struct_conn.details                       ? 
_struct_conn.pdbx_dist_value               1.608 
_struct_conn.pdbx_value_order              ? 
_struct_conn.pdbx_role                     ? 
# 
_struct_conn_type.id          covale 
_struct_conn_type.criteria    ? 
_struct_conn_type.reference   ? 
# 
_pdbx_modification_feature.ordinal                            1 
_pdbx_modification_feature.label_comp_id                      A1AEM 
_pdbx_modification_feature.label_asym_id                      B 
_pdbx_modification_feature.label_seq_id                       . 
_pdbx_modification_feature.label_alt_id                       ? 
_pdbx_modification_feature.modified_residue_label_comp_id     TYR 
_pdbx_modification_feature.modified_residue_label_asym_id     A 
_pdbx_modification_feature.modified_residue_label_seq_id      27 
_pdbx_modification_feature.modified_residue_label_alt_id      ? 
_pdbx_modification_feature.auth_comp_id                       A1AEM 
_pdbx_modification_feature.auth_asym_id                       A 
_pdbx_modification_feature.auth_seq_id                        901 
_pdbx_modification_feature.PDB_ins_code                       ? 
_pdbx_modification_feature.symmetry                           1_555 
_pdbx_modification_feature.modified_residue_auth_comp_id      TYR 
_pdbx_modification_feature.modified_residue_auth_asym_id      A 
_pdbx_modification_feature.modified_residue_auth_seq_id       23 
_pdbx_modification_feature.modified_residue_PDB_ins_code      ? 
_pdbx_modification_feature.modified_residue_symmetry          1_555 
_pdbx_modification_feature.comp_id_linking_atom               S10 
_pdbx_modification_feature.modified_residue_id_linking_atom   OH 
_pdbx_modification_feature.modified_residue_id                TYR 
_pdbx_modification_feature.ref_pcm_id                         1 
_pdbx_modification_feature.ref_comp_id                        A1AEM 
_pdbx_modification_feature.type                               None 
_pdbx_modification_feature.category                           'Covalent chemical modification' 
# 
loop_
_struct_sheet.id 
_struct_sheet.type 
_struct_sheet.number_strands 
_struct_sheet.details 
AA1 ? 3 ? 
AA2 ? 4 ? 
# 
loop_
_struct_sheet_order.sheet_id 
_struct_sheet_order.range_id_1 
_struct_sheet_order.range_id_2 
_struct_sheet_order.offset 
_struct_sheet_order.sense 
AA1 1 2 ? anti-parallel 
AA1 2 3 ? anti-parallel 
AA2 1 2 ? anti-parallel 
AA2 2 3 ? anti-parallel 
AA2 3 4 ? anti-parallel 
# 
loop_
_struct_sheet_range.sheet_id 
_struct_sheet_range.id 
_struct_sheet_range.beg_label_comp_id 
_struct_sheet_range.beg_label_asym_id 
_struct_sheet_range.beg_label_seq_id 
_struct_sheet_range.pdbx_beg_PDB_ins_code 
_struct_sheet_range.end_label_comp_id 
_struct_sheet_range.end_label_asym_id 
_struct_sheet_range.end_label_seq_id 
_struct_sheet_range.pdbx_end_PDB_ins_code 
_struct_sheet_range.beg_auth_comp_id 
_struct_sheet_range.beg_auth_asym_id 
_struct_sheet_range.beg_auth_seq_id 
_struct_sheet_range.end_auth_comp_id 
_struct_sheet_range.end_auth_asym_id 
_struct_sheet_range.end_auth_seq_id 
AA1 1 TRP A 15  ? MET A 19  ? TRP A 11  MET A 15  
AA1 2 VAL A 26  ? ASN A 30  ? VAL A 22  ASN A 26  
AA1 3 SER A 36  ? GLN A 37  ? SER A 32  GLN A 33  
AA2 1 ASP A 125 ? PHE A 129 ? ASP A 121 PHE A 125 
AA2 2 VAL A 59  ? VAL A 66  ? VAL A 55  VAL A 62  
AA2 3 GLY A 159 ? ARG A 165 ? GLY A 155 ARG A 161 
AA2 4 VAL A 154 ? THR A 156 ? VAL A 150 THR A 152 
# 
loop_
_pdbx_struct_sheet_hbond.sheet_id 
_pdbx_struct_sheet_hbond.range_id_1 
_pdbx_struct_sheet_hbond.range_id_2 
_pdbx_struct_sheet_hbond.range_1_label_atom_id 
_pdbx_struct_sheet_hbond.range_1_label_comp_id 
_pdbx_struct_sheet_hbond.range_1_label_asym_id 
_pdbx_struct_sheet_hbond.range_1_label_seq_id 
_pdbx_struct_sheet_hbond.range_1_PDB_ins_code 
_pdbx_struct_sheet_hbond.range_1_auth_atom_id 
_pdbx_struct_sheet_hbond.range_1_auth_comp_id 
_pdbx_struct_sheet_hbond.range_1_auth_asym_id 
_pdbx_struct_sheet_hbond.range_1_auth_seq_id 
_pdbx_struct_sheet_hbond.range_2_label_atom_id 
_pdbx_struct_sheet_hbond.range_2_label_comp_id 
_pdbx_struct_sheet_hbond.range_2_label_asym_id 
_pdbx_struct_sheet_hbond.range_2_label_seq_id 
_pdbx_struct_sheet_hbond.range_2_PDB_ins_code 
_pdbx_struct_sheet_hbond.range_2_auth_atom_id 
_pdbx_struct_sheet_hbond.range_2_auth_comp_id 
_pdbx_struct_sheet_hbond.range_2_auth_asym_id 
_pdbx_struct_sheet_hbond.range_2_auth_seq_id 
AA1 1 2 N ARG A 18  ? N ARG A 14  O TYR A 27  ? O TYR A 23  
AA1 2 3 N TYR A 28  ? N TYR A 24  O GLN A 37  ? O GLN A 33  
AA2 1 2 O LEU A 126 ? O LEU A 122 N CYS A 61  ? N CYS A 57  
AA2 2 3 N VAL A 66  ? N VAL A 62  O ILE A 160 ? O ILE A 156 
AA2 3 4 O HIS A 161 ? O HIS A 157 N VAL A 154 ? N VAL A 150 
# 
_pdbx_entry_details.entry_id                   8VZ5 
_pdbx_entry_details.has_ligand_of_interest     Y 
_pdbx_entry_details.compound_details           ? 
_pdbx_entry_details.source_details             ? 
_pdbx_entry_details.nonpolymer_details         ? 
_pdbx_entry_details.sequence_details           ? 
_pdbx_entry_details.has_protein_modification   Y 
# 
loop_
_pdbx_validate_close_contact.id 
_pdbx_validate_close_contact.PDB_model_num 
_pdbx_validate_close_contact.auth_atom_id_1 
_pdbx_validate_close_contact.auth_asym_id_1 
_pdbx_validate_close_contact.auth_comp_id_1 
_pdbx_validate_close_contact.auth_seq_id_1 
_pdbx_validate_close_contact.PDB_ins_code_1 
_pdbx_validate_close_contact.label_alt_id_1 
_pdbx_validate_close_contact.auth_atom_id_2 
_pdbx_validate_close_contact.auth_asym_id_2 
_pdbx_validate_close_contact.auth_comp_id_2 
_pdbx_validate_close_contact.auth_seq_id_2 
_pdbx_validate_close_contact.PDB_ins_code_2 
_pdbx_validate_close_contact.label_alt_id_2 
_pdbx_validate_close_contact.dist 
1 1 O   A HOH 1098 ? ? O A HOH 1099 ? ? 1.97 
2 1 O   A HOH 1074 ? ? O A HOH 1146 ? ? 2.08 
3 1 O   A HOH 1040 ? ? O A HOH 1131 ? ? 2.09 
4 1 OE1 A GLU 87   ? ? O A HOH 1001 ? ? 2.10 
5 1 NZ  A LYS 132  ? ? O A HOH 1002 ? ? 2.13 
6 1 O   A PRO 8    ? ? O A HOH 1003 ? ? 2.14 
7 1 O   A HOH 1026 ? ? O A HOH 1123 ? ? 2.15 
8 1 N   A GLY 10   ? ? O A HOH 1004 ? ? 2.16 
9 1 N   A LEU 7    ? ? O A HOH 1005 ? ? 2.17 
# 
loop_
_pdbx_validate_torsion.id 
_pdbx_validate_torsion.PDB_model_num 
_pdbx_validate_torsion.auth_comp_id 
_pdbx_validate_torsion.auth_asym_id 
_pdbx_validate_torsion.auth_seq_id 
_pdbx_validate_torsion.PDB_ins_code 
_pdbx_validate_torsion.label_alt_id 
_pdbx_validate_torsion.phi 
_pdbx_validate_torsion.psi 
1 1 PRO A 8   ? ? -53.22 179.50 
2 1 PRO A 9   ? ? -58.11 109.50 
3 1 ASP A 112 ? ? -82.39 31.60  
# 
_pdbx_distant_solvent_atoms.id                                1 
_pdbx_distant_solvent_atoms.PDB_model_num                     1 
_pdbx_distant_solvent_atoms.auth_atom_id                      O 
_pdbx_distant_solvent_atoms.label_alt_id                      ? 
_pdbx_distant_solvent_atoms.auth_asym_id                      A 
_pdbx_distant_solvent_atoms.auth_comp_id                      HOH 
_pdbx_distant_solvent_atoms.auth_seq_id                       1148 
_pdbx_distant_solvent_atoms.PDB_ins_code                      ? 
_pdbx_distant_solvent_atoms.neighbor_macromolecule_distance   5.86 
_pdbx_distant_solvent_atoms.neighbor_ligand_distance          . 
# 
loop_
_pdbx_unobs_or_zero_occ_residues.id 
_pdbx_unobs_or_zero_occ_residues.PDB_model_num 
_pdbx_unobs_or_zero_occ_residues.polymer_flag 
_pdbx_unobs_or_zero_occ_residues.occupancy_flag 
_pdbx_unobs_or_zero_occ_residues.auth_asym_id 
_pdbx_unobs_or_zero_occ_residues.auth_comp_id 
_pdbx_unobs_or_zero_occ_residues.auth_seq_id 
_pdbx_unobs_or_zero_occ_residues.PDB_ins_code 
_pdbx_unobs_or_zero_occ_residues.label_asym_id 
_pdbx_unobs_or_zero_occ_residues.label_comp_id 
_pdbx_unobs_or_zero_occ_residues.label_seq_id 
1  1 Y 1 A GLY -3 ? A GLY 1  
2  1 Y 1 A SER -2 ? A SER 2  
3  1 Y 1 A HIS -1 ? A HIS 3  
4  1 Y 1 A GLY 0  ? A GLY 4  
5  1 Y 1 A MET 1  ? A MET 5  
6  1 Y 1 A ALA 2  ? A ALA 6  
7  1 Y 1 A ASP 3  ? A ASP 7  
8  1 Y 1 A GLU 4  ? A GLU 8  
9  1 Y 1 A GLU 5  ? A GLU 9  
10 1 Y 1 A LYS 6  ? A LYS 10 
11 1 Y 1 A GLY 39 ? A GLY 43 
12 1 Y 1 A ASN 40 ? A ASN 44 
13 1 Y 1 A SER 41 ? A SER 45 
14 1 Y 1 A SER 42 ? A SER 46 
15 1 Y 1 A SER 43 ? A SER 47 
16 1 Y 1 A GLY 44 ? A GLY 48 
17 1 Y 1 A GLY 45 ? A GLY 49 
18 1 Y 1 A LYS 46 ? A LYS 50 
19 1 Y 1 A ASN 47 ? A ASN 51 
20 1 Y 1 A GLY 48 ? A GLY 52 
21 1 Y 1 A GLN 49 ? A GLN 53 
22 1 Y 1 A GLY 50 ? A GLY 54 
# 
loop_
_chem_comp_atom.comp_id 
_chem_comp_atom.atom_id 
_chem_comp_atom.type_symbol 
_chem_comp_atom.pdbx_aromatic_flag 
_chem_comp_atom.pdbx_stereo_config 
_chem_comp_atom.pdbx_ordinal 
A1AEM C4   C Y N 1   
A1AEM C5   C Y N 2   
A1AEM C6   C Y N 3   
A1AEM C7   C Y N 4   
A1AEM C1   C N N 5   
A1AEM C2   C Y N 6   
A1AEM C3   C Y N 7   
A1AEM O11  O N N 8   
A1AEM O13  O N N 9   
A1AEM O8   O N N 10  
A1AEM O9   O N N 11  
A1AEM S10  S N N 12  
A1AEM H4   H N N 13  
A1AEM H6   H N N 14  
A1AEM H7   H N N 15  
A1AEM H3   H N N 16  
A1AEM H5   H N N 17  
A1AEM F1   F N N 18  
ALA   N    N N N 19  
ALA   CA   C N S 20  
ALA   C    C N N 21  
ALA   O    O N N 22  
ALA   CB   C N N 23  
ALA   OXT  O N N 24  
ALA   H    H N N 25  
ALA   H2   H N N 26  
ALA   HA   H N N 27  
ALA   HB1  H N N 28  
ALA   HB2  H N N 29  
ALA   HB3  H N N 30  
ALA   HXT  H N N 31  
ARG   N    N N N 32  
ARG   CA   C N S 33  
ARG   C    C N N 34  
ARG   O    O N N 35  
ARG   CB   C N N 36  
ARG   CG   C N N 37  
ARG   CD   C N N 38  
ARG   NE   N N N 39  
ARG   CZ   C N N 40  
ARG   NH1  N N N 41  
ARG   NH2  N N N 42  
ARG   OXT  O N N 43  
ARG   H    H N N 44  
ARG   H2   H N N 45  
ARG   HA   H N N 46  
ARG   HB2  H N N 47  
ARG   HB3  H N N 48  
ARG   HG2  H N N 49  
ARG   HG3  H N N 50  
ARG   HD2  H N N 51  
ARG   HD3  H N N 52  
ARG   HE   H N N 53  
ARG   HH11 H N N 54  
ARG   HH12 H N N 55  
ARG   HH21 H N N 56  
ARG   HH22 H N N 57  
ARG   HXT  H N N 58  
ASN   N    N N N 59  
ASN   CA   C N S 60  
ASN   C    C N N 61  
ASN   O    O N N 62  
ASN   CB   C N N 63  
ASN   CG   C N N 64  
ASN   OD1  O N N 65  
ASN   ND2  N N N 66  
ASN   OXT  O N N 67  
ASN   H    H N N 68  
ASN   H2   H N N 69  
ASN   HA   H N N 70  
ASN   HB2  H N N 71  
ASN   HB3  H N N 72  
ASN   HD21 H N N 73  
ASN   HD22 H N N 74  
ASN   HXT  H N N 75  
ASP   N    N N N 76  
ASP   CA   C N S 77  
ASP   C    C N N 78  
ASP   O    O N N 79  
ASP   CB   C N N 80  
ASP   CG   C N N 81  
ASP   OD1  O N N 82  
ASP   OD2  O N N 83  
ASP   OXT  O N N 84  
ASP   H    H N N 85  
ASP   H2   H N N 86  
ASP   HA   H N N 87  
ASP   HB2  H N N 88  
ASP   HB3  H N N 89  
ASP   HD2  H N N 90  
ASP   HXT  H N N 91  
CYS   N    N N N 92  
CYS   CA   C N R 93  
CYS   C    C N N 94  
CYS   O    O N N 95  
CYS   CB   C N N 96  
CYS   SG   S N N 97  
CYS   OXT  O N N 98  
CYS   H    H N N 99  
CYS   H2   H N N 100 
CYS   HA   H N N 101 
CYS   HB2  H N N 102 
CYS   HB3  H N N 103 
CYS   HG   H N N 104 
CYS   HXT  H N N 105 
GLN   N    N N N 106 
GLN   CA   C N S 107 
GLN   C    C N N 108 
GLN   O    O N N 109 
GLN   CB   C N N 110 
GLN   CG   C N N 111 
GLN   CD   C N N 112 
GLN   OE1  O N N 113 
GLN   NE2  N N N 114 
GLN   OXT  O N N 115 
GLN   H    H N N 116 
GLN   H2   H N N 117 
GLN   HA   H N N 118 
GLN   HB2  H N N 119 
GLN   HB3  H N N 120 
GLN   HG2  H N N 121 
GLN   HG3  H N N 122 
GLN   HE21 H N N 123 
GLN   HE22 H N N 124 
GLN   HXT  H N N 125 
GLU   N    N N N 126 
GLU   CA   C N S 127 
GLU   C    C N N 128 
GLU   O    O N N 129 
GLU   CB   C N N 130 
GLU   CG   C N N 131 
GLU   CD   C N N 132 
GLU   OE1  O N N 133 
GLU   OE2  O N N 134 
GLU   OXT  O N N 135 
GLU   H    H N N 136 
GLU   H2   H N N 137 
GLU   HA   H N N 138 
GLU   HB2  H N N 139 
GLU   HB3  H N N 140 
GLU   HG2  H N N 141 
GLU   HG3  H N N 142 
GLU   HE2  H N N 143 
GLU   HXT  H N N 144 
GLY   N    N N N 145 
GLY   CA   C N N 146 
GLY   C    C N N 147 
GLY   O    O N N 148 
GLY   OXT  O N N 149 
GLY   H    H N N 150 
GLY   H2   H N N 151 
GLY   HA2  H N N 152 
GLY   HA3  H N N 153 
GLY   HXT  H N N 154 
HIS   N    N N N 155 
HIS   CA   C N S 156 
HIS   C    C N N 157 
HIS   O    O N N 158 
HIS   CB   C N N 159 
HIS   CG   C Y N 160 
HIS   ND1  N Y N 161 
HIS   CD2  C Y N 162 
HIS   CE1  C Y N 163 
HIS   NE2  N Y N 164 
HIS   OXT  O N N 165 
HIS   H    H N N 166 
HIS   H2   H N N 167 
HIS   HA   H N N 168 
HIS   HB2  H N N 169 
HIS   HB3  H N N 170 
HIS   HD1  H N N 171 
HIS   HD2  H N N 172 
HIS   HE1  H N N 173 
HIS   HE2  H N N 174 
HIS   HXT  H N N 175 
HOH   O    O N N 176 
HOH   H1   H N N 177 
HOH   H2   H N N 178 
ILE   N    N N N 179 
ILE   CA   C N S 180 
ILE   C    C N N 181 
ILE   O    O N N 182 
ILE   CB   C N S 183 
ILE   CG1  C N N 184 
ILE   CG2  C N N 185 
ILE   CD1  C N N 186 
ILE   OXT  O N N 187 
ILE   H    H N N 188 
ILE   H2   H N N 189 
ILE   HA   H N N 190 
ILE   HB   H N N 191 
ILE   HG12 H N N 192 
ILE   HG13 H N N 193 
ILE   HG21 H N N 194 
ILE   HG22 H N N 195 
ILE   HG23 H N N 196 
ILE   HD11 H N N 197 
ILE   HD12 H N N 198 
ILE   HD13 H N N 199 
ILE   HXT  H N N 200 
LEU   N    N N N 201 
LEU   CA   C N S 202 
LEU   C    C N N 203 
LEU   O    O N N 204 
LEU   CB   C N N 205 
LEU   CG   C N N 206 
LEU   CD1  C N N 207 
LEU   CD2  C N N 208 
LEU   OXT  O N N 209 
LEU   H    H N N 210 
LEU   H2   H N N 211 
LEU   HA   H N N 212 
LEU   HB2  H N N 213 
LEU   HB3  H N N 214 
LEU   HG   H N N 215 
LEU   HD11 H N N 216 
LEU   HD12 H N N 217 
LEU   HD13 H N N 218 
LEU   HD21 H N N 219 
LEU   HD22 H N N 220 
LEU   HD23 H N N 221 
LEU   HXT  H N N 222 
LYS   N    N N N 223 
LYS   CA   C N S 224 
LYS   C    C N N 225 
LYS   O    O N N 226 
LYS   CB   C N N 227 
LYS   CG   C N N 228 
LYS   CD   C N N 229 
LYS   CE   C N N 230 
LYS   NZ   N N N 231 
LYS   OXT  O N N 232 
LYS   H    H N N 233 
LYS   H2   H N N 234 
LYS   HA   H N N 235 
LYS   HB2  H N N 236 
LYS   HB3  H N N 237 
LYS   HG2  H N N 238 
LYS   HG3  H N N 239 
LYS   HD2  H N N 240 
LYS   HD3  H N N 241 
LYS   HE2  H N N 242 
LYS   HE3  H N N 243 
LYS   HZ1  H N N 244 
LYS   HZ2  H N N 245 
LYS   HZ3  H N N 246 
LYS   HXT  H N N 247 
MET   N    N N N 248 
MET   CA   C N S 249 
MET   C    C N N 250 
MET   O    O N N 251 
MET   CB   C N N 252 
MET   CG   C N N 253 
MET   SD   S N N 254 
MET   CE   C N N 255 
MET   OXT  O N N 256 
MET   H    H N N 257 
MET   H2   H N N 258 
MET   HA   H N N 259 
MET   HB2  H N N 260 
MET   HB3  H N N 261 
MET   HG2  H N N 262 
MET   HG3  H N N 263 
MET   HE1  H N N 264 
MET   HE2  H N N 265 
MET   HE3  H N N 266 
MET   HXT  H N N 267 
PE4   O1   O N N 268 
PE4   C1   C N N 269 
PE4   C2   C N N 270 
PE4   O2   O N N 271 
PE4   C3   C N N 272 
PE4   C4   C N N 273 
PE4   O3   O N N 274 
PE4   C5   C N N 275 
PE4   C6   C N N 276 
PE4   O4   O N N 277 
PE4   C7   C N N 278 
PE4   C8   C N N 279 
PE4   O5   O N N 280 
PE4   C9   C N N 281 
PE4   C10  C N N 282 
PE4   O6   O N N 283 
PE4   C11  C N N 284 
PE4   C12  C N N 285 
PE4   O7   O N N 286 
PE4   C13  C N N 287 
PE4   C14  C N N 288 
PE4   O8   O N N 289 
PE4   C15  C N N 290 
PE4   C16  C N N 291 
PE4   HO1  H N N 292 
PE4   H11  H N N 293 
PE4   H12  H N N 294 
PE4   H21  H N N 295 
PE4   H22  H N N 296 
PE4   H31  H N N 297 
PE4   H32  H N N 298 
PE4   H41  H N N 299 
PE4   H42  H N N 300 
PE4   H51  H N N 301 
PE4   H52  H N N 302 
PE4   H61  H N N 303 
PE4   H62  H N N 304 
PE4   H71  H N N 305 
PE4   H72  H N N 306 
PE4   H81  H N N 307 
PE4   H82  H N N 308 
PE4   H91  H N N 309 
PE4   H92  H N N 310 
PE4   H101 H N N 311 
PE4   H102 H N N 312 
PE4   H111 H N N 313 
PE4   H112 H N N 314 
PE4   H121 H N N 315 
PE4   H122 H N N 316 
PE4   H131 H N N 317 
PE4   H132 H N N 318 
PE4   H141 H N N 319 
PE4   H142 H N N 320 
PE4   H151 H N N 321 
PE4   H152 H N N 322 
PE4   H161 H N N 323 
PE4   H162 H N N 324 
PE4   H163 H N N 325 
PHE   N    N N N 326 
PHE   CA   C N S 327 
PHE   C    C N N 328 
PHE   O    O N N 329 
PHE   CB   C N N 330 
PHE   CG   C Y N 331 
PHE   CD1  C Y N 332 
PHE   CD2  C Y N 333 
PHE   CE1  C Y N 334 
PHE   CE2  C Y N 335 
PHE   CZ   C Y N 336 
PHE   OXT  O N N 337 
PHE   H    H N N 338 
PHE   H2   H N N 339 
PHE   HA   H N N 340 
PHE   HB2  H N N 341 
PHE   HB3  H N N 342 
PHE   HD1  H N N 343 
PHE   HD2  H N N 344 
PHE   HE1  H N N 345 
PHE   HE2  H N N 346 
PHE   HZ   H N N 347 
PHE   HXT  H N N 348 
PRO   N    N N N 349 
PRO   CA   C N S 350 
PRO   C    C N N 351 
PRO   O    O N N 352 
PRO   CB   C N N 353 
PRO   CG   C N N 354 
PRO   CD   C N N 355 
PRO   OXT  O N N 356 
PRO   H    H N N 357 
PRO   HA   H N N 358 
PRO   HB2  H N N 359 
PRO   HB3  H N N 360 
PRO   HG2  H N N 361 
PRO   HG3  H N N 362 
PRO   HD2  H N N 363 
PRO   HD3  H N N 364 
PRO   HXT  H N N 365 
SER   N    N N N 366 
SER   CA   C N S 367 
SER   C    C N N 368 
SER   O    O N N 369 
SER   CB   C N N 370 
SER   OG   O N N 371 
SER   OXT  O N N 372 
SER   H    H N N 373 
SER   H2   H N N 374 
SER   HA   H N N 375 
SER   HB2  H N N 376 
SER   HB3  H N N 377 
SER   HG   H N N 378 
SER   HXT  H N N 379 
SO4   S    S N N 380 
SO4   O1   O N N 381 
SO4   O2   O N N 382 
SO4   O3   O N N 383 
SO4   O4   O N N 384 
THR   N    N N N 385 
THR   CA   C N S 386 
THR   C    C N N 387 
THR   O    O N N 388 
THR   CB   C N R 389 
THR   OG1  O N N 390 
THR   CG2  C N N 391 
THR   OXT  O N N 392 
THR   H    H N N 393 
THR   H2   H N N 394 
THR   HA   H N N 395 
THR   HB   H N N 396 
THR   HG1  H N N 397 
THR   HG21 H N N 398 
THR   HG22 H N N 399 
THR   HG23 H N N 400 
THR   HXT  H N N 401 
TRP   N    N N N 402 
TRP   CA   C N S 403 
TRP   C    C N N 404 
TRP   O    O N N 405 
TRP   CB   C N N 406 
TRP   CG   C Y N 407 
TRP   CD1  C Y N 408 
TRP   CD2  C Y N 409 
TRP   NE1  N Y N 410 
TRP   CE2  C Y N 411 
TRP   CE3  C Y N 412 
TRP   CZ2  C Y N 413 
TRP   CZ3  C Y N 414 
TRP   CH2  C Y N 415 
TRP   OXT  O N N 416 
TRP   H    H N N 417 
TRP   H2   H N N 418 
TRP   HA   H N N 419 
TRP   HB2  H N N 420 
TRP   HB3  H N N 421 
TRP   HD1  H N N 422 
TRP   HE1  H N N 423 
TRP   HE3  H N N 424 
TRP   HZ2  H N N 425 
TRP   HZ3  H N N 426 
TRP   HH2  H N N 427 
TRP   HXT  H N N 428 
TYR   N    N N N 429 
TYR   CA   C N S 430 
TYR   C    C N N 431 
TYR   O    O N N 432 
TYR   CB   C N N 433 
TYR   CG   C Y N 434 
TYR   CD1  C Y N 435 
TYR   CD2  C Y N 436 
TYR   CE1  C Y N 437 
TYR   CE2  C Y N 438 
TYR   CZ   C Y N 439 
TYR   OH   O N N 440 
TYR   OXT  O N N 441 
TYR   H    H N N 442 
TYR   H2   H N N 443 
TYR   HA   H N N 444 
TYR   HB2  H N N 445 
TYR   HB3  H N N 446 
TYR   HD1  H N N 447 
TYR   HD2  H N N 448 
TYR   HE1  H N N 449 
TYR   HE2  H N N 450 
TYR   HH   H N N 451 
TYR   HXT  H N N 452 
VAL   N    N N N 453 
VAL   CA   C N S 454 
VAL   C    C N N 455 
VAL   O    O N N 456 
VAL   CB   C N N 457 
VAL   CG1  C N N 458 
VAL   CG2  C N N 459 
VAL   OXT  O N N 460 
VAL   H    H N N 461 
VAL   H2   H N N 462 
VAL   HA   H N N 463 
VAL   HB   H N N 464 
VAL   HG11 H N N 465 
VAL   HG12 H N N 466 
VAL   HG13 H N N 467 
VAL   HG21 H N N 468 
VAL   HG22 H N N 469 
VAL   HG23 H N N 470 
VAL   HXT  H N N 471 
# 
loop_
_chem_comp_bond.comp_id 
_chem_comp_bond.atom_id_1 
_chem_comp_bond.atom_id_2 
_chem_comp_bond.value_order 
_chem_comp_bond.pdbx_aromatic_flag 
_chem_comp_bond.pdbx_stereo_config 
_chem_comp_bond.pdbx_ordinal 
A1AEM O9  C1   doub N N 1   
A1AEM C3  C4   doub Y N 2   
A1AEM C3  C2   sing Y N 3   
A1AEM C4  C5   sing Y N 4   
A1AEM C1  C2   sing N N 5   
A1AEM C1  O8   sing N N 6   
A1AEM C2  C7   doub Y N 7   
A1AEM O13 S10  doub N N 8   
A1AEM C5  S10  sing N N 9   
A1AEM C5  C6   doub Y N 10  
A1AEM C7  C6   sing Y N 11  
A1AEM S10 O11  doub N N 12  
A1AEM C4  H4   sing N N 13  
A1AEM C6  H6   sing N N 14  
A1AEM C7  H7   sing N N 15  
A1AEM C3  H3   sing N N 16  
A1AEM O8  H5   sing N N 17  
A1AEM S10 F1   sing N N 18  
ALA   N   CA   sing N N 19  
ALA   N   H    sing N N 20  
ALA   N   H2   sing N N 21  
ALA   CA  C    sing N N 22  
ALA   CA  CB   sing N N 23  
ALA   CA  HA   sing N N 24  
ALA   C   O    doub N N 25  
ALA   C   OXT  sing N N 26  
ALA   CB  HB1  sing N N 27  
ALA   CB  HB2  sing N N 28  
ALA   CB  HB3  sing N N 29  
ALA   OXT HXT  sing N N 30  
ARG   N   CA   sing N N 31  
ARG   N   H    sing N N 32  
ARG   N   H2   sing N N 33  
ARG   CA  C    sing N N 34  
ARG   CA  CB   sing N N 35  
ARG   CA  HA   sing N N 36  
ARG   C   O    doub N N 37  
ARG   C   OXT  sing N N 38  
ARG   CB  CG   sing N N 39  
ARG   CB  HB2  sing N N 40  
ARG   CB  HB3  sing N N 41  
ARG   CG  CD   sing N N 42  
ARG   CG  HG2  sing N N 43  
ARG   CG  HG3  sing N N 44  
ARG   CD  NE   sing N N 45  
ARG   CD  HD2  sing N N 46  
ARG   CD  HD3  sing N N 47  
ARG   NE  CZ   sing N N 48  
ARG   NE  HE   sing N N 49  
ARG   CZ  NH1  sing N N 50  
ARG   CZ  NH2  doub N N 51  
ARG   NH1 HH11 sing N N 52  
ARG   NH1 HH12 sing N N 53  
ARG   NH2 HH21 sing N N 54  
ARG   NH2 HH22 sing N N 55  
ARG   OXT HXT  sing N N 56  
ASN   N   CA   sing N N 57  
ASN   N   H    sing N N 58  
ASN   N   H2   sing N N 59  
ASN   CA  C    sing N N 60  
ASN   CA  CB   sing N N 61  
ASN   CA  HA   sing N N 62  
ASN   C   O    doub N N 63  
ASN   C   OXT  sing N N 64  
ASN   CB  CG   sing N N 65  
ASN   CB  HB2  sing N N 66  
ASN   CB  HB3  sing N N 67  
ASN   CG  OD1  doub N N 68  
ASN   CG  ND2  sing N N 69  
ASN   ND2 HD21 sing N N 70  
ASN   ND2 HD22 sing N N 71  
ASN   OXT HXT  sing N N 72  
ASP   N   CA   sing N N 73  
ASP   N   H    sing N N 74  
ASP   N   H2   sing N N 75  
ASP   CA  C    sing N N 76  
ASP   CA  CB   sing N N 77  
ASP   CA  HA   sing N N 78  
ASP   C   O    doub N N 79  
ASP   C   OXT  sing N N 80  
ASP   CB  CG   sing N N 81  
ASP   CB  HB2  sing N N 82  
ASP   CB  HB3  sing N N 83  
ASP   CG  OD1  doub N N 84  
ASP   CG  OD2  sing N N 85  
ASP   OD2 HD2  sing N N 86  
ASP   OXT HXT  sing N N 87  
CYS   N   CA   sing N N 88  
CYS   N   H    sing N N 89  
CYS   N   H2   sing N N 90  
CYS   CA  C    sing N N 91  
CYS   CA  CB   sing N N 92  
CYS   CA  HA   sing N N 93  
CYS   C   O    doub N N 94  
CYS   C   OXT  sing N N 95  
CYS   CB  SG   sing N N 96  
CYS   CB  HB2  sing N N 97  
CYS   CB  HB3  sing N N 98  
CYS   SG  HG   sing N N 99  
CYS   OXT HXT  sing N N 100 
GLN   N   CA   sing N N 101 
GLN   N   H    sing N N 102 
GLN   N   H2   sing N N 103 
GLN   CA  C    sing N N 104 
GLN   CA  CB   sing N N 105 
GLN   CA  HA   sing N N 106 
GLN   C   O    doub N N 107 
GLN   C   OXT  sing N N 108 
GLN   CB  CG   sing N N 109 
GLN   CB  HB2  sing N N 110 
GLN   CB  HB3  sing N N 111 
GLN   CG  CD   sing N N 112 
GLN   CG  HG2  sing N N 113 
GLN   CG  HG3  sing N N 114 
GLN   CD  OE1  doub N N 115 
GLN   CD  NE2  sing N N 116 
GLN   NE2 HE21 sing N N 117 
GLN   NE2 HE22 sing N N 118 
GLN   OXT HXT  sing N N 119 
GLU   N   CA   sing N N 120 
GLU   N   H    sing N N 121 
GLU   N   H2   sing N N 122 
GLU   CA  C    sing N N 123 
GLU   CA  CB   sing N N 124 
GLU   CA  HA   sing N N 125 
GLU   C   O    doub N N 126 
GLU   C   OXT  sing N N 127 
GLU   CB  CG   sing N N 128 
GLU   CB  HB2  sing N N 129 
GLU   CB  HB3  sing N N 130 
GLU   CG  CD   sing N N 131 
GLU   CG  HG2  sing N N 132 
GLU   CG  HG3  sing N N 133 
GLU   CD  OE1  doub N N 134 
GLU   CD  OE2  sing N N 135 
GLU   OE2 HE2  sing N N 136 
GLU   OXT HXT  sing N N 137 
GLY   N   CA   sing N N 138 
GLY   N   H    sing N N 139 
GLY   N   H2   sing N N 140 
GLY   CA  C    sing N N 141 
GLY   CA  HA2  sing N N 142 
GLY   CA  HA3  sing N N 143 
GLY   C   O    doub N N 144 
GLY   C   OXT  sing N N 145 
GLY   OXT HXT  sing N N 146 
HIS   N   CA   sing N N 147 
HIS   N   H    sing N N 148 
HIS   N   H2   sing N N 149 
HIS   CA  C    sing N N 150 
HIS   CA  CB   sing N N 151 
HIS   CA  HA   sing N N 152 
HIS   C   O    doub N N 153 
HIS   C   OXT  sing N N 154 
HIS   CB  CG   sing N N 155 
HIS   CB  HB2  sing N N 156 
HIS   CB  HB3  sing N N 157 
HIS   CG  ND1  sing Y N 158 
HIS   CG  CD2  doub Y N 159 
HIS   ND1 CE1  doub Y N 160 
HIS   ND1 HD1  sing N N 161 
HIS   CD2 NE2  sing Y N 162 
HIS   CD2 HD2  sing N N 163 
HIS   CE1 NE2  sing Y N 164 
HIS   CE1 HE1  sing N N 165 
HIS   NE2 HE2  sing N N 166 
HIS   OXT HXT  sing N N 167 
HOH   O   H1   sing N N 168 
HOH   O   H2   sing N N 169 
ILE   N   CA   sing N N 170 
ILE   N   H    sing N N 171 
ILE   N   H2   sing N N 172 
ILE   CA  C    sing N N 173 
ILE   CA  CB   sing N N 174 
ILE   CA  HA   sing N N 175 
ILE   C   O    doub N N 176 
ILE   C   OXT  sing N N 177 
ILE   CB  CG1  sing N N 178 
ILE   CB  CG2  sing N N 179 
ILE   CB  HB   sing N N 180 
ILE   CG1 CD1  sing N N 181 
ILE   CG1 HG12 sing N N 182 
ILE   CG1 HG13 sing N N 183 
ILE   CG2 HG21 sing N N 184 
ILE   CG2 HG22 sing N N 185 
ILE   CG2 HG23 sing N N 186 
ILE   CD1 HD11 sing N N 187 
ILE   CD1 HD12 sing N N 188 
ILE   CD1 HD13 sing N N 189 
ILE   OXT HXT  sing N N 190 
LEU   N   CA   sing N N 191 
LEU   N   H    sing N N 192 
LEU   N   H2   sing N N 193 
LEU   CA  C    sing N N 194 
LEU   CA  CB   sing N N 195 
LEU   CA  HA   sing N N 196 
LEU   C   O    doub N N 197 
LEU   C   OXT  sing N N 198 
LEU   CB  CG   sing N N 199 
LEU   CB  HB2  sing N N 200 
LEU   CB  HB3  sing N N 201 
LEU   CG  CD1  sing N N 202 
LEU   CG  CD2  sing N N 203 
LEU   CG  HG   sing N N 204 
LEU   CD1 HD11 sing N N 205 
LEU   CD1 HD12 sing N N 206 
LEU   CD1 HD13 sing N N 207 
LEU   CD2 HD21 sing N N 208 
LEU   CD2 HD22 sing N N 209 
LEU   CD2 HD23 sing N N 210 
LEU   OXT HXT  sing N N 211 
LYS   N   CA   sing N N 212 
LYS   N   H    sing N N 213 
LYS   N   H2   sing N N 214 
LYS   CA  C    sing N N 215 
LYS   CA  CB   sing N N 216 
LYS   CA  HA   sing N N 217 
LYS   C   O    doub N N 218 
LYS   C   OXT  sing N N 219 
LYS   CB  CG   sing N N 220 
LYS   CB  HB2  sing N N 221 
LYS   CB  HB3  sing N N 222 
LYS   CG  CD   sing N N 223 
LYS   CG  HG2  sing N N 224 
LYS   CG  HG3  sing N N 225 
LYS   CD  CE   sing N N 226 
LYS   CD  HD2  sing N N 227 
LYS   CD  HD3  sing N N 228 
LYS   CE  NZ   sing N N 229 
LYS   CE  HE2  sing N N 230 
LYS   CE  HE3  sing N N 231 
LYS   NZ  HZ1  sing N N 232 
LYS   NZ  HZ2  sing N N 233 
LYS   NZ  HZ3  sing N N 234 
LYS   OXT HXT  sing N N 235 
MET   N   CA   sing N N 236 
MET   N   H    sing N N 237 
MET   N   H2   sing N N 238 
MET   CA  C    sing N N 239 
MET   CA  CB   sing N N 240 
MET   CA  HA   sing N N 241 
MET   C   O    doub N N 242 
MET   C   OXT  sing N N 243 
MET   CB  CG   sing N N 244 
MET   CB  HB2  sing N N 245 
MET   CB  HB3  sing N N 246 
MET   CG  SD   sing N N 247 
MET   CG  HG2  sing N N 248 
MET   CG  HG3  sing N N 249 
MET   SD  CE   sing N N 250 
MET   CE  HE1  sing N N 251 
MET   CE  HE2  sing N N 252 
MET   CE  HE3  sing N N 253 
MET   OXT HXT  sing N N 254 
PE4   O1  C1   sing N N 255 
PE4   O1  HO1  sing N N 256 
PE4   C1  C2   sing N N 257 
PE4   C1  H11  sing N N 258 
PE4   C1  H12  sing N N 259 
PE4   C2  O2   sing N N 260 
PE4   C2  H21  sing N N 261 
PE4   C2  H22  sing N N 262 
PE4   O2  C3   sing N N 263 
PE4   C3  C4   sing N N 264 
PE4   C3  H31  sing N N 265 
PE4   C3  H32  sing N N 266 
PE4   C4  O3   sing N N 267 
PE4   C4  H41  sing N N 268 
PE4   C4  H42  sing N N 269 
PE4   O3  C5   sing N N 270 
PE4   C5  C6   sing N N 271 
PE4   C5  H51  sing N N 272 
PE4   C5  H52  sing N N 273 
PE4   C6  O4   sing N N 274 
PE4   C6  H61  sing N N 275 
PE4   C6  H62  sing N N 276 
PE4   O4  C7   sing N N 277 
PE4   C7  C8   sing N N 278 
PE4   C7  H71  sing N N 279 
PE4   C7  H72  sing N N 280 
PE4   C8  O5   sing N N 281 
PE4   C8  H81  sing N N 282 
PE4   C8  H82  sing N N 283 
PE4   O5  C9   sing N N 284 
PE4   C9  C10  sing N N 285 
PE4   C9  H91  sing N N 286 
PE4   C9  H92  sing N N 287 
PE4   C10 O6   sing N N 288 
PE4   C10 H101 sing N N 289 
PE4   C10 H102 sing N N 290 
PE4   O6  C11  sing N N 291 
PE4   C11 C12  sing N N 292 
PE4   C11 H111 sing N N 293 
PE4   C11 H112 sing N N 294 
PE4   C12 O7   sing N N 295 
PE4   C12 H121 sing N N 296 
PE4   C12 H122 sing N N 297 
PE4   O7  C13  sing N N 298 
PE4   C13 C14  sing N N 299 
PE4   C13 H131 sing N N 300 
PE4   C13 H132 sing N N 301 
PE4   C14 O8   sing N N 302 
PE4   C14 H141 sing N N 303 
PE4   C14 H142 sing N N 304 
PE4   O8  C15  sing N N 305 
PE4   C15 C16  sing N N 306 
PE4   C15 H151 sing N N 307 
PE4   C15 H152 sing N N 308 
PE4   C16 H161 sing N N 309 
PE4   C16 H162 sing N N 310 
PE4   C16 H163 sing N N 311 
PHE   N   CA   sing N N 312 
PHE   N   H    sing N N 313 
PHE   N   H2   sing N N 314 
PHE   CA  C    sing N N 315 
PHE   CA  CB   sing N N 316 
PHE   CA  HA   sing N N 317 
PHE   C   O    doub N N 318 
PHE   C   OXT  sing N N 319 
PHE   CB  CG   sing N N 320 
PHE   CB  HB2  sing N N 321 
PHE   CB  HB3  sing N N 322 
PHE   CG  CD1  doub Y N 323 
PHE   CG  CD2  sing Y N 324 
PHE   CD1 CE1  sing Y N 325 
PHE   CD1 HD1  sing N N 326 
PHE   CD2 CE2  doub Y N 327 
PHE   CD2 HD2  sing N N 328 
PHE   CE1 CZ   doub Y N 329 
PHE   CE1 HE1  sing N N 330 
PHE   CE2 CZ   sing Y N 331 
PHE   CE2 HE2  sing N N 332 
PHE   CZ  HZ   sing N N 333 
PHE   OXT HXT  sing N N 334 
PRO   N   CA   sing N N 335 
PRO   N   CD   sing N N 336 
PRO   N   H    sing N N 337 
PRO   CA  C    sing N N 338 
PRO   CA  CB   sing N N 339 
PRO   CA  HA   sing N N 340 
PRO   C   O    doub N N 341 
PRO   C   OXT  sing N N 342 
PRO   CB  CG   sing N N 343 
PRO   CB  HB2  sing N N 344 
PRO   CB  HB3  sing N N 345 
PRO   CG  CD   sing N N 346 
PRO   CG  HG2  sing N N 347 
PRO   CG  HG3  sing N N 348 
PRO   CD  HD2  sing N N 349 
PRO   CD  HD3  sing N N 350 
PRO   OXT HXT  sing N N 351 
SER   N   CA   sing N N 352 
SER   N   H    sing N N 353 
SER   N   H2   sing N N 354 
SER   CA  C    sing N N 355 
SER   CA  CB   sing N N 356 
SER   CA  HA   sing N N 357 
SER   C   O    doub N N 358 
SER   C   OXT  sing N N 359 
SER   CB  OG   sing N N 360 
SER   CB  HB2  sing N N 361 
SER   CB  HB3  sing N N 362 
SER   OG  HG   sing N N 363 
SER   OXT HXT  sing N N 364 
SO4   S   O1   doub N N 365 
SO4   S   O2   doub N N 366 
SO4   S   O3   sing N N 367 
SO4   S   O4   sing N N 368 
THR   N   CA   sing N N 369 
THR   N   H    sing N N 370 
THR   N   H2   sing N N 371 
THR   CA  C    sing N N 372 
THR   CA  CB   sing N N 373 
THR   CA  HA   sing N N 374 
THR   C   O    doub N N 375 
THR   C   OXT  sing N N 376 
THR   CB  OG1  sing N N 377 
THR   CB  CG2  sing N N 378 
THR   CB  HB   sing N N 379 
THR   OG1 HG1  sing N N 380 
THR   CG2 HG21 sing N N 381 
THR   CG2 HG22 sing N N 382 
THR   CG2 HG23 sing N N 383 
THR   OXT HXT  sing N N 384 
TRP   N   CA   sing N N 385 
TRP   N   H    sing N N 386 
TRP   N   H2   sing N N 387 
TRP   CA  C    sing N N 388 
TRP   CA  CB   sing N N 389 
TRP   CA  HA   sing N N 390 
TRP   C   O    doub N N 391 
TRP   C   OXT  sing N N 392 
TRP   CB  CG   sing N N 393 
TRP   CB  HB2  sing N N 394 
TRP   CB  HB3  sing N N 395 
TRP   CG  CD1  doub Y N 396 
TRP   CG  CD2  sing Y N 397 
TRP   CD1 NE1  sing Y N 398 
TRP   CD1 HD1  sing N N 399 
TRP   CD2 CE2  doub Y N 400 
TRP   CD2 CE3  sing Y N 401 
TRP   NE1 CE2  sing Y N 402 
TRP   NE1 HE1  sing N N 403 
TRP   CE2 CZ2  sing Y N 404 
TRP   CE3 CZ3  doub Y N 405 
TRP   CE3 HE3  sing N N 406 
TRP   CZ2 CH2  doub Y N 407 
TRP   CZ2 HZ2  sing N N 408 
TRP   CZ3 CH2  sing Y N 409 
TRP   CZ3 HZ3  sing N N 410 
TRP   CH2 HH2  sing N N 411 
TRP   OXT HXT  sing N N 412 
TYR   N   CA   sing N N 413 
TYR   N   H    sing N N 414 
TYR   N   H2   sing N N 415 
TYR   CA  C    sing N N 416 
TYR   CA  CB   sing N N 417 
TYR   CA  HA   sing N N 418 
TYR   C   O    doub N N 419 
TYR   C   OXT  sing N N 420 
TYR   CB  CG   sing N N 421 
TYR   CB  HB2  sing N N 422 
TYR   CB  HB3  sing N N 423 
TYR   CG  CD1  doub Y N 424 
TYR   CG  CD2  sing Y N 425 
TYR   CD1 CE1  sing Y N 426 
TYR   CD1 HD1  sing N N 427 
TYR   CD2 CE2  doub Y N 428 
TYR   CD2 HD2  sing N N 429 
TYR   CE1 CZ   doub Y N 430 
TYR   CE1 HE1  sing N N 431 
TYR   CE2 CZ   sing Y N 432 
TYR   CE2 HE2  sing N N 433 
TYR   CZ  OH   sing N N 434 
TYR   OH  HH   sing N N 435 
TYR   OXT HXT  sing N N 436 
VAL   N   CA   sing N N 437 
VAL   N   H    sing N N 438 
VAL   N   H2   sing N N 439 
VAL   CA  C    sing N N 440 
VAL   CA  CB   sing N N 441 
VAL   CA  HA   sing N N 442 
VAL   C   O    doub N N 443 
VAL   C   OXT  sing N N 444 
VAL   CB  CG1  sing N N 445 
VAL   CB  CG2  sing N N 446 
VAL   CB  HB   sing N N 447 
VAL   CG1 HG11 sing N N 448 
VAL   CG1 HG12 sing N N 449 
VAL   CG1 HG13 sing N N 450 
VAL   CG2 HG21 sing N N 451 
VAL   CG2 HG22 sing N N 452 
VAL   CG2 HG23 sing N N 453 
VAL   OXT HXT  sing N N 454 
# 
_pdbx_audit_support.funding_organization   'Not funded' 
_pdbx_audit_support.country                ? 
_pdbx_audit_support.grant_number           ? 
_pdbx_audit_support.ordinal                1 
# 
_pdbx_initial_refinement_model.id               1 
_pdbx_initial_refinement_model.entity_id_list   A 
_pdbx_initial_refinement_model.type             'experimental model' 
_pdbx_initial_refinement_model.source_name      PDB 
_pdbx_initial_refinement_model.accession_code   2ITK 
_pdbx_initial_refinement_model.details          ? 
# 
_atom_sites.entry_id                    8VZ5 
_atom_sites.Cartn_transf_matrix[1][1]   ? 
_atom_sites.Cartn_transf_matrix[1][2]   ? 
_atom_sites.Cartn_transf_matrix[1][3]   ? 
_atom_sites.Cartn_transf_matrix[2][1]   ? 
_atom_sites.Cartn_transf_matrix[2][2]   ? 
_atom_sites.Cartn_transf_matrix[2][3]   ? 
_atom_sites.Cartn_transf_matrix[3][1]   ? 
_atom_sites.Cartn_transf_matrix[3][2]   ? 
_atom_sites.Cartn_transf_matrix[3][3]   ? 
_atom_sites.Cartn_transf_vector[1]      ? 
_atom_sites.Cartn_transf_vector[2]      ? 
_atom_sites.Cartn_transf_vector[3]      ? 
_atom_sites.Cartn_transform_axes        ? 
_atom_sites.fract_transf_matrix[1][1]   0.00775506 
_atom_sites.fract_transf_matrix[1][2]   -0.00047370 
_atom_sites.fract_transf_matrix[1][3]   -0.01504365 
_atom_sites.fract_transf_matrix[2][1]   -0.00412036 
_atom_sites.fract_transf_matrix[2][2]   0.01120539 
_atom_sites.fract_transf_matrix[2][3]   -0.01200503 
_atom_sites.fract_transf_matrix[3][1]   0.00886026 
_atom_sites.fract_transf_matrix[3][2]   0.00788546 
_atom_sites.fract_transf_matrix[3][3]   0.00431920 
_atom_sites.fract_transf_vector[1]      0.635012 
_atom_sites.fract_transf_vector[2]      0.241547 
_atom_sites.fract_transf_vector[3]      0.351749 
_atom_sites.solution_primary            ? 
_atom_sites.solution_secondary          ? 
_atom_sites.solution_hydrogens          ? 
_atom_sites.special_details             ? 
# 
loop_
_atom_type.symbol 
C 
H 
N 
O 
S 
# 
loop_
_atom_site.group_PDB 
_atom_site.id 
_atom_site.type_symbol 
_atom_site.label_atom_id 
_atom_site.label_alt_id 
_atom_site.label_comp_id 
_atom_site.label_asym_id 
_atom_site.label_entity_id 
_atom_site.label_seq_id 
_atom_site.pdbx_PDB_ins_code 
_atom_site.Cartn_x 
_atom_site.Cartn_y 
_atom_site.Cartn_z 
_atom_site.occupancy 
_atom_site.B_iso_or_equiv 
_atom_site.pdbx_formal_charge 
_atom_site.auth_seq_id 
_atom_site.auth_comp_id 
_atom_site.auth_asym_id 
_atom_site.auth_atom_id 
_atom_site.pdbx_PDB_model_num 
ATOM   1    N N   . LEU   A 1 11  ? 20.686  -8.877  -1.032  1.00 50.43 ? 7    LEU   A N   1 
ATOM   2    C CA  . LEU   A 1 11  ? 19.271  -8.759  -0.721  1.00 51.46 ? 7    LEU   A CA  1 
ATOM   3    C C   . LEU   A 1 11  ? 18.508  -8.242  -1.948  1.00 53.03 ? 7    LEU   A C   1 
ATOM   4    O O   . LEU   A 1 11  ? 19.011  -7.397  -2.680  1.00 55.48 ? 7    LEU   A O   1 
ATOM   5    C CB  . LEU   A 1 11  ? 19.078  -7.837  0.493   1.00 56.57 ? 7    LEU   A CB  1 
ATOM   6    C CG  . LEU   A 1 11  ? 19.747  -8.224  1.832   1.00 55.19 ? 7    LEU   A CG  1 
ATOM   7    C CD1 . LEU   A 1 11  ? 19.789  -7.058  2.817   1.00 47.31 ? 7    LEU   A CD1 1 
ATOM   8    C CD2 . LEU   A 1 11  ? 19.029  -9.406  2.482   1.00 53.20 ? 7    LEU   A CD2 1 
ATOM   9    N N   . PRO   A 1 12  ? 17.306  -8.760  -2.187  1.00 53.42 ? 8    PRO   A N   1 
ATOM   10   C CA  . PRO   A 1 12  ? 16.527  -8.355  -3.384  1.00 55.75 ? 8    PRO   A CA  1 
ATOM   11   C C   . PRO   A 1 12  ? 16.371  -6.845  -3.488  1.00 56.43 ? 8    PRO   A C   1 
ATOM   12   O O   . PRO   A 1 12  ? 16.859  -6.090  -2.629  1.00 56.59 ? 8    PRO   A O   1 
ATOM   13   C CB  . PRO   A 1 12  ? 15.174  -9.049  -3.170  1.00 56.46 ? 8    PRO   A CB  1 
ATOM   14   C CG  . PRO   A 1 12  ? 15.521  -10.271 -2.373  1.00 58.37 ? 8    PRO   A CG  1 
ATOM   15   C CD  . PRO   A 1 12  ? 16.648  -9.845  -1.441  1.00 56.46 ? 8    PRO   A CD  1 
ATOM   16   N N   . PRO   A 1 13  ? 15.688  -6.352  -4.543  1.00 56.11 ? 9    PRO   A N   1 
ATOM   17   C CA  . PRO   A 1 13  ? 15.755  -4.915  -4.855  1.00 54.00 ? 9    PRO   A CA  1 
ATOM   18   C C   . PRO   A 1 13  ? 15.297  -4.009  -3.719  1.00 53.35 ? 9    PRO   A C   1 
ATOM   19   O O   . PRO   A 1 13  ? 14.097  -3.947  -3.408  1.00 49.35 ? 9    PRO   A O   1 
ATOM   20   C CB  . PRO   A 1 13  ? 14.831  -4.769  -6.078  1.00 52.82 ? 9    PRO   A CB  1 
ATOM   21   C CG  . PRO   A 1 13  ? 14.739  -6.135  -6.669  1.00 56.19 ? 9    PRO   A CG  1 
ATOM   22   C CD  . PRO   A 1 13  ? 14.834  -7.084  -5.497  1.00 56.57 ? 9    PRO   A CD  1 
ATOM   23   N N   . GLY   A 1 14  ? 16.244  -3.297  -3.105  1.00 48.74 ? 10   GLY   A N   1 
ATOM   24   C CA  . GLY   A 1 14  ? 15.901  -2.232  -2.188  1.00 43.70 ? 10   GLY   A CA  1 
ATOM   25   C C   . GLY   A 1 14  ? 15.664  -2.627  -0.747  1.00 40.29 ? 10   GLY   A C   1 
ATOM   26   O O   . GLY   A 1 14  ? 14.918  -1.932  -0.046  1.00 36.69 ? 10   GLY   A O   1 
ATOM   27   N N   . TRP   A 1 15  ? 16.282  -3.709  -0.277  1.00 40.70 ? 11   TRP   A N   1 
ATOM   28   C CA  . TRP   A 1 15  ? 16.167  -4.153  1.105   1.00 40.34 ? 11   TRP   A CA  1 
ATOM   29   C C   . TRP   A 1 15  ? 17.399  -3.734  1.893   1.00 41.75 ? 11   TRP   A C   1 
ATOM   30   O O   . TRP   A 1 15  ? 18.520  -3.763  1.382   1.00 45.29 ? 11   TRP   A O   1 
ATOM   31   C CB  . TRP   A 1 15  ? 16.014  -5.674  1.197   1.00 41.16 ? 11   TRP   A CB  1 
ATOM   32   C CG  . TRP   A 1 15  ? 14.689  -6.206  0.762   1.00 40.25 ? 11   TRP   A CG  1 
ATOM   33   C CD1 . TRP   A 1 15  ? 14.385  -6.734  -0.457  1.00 42.39 ? 11   TRP   A CD1 1 
ATOM   34   C CD2 . TRP   A 1 15  ? 13.484  -6.286  1.544   1.00 37.10 ? 11   TRP   A CD2 1 
ATOM   35   N NE1 . TRP   A 1 15  ? 13.073  -7.127  -0.490  1.00 41.15 ? 11   TRP   A NE1 1 
ATOM   36   C CE2 . TRP   A 1 15  ? 12.495  -6.865  0.724   1.00 36.49 ? 11   TRP   A CE2 1 
ATOM   37   C CE3 . TRP   A 1 15  ? 13.146  -5.917  2.853   1.00 34.16 ? 11   TRP   A CE3 1 
ATOM   38   C CZ2 . TRP   A 1 15  ? 11.195  -7.094  1.165   1.00 35.96 ? 11   TRP   A CZ2 1 
ATOM   39   C CZ3 . TRP   A 1 15  ? 11.851  -6.143  3.292   1.00 33.99 ? 11   TRP   A CZ3 1 
ATOM   40   C CH2 . TRP   A 1 15  ? 10.891  -6.732  2.448   1.00 35.75 ? 11   TRP   A CH2 1 
ATOM   41   N N   . GLU   A 1 16  ? 17.186  -3.351  3.143   1.00 38.85 ? 12   GLU   A N   1 
ATOM   42   C CA  . GLU   A 1 16  ? 18.281  -3.011  4.030   1.00 37.70 ? 12   GLU   A CA  1 
ATOM   43   C C   . GLU   A 1 16  ? 17.999  -3.626  5.394   1.00 39.47 ? 12   GLU   A C   1 
ATOM   44   O O   . GLU   A 1 16  ? 16.852  -3.929  5.739   1.00 35.28 ? 12   GLU   A O   1 
ATOM   45   C CB  . GLU   A 1 16  ? 18.466  -1.490  4.142   1.00 39.48 ? 12   GLU   A CB  1 
ATOM   46   C CG  . GLU   A 1 16  ? 17.488  -0.822  5.094   1.00 42.00 ? 12   GLU   A CG  1 
ATOM   47   C CD  . GLU   A 1 16  ? 17.467  0.694   4.976   1.00 39.76 ? 12   GLU   A CD  1 
ATOM   48   O OE1 . GLU   A 1 16  ? 17.192  1.208   3.874   1.00 40.54 ? 12   GLU   A OE1 1 
ATOM   49   O OE2 . GLU   A 1 16  ? 17.707  1.373   5.990   1.00 40.81 ? 12   GLU   A OE2 1 
ATOM   50   N N   . LYS   A 1 17  ? 19.064  -3.817  6.164   1.00 40.82 ? 13   LYS   A N   1 
ATOM   51   C CA  . LYS   A 1 17  ? 18.960  -4.354  7.511   1.00 40.77 ? 13   LYS   A CA  1 
ATOM   52   C C   . LYS   A 1 17  ? 18.832  -3.204  8.499   1.00 43.25 ? 13   LYS   A C   1 
ATOM   53   O O   . LYS   A 1 17  ? 19.606  -2.242  8.446   1.00 46.18 ? 13   LYS   A O   1 
ATOM   54   C CB  . LYS   A 1 17  ? 20.180  -5.216  7.833   1.00 45.93 ? 13   LYS   A CB  1 
ATOM   55   C CG  . LYS   A 1 17  ? 20.250  -5.702  9.274   1.00 50.10 ? 13   LYS   A CG  1 
ATOM   56   C CD  . LYS   A 1 17  ? 21.205  -6.889  9.422   1.00 54.49 ? 13   LYS   A CD  1 
ATOM   57   C CE  . LYS   A 1 17  ? 20.676  -8.111  8.667   1.00 60.32 ? 13   LYS   A CE  1 
ATOM   58   N NZ  . LYS   A 1 17  ? 21.684  -9.214  8.589   1.00 67.57 ? 13   LYS   A NZ  1 
ATOM   59   N N   . ARG   A 1 18  ? 17.848  -3.291  9.386   1.00 36.66 ? 14   ARG   A N   1 
ATOM   60   C CA  . ARG   A 1 18  ? 17.651  -2.267  10.395  1.00 40.31 ? 14   ARG   A CA  1 
ATOM   61   C C   . ARG   A 1 18  ? 17.405  -2.938  11.739  1.00 39.72 ? 14   ARG   A C   1 
ATOM   62   O O   . ARG   A 1 18  ? 17.276  -4.162  11.839  1.00 37.68 ? 14   ARG   A O   1 
ATOM   63   C CB  . ARG   A 1 18  ? 16.497  -1.322  10.033  1.00 38.44 ? 14   ARG   A CB  1 
ATOM   64   C CG  . ARG   A 1 18  ? 16.718  -0.548  8.744   1.00 40.46 ? 14   ARG   A CG  1 
ATOM   65   C CD  . ARG   A 1 18  ? 16.851  0.956   8.984   1.00 44.88 ? 14   ARG   A CD  1 
ATOM   66   N NE  . ARG   A 1 18  ? 18.127  1.309   9.603   1.00 43.67 ? 14   ARG   A NE  1 
ATOM   67   C CZ  . ARG   A 1 18  ? 19.276  1.421   8.949   1.00 43.99 ? 14   ARG   A CZ  1 
ATOM   68   N NH1 . ARG   A 1 18  ? 19.360  1.182   7.651   1.00 44.60 ? 14   ARG   A NH1 1 
ATOM   69   N NH2 . ARG   A 1 18  ? 20.372  1.771   9.614   1.00 49.35 ? 14   ARG   A NH2 1 
ATOM   70   N N   . MET   A 1 19  ? 17.337  -2.112  12.777  1.00 39.03 ? 15   MET   A N   1 
ATOM   71   C CA  . MET   A 1 19  ? 17.142  -2.569  14.143  1.00 40.56 ? 15   MET   A CA  1 
ATOM   72   C C   . MET   A 1 19  ? 15.803  -2.063  14.655  1.00 39.65 ? 15   MET   A C   1 
ATOM   73   O O   . MET   A 1 19  ? 15.535  -0.858  14.606  1.00 38.79 ? 15   MET   A O   1 
ATOM   74   C CB  . MET   A 1 19  ? 18.270  -2.068  15.045  1.00 45.56 ? 15   MET   A CB  1 
ATOM   75   C CG  . MET   A 1 19  ? 18.355  -2.793  16.379  1.00 45.88 ? 15   MET   A CG  1 
ATOM   76   S SD  . MET   A 1 19  ? 19.455  -4.212  16.240  1.00 61.10 ? 15   MET   A SD  1 
ATOM   77   C CE  . MET   A 1 19  ? 19.988  -4.119  14.524  1.00 44.87 ? 15   MET   A CE  1 
ATOM   78   N N   . SER   A 1 20  ? 14.970  -2.976  15.153  1.00 37.12 ? 16   SER   A N   1 
ATOM   79   C CA  . SER   A 1 20  ? 13.718  -2.557  15.772  1.00 40.50 ? 16   SER   A CA  1 
ATOM   80   C C   . SER   A 1 20  ? 13.990  -1.594  16.926  1.00 37.57 ? 16   SER   A C   1 
ATOM   81   O O   . SER   A 1 20  ? 14.776  -1.886  17.830  1.00 36.18 ? 16   SER   A O   1 
ATOM   82   C CB  . SER   A 1 20  ? 12.927  -3.770  16.273  1.00 38.94 ? 16   SER   A CB  1 
ATOM   83   O OG  . SER   A 1 20  ? 11.704  -3.356  16.883  1.00 44.02 ? 16   SER   A OG  1 
ATOM   84   N N   . ARG   A 1 21  ? 13.330  -0.441  16.891  1.00 42.65 ? 17   ARG   A N   1 
ATOM   85   C CA  . ARG   A 1 21  ? 13.491  0.528   17.969  1.00 41.18 ? 17   ARG   A CA  1 
ATOM   86   C C   . ARG   A 1 21  ? 12.890  0.017   19.276  1.00 44.95 ? 17   ARG   A C   1 
ATOM   87   O O   . ARG   A 1 21  ? 13.438  0.279   20.355  1.00 44.34 ? 17   ARG   A O   1 
ATOM   88   C CB  . ARG   A 1 21  ? 12.862  1.862   17.555  1.00 43.20 ? 17   ARG   A CB  1 
ATOM   89   C CG  . ARG   A 1 21  ? 13.113  3.037   18.493  1.00 42.04 ? 17   ARG   A CG  1 
ATOM   90   C CD  . ARG   A 1 21  ? 14.571  3.422   18.515  1.00 42.11 ? 17   ARG   A CD  1 
ATOM   91   N NE  . ARG   A 1 21  ? 15.129  3.562   17.174  1.00 47.82 ? 17   ARG   A NE  1 
ATOM   92   C CZ  . ARG   A 1 21  ? 15.008  4.645   16.412  1.00 45.06 ? 17   ARG   A CZ  1 
ATOM   93   N NH1 . ARG   A 1 21  ? 14.315  5.703   16.814  1.00 39.79 ? 17   ARG   A NH1 1 
ATOM   94   N NH2 . ARG   A 1 21  ? 15.587  4.656   15.212  1.00 44.30 ? 17   ARG   A NH2 1 
ATOM   95   N N   . SER   A 1 22  ? 11.783  -0.726  19.213  1.00 42.32 ? 18   SER   A N   1 
ATOM   96   C CA  . SER   A 1 22  ? 11.156  -1.177  20.452  1.00 43.45 ? 18   SER   A CA  1 
ATOM   97   C C   . SER   A 1 22  ? 11.810  -2.441  21.016  1.00 43.46 ? 18   SER   A C   1 
ATOM   98   O O   . SER   A 1 22  ? 11.965  -2.556  22.237  1.00 46.92 ? 18   SER   A O   1 
ATOM   99   C CB  . SER   A 1 22  ? 9.650   -1.383  20.247  1.00 45.24 ? 18   SER   A CB  1 
ATOM   100  O OG  . SER   A 1 22  ? 9.362   -2.254  19.166  1.00 43.65 ? 18   SER   A OG  1 
ATOM   101  N N   . SER   A 1 23  ? 12.231  -3.390  20.170  1.00 42.36 ? 19   SER   A N   1 
ATOM   102  C CA  . SER   A 1 23  ? 12.709  -4.670  20.680  1.00 39.22 ? 19   SER   A CA  1 
ATOM   103  C C   . SER   A 1 23  ? 14.208  -4.888  20.561  1.00 40.95 ? 19   SER   A C   1 
ATOM   104  O O   . SER   A 1 23  ? 14.747  -5.713  21.302  1.00 40.59 ? 19   SER   A O   1 
ATOM   105  C CB  . SER   A 1 23  ? 11.991  -5.835  19.977  1.00 44.06 ? 19   SER   A CB  1 
ATOM   106  O OG  . SER   A 1 23  ? 12.198  -5.802  18.580  1.00 43.51 ? 19   SER   A OG  1 
ATOM   107  N N   . GLY   A 1 24  ? 14.893  -4.182  19.668  1.00 42.64 ? 20   GLY   A N   1 
ATOM   108  C CA  . GLY   A 1 24  ? 16.304  -4.428  19.443  1.00 43.12 ? 20   GLY   A CA  1 
ATOM   109  C C   . GLY   A 1 24  ? 16.629  -5.592  18.520  1.00 45.44 ? 20   GLY   A C   1 
ATOM   110  O O   . GLY   A 1 24  ? 17.812  -5.830  18.237  1.00 46.48 ? 20   GLY   A O   1 
ATOM   111  N N   . ARG   A 1 25  ? 15.632  -6.338  18.050  1.00 41.95 ? 21   ARG   A N   1 
ATOM   112  C CA  . ARG   A 1 25  ? 15.890  -7.402  17.087  1.00 39.53 ? 21   ARG   A CA  1 
ATOM   113  C C   . ARG   A 1 25  ? 16.017  -6.807  15.688  1.00 36.88 ? 21   ARG   A C   1 
ATOM   114  O O   . ARG   A 1 25  ? 15.356  -5.818  15.353  1.00 34.42 ? 21   ARG   A O   1 
ATOM   115  C CB  . ARG   A 1 25  ? 14.770  -8.445  17.127  1.00 42.26 ? 21   ARG   A CB  1 
ATOM   116  C CG  . ARG   A 1 25  ? 15.175  -9.856  16.666  1.00 41.94 ? 21   ARG   A CG  1 
ATOM   117  C CD  . ARG   A 1 25  ? 14.095  -10.867 17.051  1.00 43.88 ? 21   ARG   A CD  1 
ATOM   118  N NE  . ARG   A 1 25  ? 13.009  -10.169 17.721  1.00 45.23 ? 21   ARG   A NE  1 
ATOM   119  C CZ  . ARG   A 1 25  ? 11.779  -10.016 17.247  1.00 44.52 ? 21   ARG   A CZ  1 
ATOM   120  N NH1 . ARG   A 1 25  ? 11.371  -10.656 16.155  1.00 38.18 ? 21   ARG   A NH1 1 
ATOM   121  N NH2 . ARG   A 1 25  ? 10.935  -9.197  17.889  1.00 44.05 ? 21   ARG   A NH2 1 
ATOM   122  N N   . VAL   A 1 26  ? 16.890  -7.402  14.878  1.00 34.80 ? 22   VAL   A N   1 
ATOM   123  C CA  . VAL   A 1 26  ? 17.085  -6.916  13.520  1.00 37.26 ? 22   VAL   A CA  1 
ATOM   124  C C   . VAL   A 1 26  ? 15.851  -7.234  12.685  1.00 35.41 ? 22   VAL   A C   1 
ATOM   125  O O   . VAL   A 1 26  ? 15.104  -8.187  12.961  1.00 31.09 ? 22   VAL   A O   1 
ATOM   126  C CB  . VAL   A 1 26  ? 18.350  -7.528  12.890  1.00 37.60 ? 22   VAL   A CB  1 
ATOM   127  C CG1 . VAL   A 1 26  ? 19.541  -7.335  13.807  1.00 41.17 ? 22   VAL   A CG1 1 
ATOM   128  C CG2 . VAL   A 1 26  ? 18.139  -9.011  12.589  1.00 36.98 ? 22   VAL   A CG2 1 
ATOM   129  N N   . TYR   A 1 27  ? 15.620  -6.423  11.658  1.00 34.16 ? 23   TYR   A N   1 
ATOM   130  C CA  . TYR   A 1 27  ? 14.556  -6.715  10.711  1.00 32.35 ? 23   TYR   A CA  1 
ATOM   131  C C   . TYR   A 1 27  ? 14.956  -6.184  9.351   1.00 34.62 ? 23   TYR   A C   1 
ATOM   132  O O   . TYR   A 1 27  ? 16.051  -5.643  9.167   1.00 36.90 ? 23   TYR   A O   1 
ATOM   133  C CB  . TYR   A 1 27  ? 13.219  -6.144  11.157  1.00 27.65 ? 23   TYR   A CB  1 
ATOM   134  C CG  . TYR   A 1 27  ? 13.062  -4.638  11.139  1.00 32.86 ? 23   TYR   A CG  1 
ATOM   135  C CD1 . TYR   A 1 27  ? 13.666  -3.851  12.107  1.00 37.07 ? 23   TYR   A CD1 1 
ATOM   136  C CD2 . TYR   A 1 27  ? 12.245  -4.007  10.200  1.00 32.76 ? 23   TYR   A CD2 1 
ATOM   137  C CE1 . TYR   A 1 27  ? 13.495  -2.479  12.136  1.00 36.94 ? 23   TYR   A CE1 1 
ATOM   138  C CE2 . TYR   A 1 27  ? 12.067  -2.610  10.213  1.00 33.74 ? 23   TYR   A CE2 1 
ATOM   139  C CZ  . TYR   A 1 27  ? 12.718  -1.882  11.177  1.00 38.18 ? 23   TYR   A CZ  1 
ATOM   140  O OH  . TYR   A 1 27  ? 12.563  -0.476  11.330  1.00 42.12 ? 23   TYR   A OH  1 
ATOM   141  N N   . TYR   A 1 28  ? 14.053  -6.333  8.392   1.00 30.04 ? 24   TYR   A N   1 
ATOM   142  C CA  . TYR   A 1 28  ? 14.359  -6.002  7.016   1.00 31.95 ? 24   TYR   A CA  1 
ATOM   143  C C   . TYR   A 1 28  ? 13.331  -5.013  6.504   1.00 33.45 ? 24   TYR   A C   1 
ATOM   144  O O   . TYR   A 1 28  ? 12.124  -5.185  6.712   1.00 30.13 ? 24   TYR   A O   1 
ATOM   145  C CB  . TYR   A 1 28  ? 14.439  -7.272  6.164   1.00 36.13 ? 24   TYR   A CB  1 
ATOM   146  C CG  . TYR   A 1 28  ? 15.548  -8.183  6.675   1.00 40.56 ? 24   TYR   A CG  1 
ATOM   147  C CD1 . TYR   A 1 28  ? 16.872  -8.000  6.270   1.00 43.75 ? 24   TYR   A CD1 1 
ATOM   148  C CD2 . TYR   A 1 28  ? 15.284  -9.174  7.623   1.00 39.52 ? 24   TYR   A CD2 1 
ATOM   149  C CE1 . TYR   A 1 28  ? 17.896  -8.808  6.761   1.00 48.56 ? 24   TYR   A CE1 1 
ATOM   150  C CE2 . TYR   A 1 28  ? 16.297  -9.987  8.118   1.00 42.55 ? 24   TYR   A CE2 1 
ATOM   151  C CZ  . TYR   A 1 28  ? 17.602  -9.799  7.683   1.00 50.00 ? 24   TYR   A CZ  1 
ATOM   152  O OH  . TYR   A 1 28  ? 18.614  -10.598 8.172   1.00 55.12 ? 24   TYR   A OH  1 
ATOM   153  N N   . PHE   A 1 29  ? 13.822  -3.968  5.858   1.00 30.26 ? 25   PHE   A N   1 
ATOM   154  C CA  . PHE   A 1 29  ? 12.992  -2.871  5.410   1.00 30.91 ? 25   PHE   A CA  1 
ATOM   155  C C   . PHE   A 1 29  ? 13.266  -2.614  3.941   1.00 30.56 ? 25   PHE   A C   1 
ATOM   156  O O   . PHE   A 1 29  ? 14.424  -2.611  3.510   1.00 32.26 ? 25   PHE   A O   1 
ATOM   157  C CB  . PHE   A 1 29  ? 13.274  -1.616  6.227   1.00 27.92 ? 25   PHE   A CB  1 
ATOM   158  C CG  . PHE   A 1 29  ? 12.630  -0.398  5.674   1.00 27.19 ? 25   PHE   A CG  1 
ATOM   159  C CD1 . PHE   A 1 29  ? 11.262  -0.233  5.752   1.00 27.71 ? 25   PHE   A CD1 1 
ATOM   160  C CD2 . PHE   A 1 29  ? 13.390  0.586   5.066   1.00 28.94 ? 25   PHE   A CD2 1 
ATOM   161  C CE1 . PHE   A 1 29  ? 10.664  0.906   5.238   1.00 29.17 ? 25   PHE   A CE1 1 
ATOM   162  C CE2 . PHE   A 1 29  ? 12.798  1.713   4.541   1.00 27.22 ? 25   PHE   A CE2 1 
ATOM   163  C CZ  . PHE   A 1 29  ? 11.439  1.878   4.625   1.00 28.59 ? 25   PHE   A CZ  1 
ATOM   164  N N   . ASN   A 1 30  ? 12.209  -2.391  3.177   1.00 28.24 ? 26   ASN   A N   1 
ATOM   165  C CA  . ASN   A 1 30  ? 12.324  -2.147  1.741   1.00 30.50 ? 26   ASN   A CA  1 
ATOM   166  C C   . ASN   A 1 30  ? 11.884  -0.710  1.488   1.00 28.72 ? 26   ASN   A C   1 
ATOM   167  O O   . ASN   A 1 30  ? 10.712  -0.376  1.684   1.00 27.39 ? 26   ASN   A O   1 
ATOM   168  C CB  . ASN   A 1 30  ? 11.486  -3.155  0.944   1.00 31.01 ? 26   ASN   A CB  1 
ATOM   169  C CG  . ASN   A 1 30  ? 11.678  -3.012  -0.559  1.00 30.84 ? 26   ASN   A CG  1 
ATOM   170  O OD1 . ASN   A 1 30  ? 11.460  -1.939  -1.112  1.00 29.60 ? 26   ASN   A OD1 1 
ATOM   171  N ND2 . ASN   A 1 30  ? 12.111  -4.083  -1.215  1.00 30.13 ? 26   ASN   A ND2 1 
ATOM   172  N N   . HIS   A 1 31  ? 12.826  0.145   1.065   1.00 27.66 ? 27   HIS   A N   1 
ATOM   173  C CA  . HIS   A 1 31  ? 12.541  1.572   0.915   1.00 27.63 ? 27   HIS   A CA  1 
ATOM   174  C C   . HIS   A 1 31  ? 11.804  1.901   -0.375  1.00 26.12 ? 27   HIS   A C   1 
ATOM   175  O O   . HIS   A 1 31  ? 11.498  3.073   -0.610  1.00 27.04 ? 27   HIS   A O   1 
ATOM   176  C CB  . HIS   A 1 31  ? 13.834  2.396   0.985   1.00 26.63 ? 27   HIS   A CB  1 
ATOM   177  C CG  . HIS   A 1 31  ? 14.755  2.177   -0.176  1.00 30.78 ? 27   HIS   A CG  1 
ATOM   178  N ND1 . HIS   A 1 31  ? 15.792  1.273   -0.142  1.00 30.69 ? 27   HIS   A ND1 1 
ATOM   179  C CD2 . HIS   A 1 31  ? 14.787  2.741   -1.410  1.00 31.93 ? 27   HIS   A CD2 1 
ATOM   180  C CE1 . HIS   A 1 31  ? 16.429  1.294   -1.300  1.00 32.04 ? 27   HIS   A CE1 1 
ATOM   181  N NE2 . HIS   A 1 31  ? 15.843  2.178   -2.083  1.00 33.09 ? 27   HIS   A NE2 1 
ATOM   182  N N   . ILE   A 1 32  ? 11.526  0.904   -1.203  1.00 25.05 ? 28   ILE   A N   1 
ATOM   183  C CA  . ILE   A 1 32  ? 10.720  1.080   -2.409  1.00 29.65 ? 28   ILE   A CA  1 
ATOM   184  C C   . ILE   A 1 32  ? 9.254   0.751   -2.150  1.00 28.15 ? 28   ILE   A C   1 
ATOM   185  O O   . ILE   A 1 32  ? 8.365   1.485   -2.584  1.00 30.83 ? 28   ILE   A O   1 
ATOM   186  C CB  . ILE   A 1 32  ? 11.296  0.214   -3.549  1.00 29.47 ? 28   ILE   A CB  1 
ATOM   187  C CG1 . ILE   A 1 32  ? 12.734  0.647   -3.886  1.00 27.81 ? 28   ILE   A CG1 1 
ATOM   188  C CG2 . ILE   A 1 32  ? 10.408  0.296   -4.776  1.00 31.03 ? 28   ILE   A CG2 1 
ATOM   189  C CD1 . ILE   A 1 32  ? 13.517  -0.391  -4.644  1.00 34.86 ? 28   ILE   A CD1 1 
ATOM   190  N N   . THR   A 1 33  ? 8.983   -0.346  -1.438  1.00 30.01 ? 29   THR   A N   1 
ATOM   191  C CA  . THR   A 1 33  ? 7.627   -0.747  -1.068  1.00 27.29 ? 29   THR   A CA  1 
ATOM   192  C C   . THR   A 1 33  ? 7.216   -0.274  0.314   1.00 27.37 ? 29   THR   A C   1 
ATOM   193  O O   . THR   A 1 33  ? 6.021   -0.338  0.641   1.00 23.26 ? 29   THR   A O   1 
ATOM   194  C CB  . THR   A 1 33  ? 7.488   -2.270  -1.088  1.00 26.20 ? 29   THR   A CB  1 
ATOM   195  O OG1 . THR   A 1 33  ? 8.307   -2.831  -0.049  1.00 25.33 ? 29   THR   A OG1 1 
ATOM   196  C CG2 . THR   A 1 33  ? 7.937   -2.812  -2.423  1.00 28.52 ? 29   THR   A CG2 1 
ATOM   197  N N   . ASN   A 1 34  ? 8.174   0.155   1.144   1.00 25.57 ? 30   ASN   A N   1 
ATOM   198  C CA  . ASN   A 1 34  ? 7.941   0.471   2.551   1.00 24.98 ? 30   ASN   A CA  1 
ATOM   199  C C   . ASN   A 1 34  ? 7.451   -0.744  3.341   1.00 25.12 ? 30   ASN   A C   1 
ATOM   200  O O   . ASN   A 1 34  ? 6.870   -0.604  4.417   1.00 24.47 ? 30   ASN   A O   1 
ATOM   201  C CB  . ASN   A 1 34  ? 6.972   1.655   2.699   1.00 24.09 ? 30   ASN   A CB  1 
ATOM   202  C CG  . ASN   A 1 34  ? 7.649   3.007   2.373   1.00 27.97 ? 30   ASN   A CG  1 
ATOM   203  O OD1 . ASN   A 1 34  ? 8.872   3.133   2.485   1.00 26.27 ? 30   ASN   A OD1 1 
ATOM   204  N ND2 . ASN   A 1 34  ? 6.861   3.998   1.963   1.00 20.95 ? 30   ASN   A ND2 1 
ATOM   205  N N   . ALA   A 1 35  ? 7.680   -1.950  2.839   1.00 24.27 ? 31   ALA   A N   1 
ATOM   206  C CA  . ALA   A 1 35  ? 7.435   -3.133  3.653   1.00 27.59 ? 31   ALA   A CA  1 
ATOM   207  C C   . ALA   A 1 35  ? 8.533   -3.307  4.698   1.00 28.46 ? 31   ALA   A C   1 
ATOM   208  O O   . ALA   A 1 35  ? 9.686   -2.909  4.491   1.00 27.71 ? 31   ALA   A O   1 
ATOM   209  C CB  . ALA   A 1 35  ? 7.361   -4.385  2.773   1.00 27.73 ? 31   ALA   A CB  1 
ATOM   210  N N   . SER   A 1 36  ? 8.162   -3.897  5.838   1.00 29.04 ? 32   SER   A N   1 
ATOM   211  C CA  . SER   A 1 36  ? 9.143   -4.407  6.787   1.00 28.56 ? 32   SER   A CA  1 
ATOM   212  C C   . SER   A 1 36  ? 8.695   -5.753  7.344   1.00 32.62 ? 32   SER   A C   1 
ATOM   213  O O   . SER   A 1 36  ? 7.498   -6.018  7.503   1.00 32.07 ? 32   SER   A O   1 
ATOM   214  C CB  . SER   A 1 36  ? 9.403   -3.425  7.925   1.00 30.32 ? 32   SER   A CB  1 
ATOM   215  O OG  . SER   A 1 36  ? 8.216   -2.808  8.309   1.00 33.18 ? 32   SER   A OG  1 
ATOM   216  N N   . GLN   A 1 37  ? 9.678   -6.603  7.631   1.00 32.23 ? 33   GLN   A N   1 
ATOM   217  C CA  . GLN   A 1 37  ? 9.433   -7.988  8.005   1.00 34.35 ? 33   GLN   A CA  1 
ATOM   218  C C   . GLN   A 1 37  ? 10.607  -8.485  8.836   1.00 31.61 ? 33   GLN   A C   1 
ATOM   219  O O   . GLN   A 1 37  ? 11.724  -7.978  8.715   1.00 33.03 ? 33   GLN   A O   1 
ATOM   220  C CB  . GLN   A 1 37  ? 9.242   -8.869  6.765   1.00 30.38 ? 33   GLN   A CB  1 
ATOM   221  C CG  . GLN   A 1 37  ? 10.445  -8.871  5.839   1.00 31.92 ? 33   GLN   A CG  1 
ATOM   222  C CD  . GLN   A 1 37  ? 10.275  -9.801  4.660   1.00 39.13 ? 33   GLN   A CD  1 
ATOM   223  O OE1 . GLN   A 1 37  ? 9.290   -9.728  3.923   1.00 34.73 ? 33   GLN   A OE1 1 
ATOM   224  N NE2 . GLN   A 1 37  ? 11.240  -10.693 4.476   1.00 43.37 ? 33   GLN   A NE2 1 
ATOM   225  N N   . TRP   A 1 38  ? 10.348  -9.493  9.677   1.00 31.87 ? 34   TRP   A N   1 
ATOM   226  C CA  . TRP   A 1 38  ? 11.404  -10.019 10.529  1.00 33.52 ? 34   TRP   A CA  1 
ATOM   227  C C   . TRP   A 1 38  ? 12.342  -10.942 9.764   1.00 34.54 ? 34   TRP   A C   1 
ATOM   228  O O   . TRP   A 1 38  ? 13.538  -10.969 10.070  1.00 33.49 ? 34   TRP   A O   1 
ATOM   229  C CB  . TRP   A 1 38  ? 10.812  -10.745 11.745  1.00 32.49 ? 34   TRP   A CB  1 
ATOM   230  C CG  . TRP   A 1 38  ? 10.046  -9.854  12.710  1.00 32.32 ? 34   TRP   A CG  1 
ATOM   231  C CD1 . TRP   A 1 38  ? 8.699   -9.870  12.950  1.00 32.65 ? 34   TRP   A CD1 1 
ATOM   232  C CD2 . TRP   A 1 38  ? 10.585  -8.824  13.546  1.00 32.36 ? 34   TRP   A CD2 1 
ATOM   233  N NE1 . TRP   A 1 38  ? 8.367   -8.921  13.888  1.00 30.54 ? 34   TRP   A NE1 1 
ATOM   234  C CE2 . TRP   A 1 38  ? 9.505   -8.258  14.266  1.00 33.94 ? 34   TRP   A CE2 1 
ATOM   235  C CE3 . TRP   A 1 38  ? 11.869  -8.323  13.757  1.00 31.73 ? 34   TRP   A CE3 1 
ATOM   236  C CZ2 . TRP   A 1 38  ? 9.678   -7.218  15.178  1.00 35.67 ? 34   TRP   A CZ2 1 
ATOM   237  C CZ3 . TRP   A 1 38  ? 12.036  -7.287  14.664  1.00 32.78 ? 34   TRP   A CZ3 1 
ATOM   238  C CH2 . TRP   A 1 38  ? 10.947  -6.745  15.359  1.00 35.06 ? 34   TRP   A CH2 1 
ATOM   239  N N   . GLU   A 1 39  ? 11.838  -11.666 8.758   1.00 32.77 ? 35   GLU   A N   1 
ATOM   240  C CA  . GLU   A 1 39  ? 12.612  -12.669 8.033   1.00 37.49 ? 35   GLU   A CA  1 
ATOM   241  C C   . GLU   A 1 39  ? 13.498  -12.045 6.948   1.00 39.92 ? 35   GLU   A C   1 
ATOM   242  O O   . GLU   A 1 39  ? 13.214  -10.972 6.415   1.00 39.83 ? 35   GLU   A O   1 
ATOM   243  C CB  . GLU   A 1 39  ? 11.687  -13.695 7.376   1.00 39.78 ? 35   GLU   A CB  1 
ATOM   244  C CG  . GLU   A 1 39  ? 10.730  -14.405 8.311   1.00 42.84 ? 35   GLU   A CG  1 
ATOM   245  C CD  . GLU   A 1 39  ? 9.394   -13.667 8.503   1.00 45.47 ? 35   GLU   A CD  1 
ATOM   246  O OE1 . GLU   A 1 39  ? 9.313   -12.436 8.226   1.00 38.39 ? 35   GLU   A OE1 1 
ATOM   247  O OE2 . GLU   A 1 39  ? 8.422   -14.340 8.939   1.00 40.86 ? 35   GLU   A OE2 1 
ATOM   248  N N   . ARG   A 1 40  ? 14.574  -12.752 6.602   1.00 40.50 ? 36   ARG   A N   1 
ATOM   249  C CA  . ARG   A 1 40  ? 15.399  -12.313 5.481   1.00 48.33 ? 36   ARG   A CA  1 
ATOM   250  C C   . ARG   A 1 40  ? 14.596  -12.444 4.190   1.00 52.88 ? 36   ARG   A C   1 
ATOM   251  O O   . ARG   A 1 40  ? 14.045  -13.520 3.912   1.00 53.72 ? 36   ARG   A O   1 
ATOM   252  C CB  . ARG   A 1 40  ? 16.692  -13.110 5.384   1.00 50.51 ? 36   ARG   A CB  1 
ATOM   253  C CG  . ARG   A 1 40  ? 17.881  -12.238 5.016   1.00 52.63 ? 36   ARG   A CG  1 
ATOM   254  C CD  . ARG   A 1 40  ? 19.100  -13.048 4.561   1.00 57.92 ? 36   ARG   A CD  1 
ATOM   255  N NE  . ARG   A 1 40  ? 20.192  -12.172 4.143   1.00 57.30 ? 36   ARG   A NE  1 
ATOM   256  C CZ  . ARG   A 1 40  ? 21.034  -11.577 4.979   1.00 60.71 ? 36   ARG   A CZ  1 
ATOM   257  N NH1 . ARG   A 1 40  ? 20.972  -11.782 6.286   1.00 59.66 ? 36   ARG   A NH1 1 
ATOM   258  N NH2 . ARG   A 1 40  ? 21.954  -10.747 4.492   1.00 58.67 ? 36   ARG   A NH2 1 
ATOM   259  N N   . PRO   A 1 41  ? 14.493  -11.382 3.389   1.00 54.08 ? 37   PRO   A N   1 
ATOM   260  C CA  . PRO   A 1 41  ? 13.571  -11.390 2.242   1.00 53.74 ? 37   PRO   A CA  1 
ATOM   261  C C   . PRO   A 1 41  ? 13.837  -12.553 1.288   1.00 60.40 ? 37   PRO   A C   1 
ATOM   262  O O   . PRO   A 1 41  ? 14.981  -12.810 0.895   1.00 60.01 ? 37   PRO   A O   1 
ATOM   263  C CB  . PRO   A 1 41  ? 13.828  -10.033 1.577   1.00 50.31 ? 37   PRO   A CB  1 
ATOM   264  C CG  . PRO   A 1 41  ? 15.154  -9.567  2.125   1.00 47.59 ? 37   PRO   A CG  1 
ATOM   265  C CD  . PRO   A 1 41  ? 15.214  -10.103 3.508   1.00 46.24 ? 37   PRO   A CD  1 
ATOM   266  N N   . SER   A 1 42  ? 12.754  -13.242 0.905   1.00 62.83 ? 38   SER   A N   1 
ATOM   267  C CA  . SER   A 1 42  ? 12.802  -14.500 0.128   1.00 69.31 ? 38   SER   A CA  1 
ATOM   268  C C   . SER   A 1 42  ? 13.911  -14.552 -0.935  1.00 68.93 ? 38   SER   A C   1 
ATOM   269  O O   . SER   A 1 42  ? 14.001  -13.686 -1.810  1.00 68.42 ? 38   SER   A O   1 
ATOM   270  C CB  . SER   A 1 42  ? 11.445  -14.763 -0.553  1.00 68.76 ? 38   SER   A CB  1 
ATOM   271  O OG  . SER   A 1 42  ? 10.449  -15.204 0.365   1.00 70.48 ? 38   SER   A OG  1 
ATOM   272  N N   . GLU   A 1 55  ? 12.991  -8.321  -13.410 1.00 55.55 ? 51   GLU   A N   1 
ATOM   273  C CA  . GLU   A 1 55  ? 11.606  -8.149  -12.968 1.00 54.12 ? 51   GLU   A CA  1 
ATOM   274  C C   . GLU   A 1 55  ? 10.613  -8.482  -14.088 1.00 55.57 ? 51   GLU   A C   1 
ATOM   275  O O   . GLU   A 1 55  ? 10.973  -8.453  -15.273 1.00 52.01 ? 51   GLU   A O   1 
ATOM   276  C CB  . GLU   A 1 55  ? 11.372  -6.718  -12.493 1.00 50.50 ? 51   GLU   A CB  1 
ATOM   277  C CG  . GLU   A 1 55  ? 10.903  -5.800  -13.606 1.00 49.38 ? 51   GLU   A CG  1 
ATOM   278  C CD  . GLU   A 1 55  ? 10.862  -4.343  -13.186 1.00 46.72 ? 51   GLU   A CD  1 
ATOM   279  O OE1 . GLU   A 1 55  ? 11.219  -4.047  -12.023 1.00 42.57 ? 51   GLU   A OE1 1 
ATOM   280  O OE2 . GLU   A 1 55  ? 10.471  -3.500  -14.028 1.00 42.04 ? 51   GLU   A OE2 1 
ATOM   281  N N   . PRO   A 1 56  ? 9.363   -8.775  -13.717 1.00 58.62 ? 52   PRO   A N   1 
ATOM   282  C CA  . PRO   A 1 56  ? 8.366   -9.175  -14.723 1.00 50.54 ? 52   PRO   A CA  1 
ATOM   283  C C   . PRO   A 1 56  ? 7.918   -7.993  -15.572 1.00 49.24 ? 52   PRO   A C   1 
ATOM   284  O O   . PRO   A 1 56  ? 8.019   -6.830  -15.174 1.00 51.64 ? 52   PRO   A O   1 
ATOM   285  C CB  . PRO   A 1 56  ? 7.209   -9.721  -13.880 1.00 47.20 ? 52   PRO   A CB  1 
ATOM   286  C CG  . PRO   A 1 56  ? 7.314   -8.963  -12.579 1.00 48.24 ? 52   PRO   A CG  1 
ATOM   287  C CD  . PRO   A 1 56  ? 8.796   -8.714  -12.353 1.00 52.22 ? 52   PRO   A CD  1 
ATOM   288  N N   . ALA   A 1 57  ? 7.415   -8.310  -16.770 1.00 46.49 ? 53   ALA   A N   1 
ATOM   289  C CA  . ALA   A 1 57  ? 6.927   -7.260  -17.661 1.00 43.56 ? 53   ALA   A CA  1 
ATOM   290  C C   . ALA   A 1 57  ? 5.616   -6.673  -17.175 1.00 42.12 ? 53   ALA   A C   1 
ATOM   291  O O   . ALA   A 1 57  ? 5.316   -5.504  -17.454 1.00 43.03 ? 53   ALA   A O   1 
ATOM   292  C CB  . ALA   A 1 57  ? 6.747   -7.797  -19.078 1.00 41.19 ? 53   ALA   A CB  1 
ATOM   293  N N   . ARG   A 1 58  ? 4.813   -7.469  -16.470 1.00 41.51 ? 54   ARG   A N   1 
ATOM   294  C CA  . ARG   A 1 58  ? 3.518   -7.022  -15.983 1.00 38.22 ? 54   ARG   A CA  1 
ATOM   295  C C   . ARG   A 1 58  ? 3.283   -7.591  -14.596 1.00 36.41 ? 54   ARG   A C   1 
ATOM   296  O O   . ARG   A 1 58  ? 3.814   -8.648  -14.243 1.00 33.35 ? 54   ARG   A O   1 
ATOM   297  C CB  . ARG   A 1 58  ? 2.387   -7.455  -16.914 1.00 40.52 ? 54   ARG   A CB  1 
ATOM   298  C CG  . ARG   A 1 58  ? 2.589   -7.017  -18.352 1.00 46.25 ? 54   ARG   A CG  1 
ATOM   299  C CD  . ARG   A 1 58  ? 1.423   -6.182  -18.837 1.00 45.30 ? 54   ARG   A CD  1 
ATOM   300  N NE  . ARG   A 1 58  ? 0.189   -6.953  -18.898 1.00 43.65 ? 54   ARG   A NE  1 
ATOM   301  C CZ  . ARG   A 1 58  ? -0.989  -6.437  -19.219 1.00 48.33 ? 54   ARG   A CZ  1 
ATOM   302  N NH1 . ARG   A 1 58  ? -1.120  -5.151  -19.510 1.00 51.08 ? 54   ARG   A NH1 1 
ATOM   303  N NH2 . ARG   A 1 58  ? -2.062  -7.232  -19.253 1.00 48.23 ? 54   ARG   A NH2 1 
ATOM   304  N N   . VAL   A 1 59  ? 2.494   -6.865  -13.803 1.00 30.23 ? 55   VAL   A N   1 
ATOM   305  C CA  . VAL   A 1 59  ? 2.038   -7.347  -12.507 1.00 28.23 ? 55   VAL   A CA  1 
ATOM   306  C C   . VAL   A 1 59  ? 0.578   -6.971  -12.361 1.00 28.88 ? 55   VAL   A C   1 
ATOM   307  O O   . VAL   A 1 59  ? 0.058   -6.104  -13.065 1.00 31.30 ? 55   VAL   A O   1 
ATOM   308  C CB  . VAL   A 1 59  ? 2.837   -6.772  -11.319 1.00 27.38 ? 55   VAL   A CB  1 
ATOM   309  C CG1 . VAL   A 1 59  ? 4.306   -7.117  -11.459 1.00 31.28 ? 55   VAL   A CG1 1 
ATOM   310  C CG2 . VAL   A 1 59  ? 2.628   -5.271  -11.229 1.00 28.73 ? 55   VAL   A CG2 1 
ATOM   311  N N   . ARG   A 1 60  ? -0.084  -7.629  -11.424 1.00 27.31 ? 56   ARG   A N   1 
ATOM   312  C CA  . ARG   A 1 60  ? -1.452  -7.295  -11.078 1.00 27.70 ? 56   ARG   A CA  1 
ATOM   313  C C   . ARG   A 1 60  ? -1.508  -6.980  -9.593  1.00 26.98 ? 56   ARG   A C   1 
ATOM   314  O O   . ARG   A 1 60  ? -0.981  -7.743  -8.779  1.00 28.25 ? 56   ARG   A O   1 
ATOM   315  C CB  . ARG   A 1 60  ? -2.381  -8.446  -11.427 1.00 29.76 ? 56   ARG   A CB  1 
ATOM   316  C CG  . ARG   A 1 60  ? -3.805  -8.234  -10.972 1.00 30.50 ? 56   ARG   A CG  1 
ATOM   317  C CD  . ARG   A 1 60  ? -4.632  -9.480  -11.235 1.00 32.27 ? 56   ARG   A CD  1 
ATOM   318  N NE  . ARG   A 1 60  ? -6.058  -9.230  -11.079 1.00 35.27 ? 56   ARG   A NE  1 
ATOM   319  C CZ  . ARG   A 1 60  ? -6.997  -10.145 -11.258 1.00 39.53 ? 56   ARG   A CZ  1 
ATOM   320  N NH1 . ARG   A 1 60  ? -6.691  -11.387 -11.593 1.00 38.67 ? 56   ARG   A NH1 1 
ATOM   321  N NH2 . ARG   A 1 60  ? -8.273  -9.805  -11.093 1.00 36.85 ? 56   ARG   A NH2 1 
ATOM   322  N N   . CYS   A 1 61  ? -2.146  -5.867  -9.240  1.00 28.55 ? 57   CYS   A N   1 
ATOM   323  C CA  . CYS   A 1 61  ? -2.231  -5.450  -7.849  1.00 25.71 ? 57   CYS   A CA  1 
ATOM   324  C C   . CYS   A 1 61  ? -3.646  -5.012  -7.525  1.00 27.31 ? 57   CYS   A C   1 
ATOM   325  O O   . CYS   A 1 61  ? -4.411  -4.593  -8.403  1.00 26.82 ? 57   CYS   A O   1 
ATOM   326  C CB  . CYS   A 1 61  ? -1.273  -4.299  -7.542  1.00 25.04 ? 57   CYS   A CB  1 
ATOM   327  S SG  . CYS   A 1 61  ? 0.458   -4.677  -7.854  1.00 27.78 ? 57   CYS   A SG  1 
ATOM   328  N N   . SER   A 1 62  ? -3.994  -5.122  -6.248  1.00 23.38 ? 58   SER   A N   1 
ATOM   329  C CA  . SER   A 1 62  ? -5.084  -4.347  -5.681  1.00 23.10 ? 58   SER   A CA  1 
ATOM   330  C C   . SER   A 1 62  ? -4.479  -3.281  -4.781  1.00 23.02 ? 58   SER   A C   1 
ATOM   331  O O   . SER   A 1 62  ? -3.296  -3.329  -4.433  1.00 24.18 ? 58   SER   A O   1 
ATOM   332  C CB  . SER   A 1 62  ? -6.051  -5.237  -4.897  1.00 24.76 ? 58   SER   A CB  1 
ATOM   333  O OG  . SER   A 1 62  ? -6.466  -6.346  -5.685  1.00 29.75 ? 58   SER   A OG  1 
ATOM   334  N N   . HIS   A 1 63  ? -5.294  -2.315  -4.388  1.00 22.14 ? 59   HIS   A N   1 
ATOM   335  C CA  . HIS   A 1 63  ? -4.788  -1.337  -3.445  1.00 22.69 ? 59   HIS   A CA  1 
ATOM   336  C C   . HIS   A 1 63  ? -5.938  -0.859  -2.584  1.00 23.01 ? 59   HIS   A C   1 
ATOM   337  O O   . HIS   A 1 63  ? -7.109  -1.092  -2.889  1.00 23.76 ? 59   HIS   A O   1 
ATOM   338  C CB  . HIS   A 1 63  ? -4.073  -0.169  -4.159  1.00 22.25 ? 59   HIS   A CB  1 
ATOM   339  C CG  . HIS   A 1 63  ? -4.999  0.845   -4.761  1.00 25.86 ? 59   HIS   A CG  1 
ATOM   340  N ND1 . HIS   A 1 63  ? -4.729  2.197   -4.744  1.00 26.96 ? 59   HIS   A ND1 1 
ATOM   341  C CD2 . HIS   A 1 63  ? -6.186  0.706   -5.401  1.00 26.00 ? 59   HIS   A CD2 1 
ATOM   342  C CE1 . HIS   A 1 63  ? -5.711  2.847   -5.343  1.00 26.58 ? 59   HIS   A CE1 1 
ATOM   343  N NE2 . HIS   A 1 63  ? -6.610  1.966   -5.747  1.00 26.56 ? 59   HIS   A NE2 1 
ATOM   344  N N   . LEU   A 1 64  ? -5.581  -0.228  -1.474  1.00 23.02 ? 60   LEU   A N   1 
ATOM   345  C CA  . LEU   A 1 64  ? -6.524  0.471   -0.618  1.00 22.92 ? 60   LEU   A CA  1 
ATOM   346  C C   . LEU   A 1 64  ? -6.029  1.906   -0.501  1.00 25.86 ? 60   LEU   A C   1 
ATOM   347  O O   . LEU   A 1 64  ? -4.920  2.147   -0.013  1.00 22.58 ? 60   LEU   A O   1 
ATOM   348  C CB  . LEU   A 1 64  ? -6.632  -0.201  0.748   1.00 21.73 ? 60   LEU   A CB  1 
ATOM   349  C CG  . LEU   A 1 64  ? -7.699  0.283   1.731   1.00 22.19 ? 60   LEU   A CG  1 
ATOM   350  C CD1 . LEU   A 1 64  ? -7.867  -0.709  2.878   1.00 19.22 ? 60   LEU   A CD1 1 
ATOM   351  C CD2 . LEU   A 1 64  ? -7.359  1.642   2.285   1.00 21.94 ? 60   LEU   A CD2 1 
ATOM   352  N N   . LEU   A 1 65  ? -6.830  2.848   -0.987  1.00 26.08 ? 61   LEU   A N   1 
ATOM   353  C CA  . LEU   A 1 65  ? -6.434  4.248   -1.048  1.00 24.53 ? 61   LEU   A CA  1 
ATOM   354  C C   . LEU   A 1 65  ? -7.104  4.998   0.083   1.00 25.99 ? 61   LEU   A C   1 
ATOM   355  O O   . LEU   A 1 65  ? -8.309  4.852   0.297   1.00 26.88 ? 61   LEU   A O   1 
ATOM   356  C CB  . LEU   A 1 65  ? -6.823  4.874   -2.389  1.00 26.94 ? 61   LEU   A CB  1 
ATOM   357  C CG  . LEU   A 1 65  ? -6.538  6.374   -2.551  1.00 25.62 ? 61   LEU   A CG  1 
ATOM   358  C CD1 . LEU   A 1 65  ? -5.052  6.691   -2.371  1.00 26.77 ? 61   LEU   A CD1 1 
ATOM   359  C CD2 . LEU   A 1 65  ? -7.019  6.856   -3.923  1.00 28.28 ? 61   LEU   A CD2 1 
ATOM   360  N N   . VAL   A 1 66  ? -6.328  5.792   0.808   1.00 26.94 ? 62   VAL   A N   1 
ATOM   361  C CA  . VAL   A 1 66  ? -6.874  6.740   1.772   1.00 26.25 ? 62   VAL   A CA  1 
ATOM   362  C C   . VAL   A 1 66  ? -6.447  8.128   1.323   1.00 30.22 ? 62   VAL   A C   1 
ATOM   363  O O   . VAL   A 1 66  ? -5.244  8.421   1.241   1.00 26.72 ? 62   VAL   A O   1 
ATOM   364  C CB  . VAL   A 1 66  ? -6.420  6.446   3.205   1.00 25.73 ? 62   VAL   A CB  1 
ATOM   365  C CG1 . VAL   A 1 66  ? -6.927  7.530   4.140   1.00 29.43 ? 62   VAL   A CG1 1 
ATOM   366  C CG2 . VAL   A 1 66  ? -6.956  5.092   3.652   1.00 26.63 ? 62   VAL   A CG2 1 
ATOM   367  N N   . LYS   A 1 67  ? -7.428  8.959   0.979   1.00 28.68 ? 63   LYS   A N   1 
ATOM   368  C CA  . LYS   A 1 67  ? -7.197  10.313  0.504   1.00 30.88 ? 63   LYS   A CA  1 
ATOM   369  C C   . LYS   A 1 67  ? -7.140  11.286  1.679   1.00 30.13 ? 63   LYS   A C   1 
ATOM   370  O O   . LYS   A 1 67  ? -7.484  10.957  2.816   1.00 30.16 ? 63   LYS   A O   1 
ATOM   371  C CB  . LYS   A 1 67  ? -8.293  10.723  -0.490  1.00 32.76 ? 63   LYS   A CB  1 
ATOM   372  C CG  . LYS   A 1 67  ? -8.160  10.047  -1.866  1.00 31.97 ? 63   LYS   A CG  1 
ATOM   373  C CD  . LYS   A 1 67  ? -9.117  10.638  -2.901  1.00 33.02 ? 63   LYS   A CD  1 
ATOM   374  C CE  . LYS   A 1 67  ? -8.722  10.197  -4.312  1.00 37.38 ? 63   LYS   A CE  1 
ATOM   375  N NZ  . LYS   A 1 67  ? -9.582  10.764  -5.406  1.00 38.90 ? 63   LYS   A NZ  1 
ATOM   376  N N   . HIS   A 1 68  ? -6.696  12.505  1.391   1.00 30.43 ? 64   HIS   A N   1 
ATOM   377  C CA  . HIS   A 1 68  ? -6.607  13.539  2.410   1.00 30.71 ? 64   HIS   A CA  1 
ATOM   378  C C   . HIS   A 1 68  ? -6.772  14.894  1.736   1.00 33.53 ? 64   HIS   A C   1 
ATOM   379  O O   . HIS   A 1 68  ? -6.851  14.992  0.509   1.00 31.05 ? 64   HIS   A O   1 
ATOM   380  C CB  . HIS   A 1 68  ? -5.281  13.436  3.160   1.00 30.59 ? 64   HIS   A CB  1 
ATOM   381  C CG  . HIS   A 1 68  ? -4.101  13.401  2.253   1.00 31.77 ? 64   HIS   A CG  1 
ATOM   382  N ND1 . HIS   A 1 68  ? -3.710  14.494  1.512   1.00 33.03 ? 64   HIS   A ND1 1 
ATOM   383  C CD2 . HIS   A 1 68  ? -3.239  12.405  1.942   1.00 32.47 ? 64   HIS   A CD2 1 
ATOM   384  C CE1 . HIS   A 1 68  ? -2.640  14.180  0.803   1.00 33.80 ? 64   HIS   A CE1 1 
ATOM   385  N NE2 . HIS   A 1 68  ? -2.338  12.917  1.039   1.00 31.02 ? 64   HIS   A NE2 1 
ATOM   386  N N   . SER   A 1 69  ? -6.812  15.955  2.549   1.00 33.03 ? 65   SER   A N   1 
ATOM   387  C CA  . SER   A 1 69  ? -7.131  17.273  2.006   1.00 34.70 ? 65   SER   A CA  1 
ATOM   388  C C   . SER   A 1 69  ? -6.152  17.725  0.925   1.00 34.51 ? 65   SER   A C   1 
ATOM   389  O O   . SER   A 1 69  ? -6.487  18.615  0.140   1.00 35.22 ? 65   SER   A O   1 
ATOM   390  C CB  . SER   A 1 69  ? -7.182  18.308  3.129   1.00 34.92 ? 65   SER   A CB  1 
ATOM   391  O OG  . SER   A 1 69  ? -5.930  18.394  3.785   1.00 35.49 ? 65   SER   A OG  1 
ATOM   392  N N   . GLN   A 1 70  ? -4.960  17.144  0.843   1.00 33.57 ? 66   GLN   A N   1 
ATOM   393  C CA  . GLN   A 1 70  ? -4.026  17.551  -0.199  1.00 33.27 ? 66   GLN   A CA  1 
ATOM   394  C C   . GLN   A 1 70  ? -4.002  16.617  -1.406  1.00 35.32 ? 66   GLN   A C   1 
ATOM   395  O O   . GLN   A 1 70  ? -3.201  16.844  -2.321  1.00 34.38 ? 66   GLN   A O   1 
ATOM   396  C CB  . GLN   A 1 70  ? -2.614  17.706  0.382   1.00 36.81 ? 66   GLN   A CB  1 
ATOM   397  C CG  . GLN   A 1 70  ? -2.422  18.994  1.192   1.00 35.98 ? 66   GLN   A CG  1 
ATOM   398  C CD  . GLN   A 1 70  ? -0.968  19.234  1.607   1.00 44.55 ? 66   GLN   A CD  1 
ATOM   399  O OE1 . GLN   A 1 70  ? -0.148  19.703  0.812   1.00 41.48 ? 66   GLN   A OE1 1 
ATOM   400  N NE2 . GLN   A 1 70  ? -0.645  18.901  2.858   1.00 46.90 ? 66   GLN   A NE2 1 
ATOM   401  N N   . SER   A 1 71  ? -4.869  15.595  -1.452  1.00 33.94 ? 67   SER   A N   1 
ATOM   402  C CA  . SER   A 1 71  ? -4.961  14.740  -2.638  1.00 34.19 ? 67   SER   A CA  1 
ATOM   403  C C   . SER   A 1 71  ? -5.325  15.556  -3.869  1.00 37.18 ? 67   SER   A C   1 
ATOM   404  O O   . SER   A 1 71  ? -6.084  16.525  -3.795  1.00 39.49 ? 67   SER   A O   1 
ATOM   405  C CB  . SER   A 1 71  ? -6.012  13.638  -2.450  1.00 32.88 ? 67   SER   A CB  1 
ATOM   406  O OG  . SER   A 1 71  ? -5.690  12.794  -1.362  1.00 30.12 ? 67   SER   A OG  1 
ATOM   407  N N   . ARG   A 1 72  ? -4.806  15.127  -5.021  1.00 39.63 ? 68   ARG   A N   1 
ATOM   408  C CA  . ARG   A 1 72  ? -5.109  15.818  -6.271  1.00 39.38 ? 68   ARG   A CA  1 
ATOM   409  C C   . ARG   A 1 72  ? -6.599  16.090  -6.409  1.00 43.60 ? 68   ARG   A C   1 
ATOM   410  O O   . ARG   A 1 72  ? -7.000  17.180  -6.829  1.00 43.06 ? 68   ARG   A O   1 
ATOM   411  C CB  . ARG   A 1 72  ? -4.605  15.010  -7.461  1.00 46.44 ? 68   ARG   A CB  1 
ATOM   412  C CG  . ARG   A 1 72  ? -4.783  15.726  -8.787  1.00 52.89 ? 68   ARG   A CG  1 
ATOM   413  C CD  . ARG   A 1 72  ? -4.007  15.016  -9.881  1.00 60.19 ? 68   ARG   A CD  1 
ATOM   414  N NE  . ARG   A 1 72  ? -4.270  13.582  -9.863  1.00 60.86 ? 68   ARG   A NE  1 
ATOM   415  C CZ  . ARG   A 1 72  ? -3.479  12.666  -10.406 1.00 62.09 ? 68   ARG   A CZ  1 
ATOM   416  N NH1 . ARG   A 1 72  ? -2.344  12.997  -11.004 1.00 66.88 ? 68   ARG   A NH1 1 
ATOM   417  N NH2 . ARG   A 1 72  ? -3.833  11.385  -10.344 1.00 61.65 ? 68   ARG   A NH2 1 
ATOM   418  N N   . ARG   A 1 73  ? -7.439  15.115  -6.065  1.00 41.99 ? 69   ARG   A N   1 
ATOM   419  C CA  . ARG   A 1 73  ? -8.890  15.295  -6.055  1.00 40.84 ? 69   ARG   A CA  1 
ATOM   420  C C   . ARG   A 1 73  ? -9.389  14.871  -4.683  1.00 39.98 ? 69   ARG   A C   1 
ATOM   421  O O   . ARG   A 1 73  ? -9.586  13.672  -4.427  1.00 39.66 ? 69   ARG   A O   1 
ATOM   422  C CB  . ARG   A 1 73  ? -9.570  14.489  -7.160  1.00 43.45 ? 69   ARG   A CB  1 
ATOM   423  C CG  . ARG   A 1 73  ? -9.053  14.758  -8.572  1.00 46.73 ? 69   ARG   A CG  1 
ATOM   424  C CD  . ARG   A 1 73  ? -9.784  13.887  -9.580  1.00 51.11 ? 69   ARG   A CD  1 
ATOM   425  N NE  . ARG   A 1 73  ? -9.935  12.529  -9.068  1.00 59.54 ? 69   ARG   A NE  1 
ATOM   426  C CZ  . ARG   A 1 73  ? -10.610 11.557  -9.670  1.00 63.35 ? 69   ARG   A CZ  1 
ATOM   427  N NH1 . ARG   A 1 73  ? -11.203 11.748  -10.839 1.00 63.77 ? 69   ARG   A NH1 1 
ATOM   428  N NH2 . ARG   A 1 73  ? -10.695 10.363  -9.081  1.00 61.22 ? 69   ARG   A NH2 1 
ATOM   429  N N   . PRO   A 1 74  ? -9.606  15.832  -3.763  1.00 37.28 ? 70   PRO   A N   1 
ATOM   430  C CA  . PRO   A 1 74  ? -10.019 15.484  -2.396  1.00 36.16 ? 70   PRO   A CA  1 
ATOM   431  C C   . PRO   A 1 74  ? -11.490 15.100  -2.297  1.00 36.69 ? 70   PRO   A C   1 
ATOM   432  O O   . PRO   A 1 74  ? -12.239 15.655  -1.484  1.00 32.05 ? 70   PRO   A O   1 
ATOM   433  C CB  . PRO   A 1 74  ? -9.709  16.761  -1.605  1.00 38.29 ? 70   PRO   A CB  1 
ATOM   434  C CG  . PRO   A 1 74  ? -9.848  17.861  -2.606  1.00 35.67 ? 70   PRO   A CG  1 
ATOM   435  C CD  . PRO   A 1 74  ? -9.420  17.286  -3.938  1.00 39.03 ? 70   PRO   A CD  1 
ATOM   436  N N   . SER   A 1 75  ? -11.897 14.125  -3.112  1.00 35.61 ? 71   SER   A N   1 
ATOM   437  C CA  . SER   A 1 75  ? -13.271 13.648  -3.173  1.00 30.94 ? 71   SER   A CA  1 
ATOM   438  C C   . SER   A 1 75  ? -13.241 12.169  -3.518  1.00 34.41 ? 71   SER   A C   1 
ATOM   439  O O   . SER   A 1 75  ? -12.347 11.719  -4.236  1.00 33.90 ? 71   SER   A O   1 
ATOM   440  C CB  . SER   A 1 75  ? -14.071 14.412  -4.232  1.00 34.76 ? 71   SER   A CB  1 
ATOM   441  O OG  . SER   A 1 75  ? -15.467 14.238  -4.061  1.00 39.12 ? 71   SER   A OG  1 
ATOM   442  N N   . SER   A 1 76  ? -14.221 11.415  -3.009  1.00 34.47 ? 72   SER   A N   1 
ATOM   443  C CA  . SER   A 1 76  ? -14.320 9.988   -3.304  1.00 35.25 ? 72   SER   A CA  1 
ATOM   444  C C   . SER   A 1 76  ? -15.780 9.551   -3.279  1.00 34.25 ? 72   SER   A C   1 
ATOM   445  O O   . SER   A 1 76  ? -16.651 10.253  -2.759  1.00 34.99 ? 72   SER   A O   1 
ATOM   446  C CB  . SER   A 1 76  ? -13.527 9.141   -2.304  1.00 31.28 ? 72   SER   A CB  1 
ATOM   447  O OG  . SER   A 1 76  ? -14.276 8.950   -1.111  1.00 30.76 ? 72   SER   A OG  1 
ATOM   448  N N   . TRP   A 1 77  ? -16.030 8.349   -3.820  1.00 35.20 ? 73   TRP   A N   1 
ATOM   449  C CA  . TRP   A 1 77  ? -17.368 7.761   -3.756  1.00 34.12 ? 73   TRP   A CA  1 
ATOM   450  C C   . TRP   A 1 77  ? -17.897 7.731   -2.329  1.00 33.48 ? 73   TRP   A C   1 
ATOM   451  O O   . TRP   A 1 77  ? -19.107 7.839   -2.116  1.00 37.52 ? 73   TRP   A O   1 
ATOM   452  C CB  . TRP   A 1 77  ? -17.362 6.342   -4.355  1.00 37.02 ? 73   TRP   A CB  1 
ATOM   453  C CG  . TRP   A 1 77  ? -16.665 5.301   -3.505  1.00 34.03 ? 73   TRP   A CG  1 
ATOM   454  C CD1 . TRP   A 1 77  ? -15.344 4.960   -3.552  1.00 36.15 ? 73   TRP   A CD1 1 
ATOM   455  C CD2 . TRP   A 1 77  ? -17.253 4.478   -2.482  1.00 38.52 ? 73   TRP   A CD2 1 
ATOM   456  N NE1 . TRP   A 1 77  ? -15.075 3.982   -2.624  1.00 33.43 ? 73   TRP   A NE1 1 
ATOM   457  C CE2 . TRP   A 1 77  ? -16.228 3.668   -1.954  1.00 33.53 ? 73   TRP   A CE2 1 
ATOM   458  C CE3 . TRP   A 1 77  ? -18.551 4.346   -1.963  1.00 38.92 ? 73   TRP   A CE3 1 
ATOM   459  C CZ2 . TRP   A 1 77  ? -16.456 2.739   -0.934  1.00 33.77 ? 73   TRP   A CZ2 1 
ATOM   460  C CZ3 . TRP   A 1 77  ? -18.775 3.422   -0.944  1.00 36.44 ? 73   TRP   A CZ3 1 
ATOM   461  C CH2 . TRP   A 1 77  ? -17.731 2.637   -0.440  1.00 34.87 ? 73   TRP   A CH2 1 
ATOM   462  N N   . ARG   A 1 78  ? -17.006 7.611   -1.340  1.00 34.06 ? 74   ARG   A N   1 
ATOM   463  C CA  . ARG   A 1 78  ? -17.405 7.540   0.062   1.00 35.69 ? 74   ARG   A CA  1 
ATOM   464  C C   . ARG   A 1 78  ? -17.714 8.902   0.660   1.00 38.12 ? 74   ARG   A C   1 
ATOM   465  O O   . ARG   A 1 78  ? -18.501 8.991   1.610   1.00 35.66 ? 74   ARG   A O   1 
ATOM   466  C CB  . ARG   A 1 78  ? -16.298 6.925   0.932   1.00 37.30 ? 74   ARG   A CB  1 
ATOM   467  C CG  . ARG   A 1 78  ? -15.621 5.680   0.422   1.00 37.88 ? 74   ARG   A CG  1 
ATOM   468  C CD  . ARG   A 1 78  ? -14.659 5.146   1.484   1.00 34.54 ? 74   ARG   A CD  1 
ATOM   469  N NE  . ARG   A 1 78  ? -15.373 4.706   2.676   1.00 36.88 ? 74   ARG   A NE  1 
ATOM   470  C CZ  . ARG   A 1 78  ? -15.294 5.284   3.867   1.00 40.87 ? 74   ARG   A CZ  1 
ATOM   471  N NH1 . ARG   A 1 78  ? -14.481 6.315   4.089   1.00 42.85 ? 74   ARG   A NH1 1 
ATOM   472  N NH2 . ARG   A 1 78  ? -16.041 4.814   4.866   1.00 41.27 ? 74   ARG   A NH2 1 
ATOM   473  N N   . GLN   A 1 79  ? -17.070 9.960   0.175   1.00 34.36 ? 75   GLN   A N   1 
ATOM   474  C CA  . GLN   A 1 79  ? -17.121 11.237  0.881   1.00 34.34 ? 75   GLN   A CA  1 
ATOM   475  C C   . GLN   A 1 79  ? -16.910 12.345  -0.131  1.00 39.54 ? 75   GLN   A C   1 
ATOM   476  O O   . GLN   A 1 79  ? -15.851 12.395  -0.771  1.00 39.24 ? 75   GLN   A O   1 
ATOM   477  C CB  . GLN   A 1 79  ? -16.054 11.289  1.960   1.00 33.64 ? 75   GLN   A CB  1 
ATOM   478  C CG  . GLN   A 1 79  ? -16.189 12.421  2.933   1.00 37.53 ? 75   GLN   A CG  1 
ATOM   479  C CD  . GLN   A 1 79  ? -15.086 12.387  3.980   1.00 42.29 ? 75   GLN   A CD  1 
ATOM   480  O OE1 . GLN   A 1 79  ? -13.970 11.926  3.709   1.00 40.81 ? 75   GLN   A OE1 1 
ATOM   481  N NE2 . GLN   A 1 79  ? -15.395 12.857  5.184   1.00 43.85 ? 75   GLN   A NE2 1 
ATOM   482  N N   . GLU   A 1 80  ? -17.904 13.229  -0.267  1.00 40.50 ? 76   GLU   A N   1 
ATOM   483  C CA  . GLU   A 1 80  ? -17.835 14.286  -1.273  1.00 37.95 ? 76   GLU   A CA  1 
ATOM   484  C C   . GLU   A 1 80  ? -16.665 15.229  -1.011  1.00 37.10 ? 76   GLU   A C   1 
ATOM   485  O O   . GLU   A 1 80  ? -15.892 15.536  -1.924  1.00 36.77 ? 76   GLU   A O   1 
ATOM   486  C CB  . GLU   A 1 80  ? -19.148 15.063  -1.318  1.00 37.28 ? 76   GLU   A CB  1 
ATOM   487  C CG  . GLU   A 1 80  ? -19.193 16.020  -2.496  1.00 39.48 ? 76   GLU   A CG  1 
ATOM   488  C CD  . GLU   A 1 80  ? -20.603 16.378  -2.932  1.00 38.45 ? 76   GLU   A CD  1 
ATOM   489  O OE1 . GLU   A 1 80  ? -21.538 16.274  -2.108  1.00 36.23 ? 76   GLU   A OE1 1 
ATOM   490  O OE2 . GLU   A 1 80  ? -20.764 16.762  -4.116  1.00 39.44 ? 76   GLU   A OE2 1 
ATOM   491  N N   . LYS   A 1 81  ? -16.522 15.702  0.229   1.00 34.75 ? 77   LYS   A N   1 
ATOM   492  C CA  . LYS   A 1 81  ? -15.460 16.626  0.630   1.00 39.09 ? 77   LYS   A CA  1 
ATOM   493  C C   . LYS   A 1 81  ? -14.553 15.904  1.626   1.00 39.79 ? 77   LYS   A C   1 
ATOM   494  O O   . LYS   A 1 81  ? -14.905 15.744  2.800   1.00 41.75 ? 77   LYS   A O   1 
ATOM   495  C CB  . LYS   A 1 81  ? -16.048 17.902  1.237   1.00 40.50 ? 77   LYS   A CB  1 
ATOM   496  C CG  . LYS   A 1 81  ? -15.013 18.926  1.717   1.00 45.98 ? 77   LYS   A CG  1 
ATOM   497  C CD  . LYS   A 1 81  ? -15.678 20.109  2.431   1.00 43.86 ? 77   LYS   A CD  1 
ATOM   498  C CE  . LYS   A 1 81  ? -14.635 21.133  2.905   1.00 46.12 ? 77   LYS   A CE  1 
ATOM   499  N NZ  . LYS   A 1 81  ? -13.696 21.565  1.826   1.00 41.98 ? 77   LYS   A NZ  1 
ATOM   500  N N   . ILE   A 1 82  ? -13.386 15.476  1.163   1.00 37.83 ? 78   ILE   A N   1 
ATOM   501  C CA  . ILE   A 1 82  ? -12.436 14.801  2.041   1.00 36.55 ? 78   ILE   A CA  1 
ATOM   502  C C   . ILE   A 1 82  ? -11.638 15.852  2.796   1.00 35.63 ? 78   ILE   A C   1 
ATOM   503  O O   . ILE   A 1 82  ? -10.946 16.681  2.195   1.00 36.24 ? 78   ILE   A O   1 
ATOM   504  C CB  . ILE   A 1 82  ? -11.517 13.865  1.251   1.00 35.43 ? 78   ILE   A CB  1 
ATOM   505  C CG1 . ILE   A 1 82  ? -12.372 12.799  0.553   1.00 35.99 ? 78   ILE   A CG1 1 
ATOM   506  C CG2 . ILE   A 1 82  ? -10.473 13.243  2.182   1.00 33.55 ? 78   ILE   A CG2 1 
ATOM   507  C CD1 . ILE   A 1 82  ? -11.647 11.563  0.199   1.00 33.10 ? 78   ILE   A CD1 1 
ATOM   508  N N   . THR   A 1 83  ? -11.720 15.812  4.115   1.00 35.03 ? 79   THR   A N   1 
ATOM   509  C CA  . THR   A 1 83  ? -11.132 16.846  4.944   1.00 37.71 ? 79   THR   A CA  1 
ATOM   510  C C   . THR   A 1 83  ? -9.972  16.358  5.806   1.00 40.46 ? 79   THR   A C   1 
ATOM   511  O O   . THR   A 1 83  ? -9.202  17.189  6.302   1.00 36.26 ? 79   THR   A O   1 
ATOM   512  C CB  . THR   A 1 83  ? -12.223 17.455  5.832   1.00 36.88 ? 79   THR   A CB  1 
ATOM   513  O OG1 . THR   A 1 83  ? -12.859 16.415  6.587   1.00 39.59 ? 79   THR   A OG1 1 
ATOM   514  C CG2 . THR   A 1 83  ? -13.278 18.115  4.962   1.00 39.59 ? 79   THR   A CG2 1 
ATOM   515  N N   . ARG   A 1 84  ? -9.810  15.043  5.973   1.00 35.76 ? 80   ARG   A N   1 
ATOM   516  C CA  . ARG   A 1 84  ? -8.786  14.533  6.873   1.00 33.94 ? 80   ARG   A CA  1 
ATOM   517  C C   . ARG   A 1 84  ? -7.396  14.987  6.431   1.00 32.69 ? 80   ARG   A C   1 
ATOM   518  O O   . ARG   A 1 84  ? -7.102  15.099  5.236   1.00 31.97 ? 80   ARG   A O   1 
ATOM   519  C CB  . ARG   A 1 84  ? -8.845  13.005  6.944   1.00 33.76 ? 80   ARG   A CB  1 
ATOM   520  C CG  . ARG   A 1 84  ? -8.331  12.278  5.709   1.00 31.37 ? 80   ARG   A CG  1 
ATOM   521  C CD  . ARG   A 1 84  ? -8.353  10.762  5.935   1.00 30.07 ? 80   ARG   A CD  1 
ATOM   522  N NE  . ARG   A 1 84  ? -9.709  10.226  5.998   1.00 26.86 ? 80   ARG   A NE  1 
ATOM   523  C CZ  . ARG   A 1 84  ? -10.387 9.801   4.939   1.00 31.91 ? 80   ARG   A CZ  1 
ATOM   524  N NH1 . ARG   A 1 84  ? -9.870  9.860   3.719   1.00 28.52 ? 80   ARG   A NH1 1 
ATOM   525  N NH2 . ARG   A 1 84  ? -11.612 9.296   5.107   1.00 31.35 ? 80   ARG   A NH2 1 
ATOM   526  N N   . THR   A 1 85  ? -6.534  15.246  7.416   1.00 31.95 ? 81   THR   A N   1 
ATOM   527  C CA  . THR   A 1 85  ? -5.165  15.639  7.127   1.00 31.41 ? 81   THR   A CA  1 
ATOM   528  C C   . THR   A 1 85  ? -4.365  14.447  6.608   1.00 33.09 ? 81   THR   A C   1 
ATOM   529  O O   . THR   A 1 85  ? -4.704  13.284  6.837   1.00 28.08 ? 81   THR   A O   1 
ATOM   530  C CB  . THR   A 1 85  ? -4.475  16.206  8.377   1.00 32.24 ? 81   THR   A CB  1 
ATOM   531  O OG1 . THR   A 1 85  ? -4.414  15.209  9.410   1.00 31.01 ? 81   THR   A OG1 1 
ATOM   532  C CG2 . THR   A 1 85  ? -5.217  17.429  8.902   1.00 36.04 ? 81   THR   A CG2 1 
ATOM   533  N N   . LYS   A 1 86  ? -3.271  14.754  5.915   1.00 31.12 ? 82   LYS   A N   1 
ATOM   534  C CA  . LYS   A 1 86  ? -2.343  13.703  5.521   1.00 33.98 ? 82   LYS   A CA  1 
ATOM   535  C C   . LYS   A 1 86  ? -1.914  12.856  6.723   1.00 32.26 ? 82   LYS   A C   1 
ATOM   536  O O   . LYS   A 1 86  ? -1.733  11.638  6.602   1.00 32.69 ? 82   LYS   A O   1 
ATOM   537  C CB  . LYS   A 1 86  ? -1.125  14.318  4.825   1.00 35.63 ? 82   LYS   A CB  1 
ATOM   538  C CG  . LYS   A 1 86  ? -0.275  13.300  4.076   1.00 41.26 ? 82   LYS   A CG  1 
ATOM   539  C CD  . LYS   A 1 86  ? 1.145   13.811  3.758   1.00 44.92 ? 82   LYS   A CD  1 
ATOM   540  C CE  . LYS   A 1 86  ? 1.147   15.097  2.935   1.00 41.38 ? 82   LYS   A CE  1 
ATOM   541  N NZ  . LYS   A 1 86  ? 2.397   15.132  2.135   1.00 39.88 ? 82   LYS   A NZ  1 
ATOM   542  N N   . GLU   A 1 87  ? -1.746  13.480  7.895   1.00 30.42 ? 83   GLU   A N   1 
ATOM   543  C CA  . GLU   A 1 87  ? -1.314  12.710  9.062   1.00 30.96 ? 83   GLU   A CA  1 
ATOM   544  C C   . GLU   A 1 87  ? -2.429  11.795  9.545   1.00 30.93 ? 83   GLU   A C   1 
ATOM   545  O O   . GLU   A 1 87  ? -2.170  10.672  9.987   1.00 27.24 ? 83   GLU   A O   1 
ATOM   546  C CB  . GLU   A 1 87  ? -0.861  13.635  10.198  1.00 29.36 ? 83   GLU   A CB  1 
ATOM   547  C CG  . GLU   A 1 87  ? 0.394   14.469  9.902   1.00 37.12 ? 83   GLU   A CG  1 
ATOM   548  C CD  . GLU   A 1 87  ? 0.187   15.546  8.817   1.00 44.33 ? 83   GLU   A CD  1 
ATOM   549  O OE1 . GLU   A 1 87  ? -0.960  16.027  8.629   1.00 39.80 ? 83   GLU   A OE1 1 
ATOM   550  O OE2 . GLU   A 1 87  ? 1.183   15.898  8.138   1.00 47.65 ? 83   GLU   A OE2 1 
ATOM   551  N N   . GLU   A 1 88  ? -3.676  12.272  9.485   1.00 30.18 ? 84   GLU   A N   1 
ATOM   552  C CA  . GLU   A 1 88  ? -4.814  11.423  9.833   1.00 32.96 ? 84   GLU   A CA  1 
ATOM   553  C C   . GLU   A 1 88  ? -4.977  10.288  8.829   1.00 31.07 ? 84   GLU   A C   1 
ATOM   554  O O   . GLU   A 1 88  ? -5.307  9.156   9.206   1.00 31.94 ? 84   GLU   A O   1 
ATOM   555  C CB  . GLU   A 1 88  ? -6.090  12.262  9.906   1.00 31.95 ? 84   GLU   A CB  1 
ATOM   556  C CG  . GLU   A 1 88  ? -6.156  13.162  11.129  1.00 34.04 ? 84   GLU   A CG  1 
ATOM   557  C CD  . GLU   A 1 88  ? -7.251  14.201  11.040  1.00 36.32 ? 84   GLU   A CD  1 
ATOM   558  O OE1 . GLU   A 1 88  ? -7.705  14.516  9.920   1.00 33.55 ? 84   GLU   A OE1 1 
ATOM   559  O OE2 . GLU   A 1 88  ? -7.657  14.711  12.100  1.00 41.24 ? 84   GLU   A OE2 1 
ATOM   560  N N   . ALA   A 1 89  ? -4.748  10.571  7.548   1.00 29.09 ? 85   ALA   A N   1 
ATOM   561  C CA  . ALA   A 1 89  ? -4.797  9.514   6.544   1.00 27.55 ? 85   ALA   A CA  1 
ATOM   562  C C   . ALA   A 1 89  ? -3.730  8.455   6.811   1.00 29.05 ? 85   ALA   A C   1 
ATOM   563  O O   . ALA   A 1 89  ? -4.007  7.247   6.743   1.00 27.70 ? 85   ALA   A O   1 
ATOM   564  C CB  . ALA   A 1 89  ? -4.634  10.115  5.150   1.00 27.15 ? 85   ALA   A CB  1 
ATOM   565  N N   . LEU   A 1 90  ? -2.504  8.886   7.127   1.00 28.21 ? 86   LEU   A N   1 
ATOM   566  C CA  . LEU   A 1 90  ? -1.450  7.918   7.411   1.00 25.94 ? 86   LEU   A CA  1 
ATOM   567  C C   . LEU   A 1 90  ? -1.799  7.069   8.627   1.00 28.46 ? 86   LEU   A C   1 
ATOM   568  O O   . LEU   A 1 90  ? -1.488  5.877   8.659   1.00 26.99 ? 86   LEU   A O   1 
ATOM   569  C CB  . LEU   A 1 90  ? -0.109  8.620   7.607   1.00 25.44 ? 86   LEU   A CB  1 
ATOM   570  C CG  . LEU   A 1 90  ? 1.091   7.734   7.986   1.00 27.63 ? 86   LEU   A CG  1 
ATOM   571  C CD1 . LEU   A 1 90  ? 1.291   6.568   7.007   1.00 23.46 ? 86   LEU   A CD1 1 
ATOM   572  C CD2 . LEU   A 1 90  ? 2.365   8.578   8.073   1.00 27.26 ? 86   LEU   A CD2 1 
ATOM   573  N N   . GLU   A 1 91  ? -2.441  7.658   9.643   1.00 27.79 ? 87   GLU   A N   1 
ATOM   574  C CA  . GLU   A 1 91  ? -2.824  6.856   10.805  1.00 29.19 ? 87   GLU   A CA  1 
ATOM   575  C C   . GLU   A 1 91  ? -3.901  5.829   10.457  1.00 28.11 ? 87   GLU   A C   1 
ATOM   576  O O   . GLU   A 1 91  ? -3.880  4.704   10.975  1.00 24.94 ? 87   GLU   A O   1 
ATOM   577  C CB  . GLU   A 1 91  ? -3.273  7.761   11.951  1.00 36.42 ? 87   GLU   A CB  1 
ATOM   578  C CG  . GLU   A 1 91  ? -2.066  8.386   12.687  1.00 46.35 ? 87   GLU   A CG  1 
ATOM   579  C CD  . GLU   A 1 91  ? -2.413  9.632   13.504  1.00 56.02 ? 87   GLU   A CD  1 
ATOM   580  O OE1 . GLU   A 1 91  ? -3.574  10.113  13.420  1.00 53.90 ? 87   GLU   A OE1 1 
ATOM   581  O OE2 . GLU   A 1 91  ? -1.512  10.132  14.227  1.00 57.15 ? 87   GLU   A OE2 1 
ATOM   582  N N   . LEU   A 1 92  ? -4.847  6.187   9.584   1.00 22.98 ? 88   LEU   A N   1 
ATOM   583  C CA  . LEU   A 1 92  ? -5.835  5.211   9.145   1.00 24.82 ? 88   LEU   A CA  1 
ATOM   584  C C   . LEU   A 1 92  ? -5.170  4.071   8.385   1.00 24.91 ? 88   LEU   A C   1 
ATOM   585  O O   . LEU   A 1 92  ? -5.470  2.892   8.615   1.00 22.93 ? 88   LEU   A O   1 
ATOM   586  C CB  . LEU   A 1 92  ? -6.898  5.888   8.277   1.00 24.27 ? 88   LEU   A CB  1 
ATOM   587  C CG  . LEU   A 1 92  ? -7.900  6.782   9.020   1.00 29.54 ? 88   LEU   A CG  1 
ATOM   588  C CD1 . LEU   A 1 92  ? -8.587  7.794   8.085   1.00 28.57 ? 88   LEU   A CD1 1 
ATOM   589  C CD2 . LEU   A 1 92  ? -8.951  5.945   9.733   1.00 26.30 ? 88   LEU   A CD2 1 
ATOM   590  N N   . ILE   A 1 93  ? -4.271  4.409   7.461   1.00 23.12 ? 89   ILE   A N   1 
ATOM   591  C CA  . ILE   A 1 93  ? -3.539  3.391   6.718   1.00 23.99 ? 89   ILE   A CA  1 
ATOM   592  C C   . ILE   A 1 93  ? -2.795  2.464   7.678   1.00 25.50 ? 89   ILE   A C   1 
ATOM   593  O O   . ILE   A 1 93  ? -2.841  1.232   7.544   1.00 22.27 ? 89   ILE   A O   1 
ATOM   594  C CB  . ILE   A 1 93  ? -2.591  4.069   5.709   1.00 22.99 ? 89   ILE   A CB  1 
ATOM   595  C CG1 . ILE   A 1 93  ? -3.386  4.602   4.505   1.00 24.29 ? 89   ILE   A CG1 1 
ATOM   596  C CG2 . ILE   A 1 93  ? -1.456  3.125   5.285   1.00 22.38 ? 89   ILE   A CG2 1 
ATOM   597  C CD1 . ILE   A 1 93  ? -3.726  3.545   3.437   1.00 22.67 ? 89   ILE   A CD1 1 
ATOM   598  N N   . ASN   A 1 94  ? -2.124  3.039   8.679   1.00 23.20 ? 90   ASN   A N   1 
ATOM   599  C CA  . ASN   A 1 94  ? -1.369  2.226   9.624   1.00 23.30 ? 90   ASN   A CA  1 
ATOM   600  C C   . ASN   A 1 94  ? -2.273  1.269   10.387  1.00 24.77 ? 90   ASN   A C   1 
ATOM   601  O O   . ASN   A 1 94  ? -1.907  0.112   10.612  1.00 24.51 ? 90   ASN   A O   1 
ATOM   602  C CB  . ASN   A 1 94  ? -0.601  3.133   10.579  1.00 22.83 ? 90   ASN   A CB  1 
ATOM   603  C CG  . ASN   A 1 94  ? 0.622   3.736   9.933   1.00 28.15 ? 90   ASN   A CG  1 
ATOM   604  O OD1 . ASN   A 1 94  ? 1.226   3.136   9.044   1.00 32.15 ? 90   ASN   A OD1 1 
ATOM   605  N ND2 . ASN   A 1 94  ? 1.011   4.912   10.388  1.00 31.28 ? 90   ASN   A ND2 1 
ATOM   606  N N   . GLY   A 1 95  ? -3.467  1.726   10.775  1.00 24.07 ? 91   GLY   A N   1 
ATOM   607  C CA  . GLY   A 1 95  ? -4.406  0.828   11.433  1.00 23.69 ? 91   GLY   A CA  1 
ATOM   608  C C   . GLY   A 1 95  ? -4.847  -0.312  10.536  1.00 28.35 ? 91   GLY   A C   1 
ATOM   609  O O   . GLY   A 1 95  ? -4.938  -1.465  10.974  1.00 25.25 ? 91   GLY   A O   1 
ATOM   610  N N   . TYR   A 1 96  ? -5.131  -0.012  9.262   1.00 25.07 ? 92   TYR   A N   1 
ATOM   611  C CA  . TYR   A 1 96  ? -5.567  -1.052  8.338   1.00 26.07 ? 92   TYR   A CA  1 
ATOM   612  C C   . TYR   A 1 96  ? -4.471  -2.084  8.137   1.00 24.14 ? 92   TYR   A C   1 
ATOM   613  O O   . TYR   A 1 96  ? -4.724  -3.294  8.154   1.00 24.92 ? 92   TYR   A O   1 
ATOM   614  C CB  . TYR   A 1 96  ? -5.958  -0.446  6.987   1.00 23.49 ? 92   TYR   A CB  1 
ATOM   615  C CG  . TYR   A 1 96  ? -7.142  0.502   7.010   1.00 26.62 ? 92   TYR   A CG  1 
ATOM   616  C CD1 . TYR   A 1 96  ? -8.212  0.309   7.883   1.00 27.52 ? 92   TYR   A CD1 1 
ATOM   617  C CD2 . TYR   A 1 96  ? -7.186  1.591   6.145   1.00 24.91 ? 92   TYR   A CD2 1 
ATOM   618  C CE1 . TYR   A 1 96  ? -9.288  1.185   7.893   1.00 29.45 ? 92   TYR   A CE1 1 
ATOM   619  C CE2 . TYR   A 1 96  ? -8.250  2.457   6.142   1.00 26.42 ? 92   TYR   A CE2 1 
ATOM   620  C CZ  . TYR   A 1 96  ? -9.296  2.257   7.015   1.00 29.00 ? 92   TYR   A CZ  1 
ATOM   621  O OH  . TYR   A 1 96  ? -10.341 3.146   7.010   1.00 27.50 ? 92   TYR   A OH  1 
ATOM   622  N N   . ILE   A 1 97  ? -3.240  -1.618  7.908   1.00 24.19 ? 93   ILE   A N   1 
ATOM   623  C CA  . ILE   A 1 97  ? -2.115  -2.538  7.780   1.00 21.54 ? 93   ILE   A CA  1 
ATOM   624  C C   . ILE   A 1 97  ? -2.035  -3.429  9.015   1.00 25.17 ? 93   ILE   A C   1 
ATOM   625  O O   . ILE   A 1 97  ? -1.883  -4.652  8.911   1.00 22.92 ? 93   ILE   A O   1 
ATOM   626  C CB  . ILE   A 1 97  ? -0.809  -1.759  7.539   1.00 22.24 ? 93   ILE   A CB  1 
ATOM   627  C CG1 . ILE   A 1 97  ? -0.840  -1.119  6.146   1.00 21.98 ? 93   ILE   A CG1 1 
ATOM   628  C CG2 . ILE   A 1 97  ? 0.417   -2.659  7.719   1.00 21.96 ? 93   ILE   A CG2 1 
ATOM   629  C CD1 . ILE   A 1 97  ? 0.360   -0.215  5.863   1.00 25.30 ? 93   ILE   A CD1 1 
ATOM   630  N N   . GLN   A 1 98  ? -2.185  -2.836  10.206  1.00 21.86 ? 94   GLN   A N   1 
ATOM   631  C CA  . GLN   A 1 98  ? -2.154  -3.649  11.419  1.00 26.34 ? 94   GLN   A CA  1 
ATOM   632  C C   . GLN   A 1 98  ? -3.194  -4.762  11.360  1.00 26.92 ? 94   GLN   A C   1 
ATOM   633  O O   . GLN   A 1 98  ? -2.880  -5.933  11.597  1.00 26.74 ? 94   GLN   A O   1 
ATOM   634  C CB  . GLN   A 1 98  ? -2.390  -2.786  12.661  1.00 27.36 ? 94   GLN   A CB  1 
ATOM   635  C CG  . GLN   A 1 98  ? -1.246  -1.879  13.050  1.00 29.91 ? 94   GLN   A CG  1 
ATOM   636  C CD  . GLN   A 1 98  ? -1.440  -1.313  14.463  1.00 35.34 ? 94   GLN   A CD  1 
ATOM   637  O OE1 . GLN   A 1 98  ? -2.570  -1.119  14.923  1.00 38.39 ? 94   GLN   A OE1 1 
ATOM   638  N NE2 . GLN   A 1 98  ? -0.337  -1.085  15.163  1.00 36.52 ? 94   GLN   A NE2 1 
ATOM   639  N N   . LYS   A 1 99  ? -4.453  -4.412  11.086  1.00 26.91 ? 95   LYS   A N   1 
ATOM   640  C CA  . LYS   A 1 99  ? -5.502  -5.425  11.125  1.00 27.59 ? 95   LYS   A CA  1 
ATOM   641  C C   . LYS   A 1 99  ? -5.336  -6.437  10.005  1.00 27.97 ? 95   LYS   A C   1 
ATOM   642  O O   . LYS   A 1 99  ? -5.729  -7.603  10.159  1.00 28.05 ? 95   LYS   A O   1 
ATOM   643  C CB  . LYS   A 1 99  ? -6.887  -4.775  11.054  1.00 32.01 ? 95   LYS   A CB  1 
ATOM   644  C CG  . LYS   A 1 99  ? -7.206  -3.866  12.247  1.00 37.24 ? 95   LYS   A CG  1 
ATOM   645  C CD  . LYS   A 1 99  ? -8.648  -3.340  12.206  1.00 43.83 ? 95   LYS   A CD  1 
ATOM   646  C CE  . LYS   A 1 99  ? -8.741  -1.907  12.804  1.00 51.81 ? 95   LYS   A CE  1 
ATOM   647  N NZ  . LYS   A 1 99  ? -8.252  -0.776  11.892  1.00 43.71 ? 95   LYS   A NZ  1 
ATOM   648  N N   . ILE   A 1 100 ? -4.770  -6.019  8.872   1.00 23.33 ? 96   ILE   A N   1 
ATOM   649  C CA  . ILE   A 1 100 ? -4.514  -6.971  7.797   1.00 25.78 ? 96   ILE   A CA  1 
ATOM   650  C C   . ILE   A 1 100 ? -3.410  -7.929  8.210   1.00 25.69 ? 96   ILE   A C   1 
ATOM   651  O O   . ILE   A 1 100 ? -3.500  -9.142  7.986   1.00 23.91 ? 96   ILE   A O   1 
ATOM   652  C CB  . ILE   A 1 100 ? -4.154  -6.232  6.494   1.00 26.36 ? 96   ILE   A CB  1 
ATOM   653  C CG1 . ILE   A 1 100 ? -5.380  -5.484  5.942   1.00 24.45 ? 96   ILE   A CG1 1 
ATOM   654  C CG2 . ILE   A 1 100 ? -3.550  -7.201  5.451   1.00 21.35 ? 96   ILE   A CG2 1 
ATOM   655  C CD1 . ILE   A 1 100 ? -5.028  -4.476  4.848   1.00 24.34 ? 96   ILE   A CD1 1 
ATOM   656  N N   . LYS   A 1 101 ? -2.351  -7.403  8.826   1.00 21.89 ? 97   LYS   A N   1 
ATOM   657  C CA  . LYS   A 1 101 ? -1.234  -8.267  9.193   1.00 24.98 ? 97   LYS   A CA  1 
ATOM   658  C C   . LYS   A 1 101 ? -1.625  -9.230  10.310  1.00 26.66 ? 97   LYS   A C   1 
ATOM   659  O O   . LYS   A 1 101 ? -1.163  -10.378 10.335  1.00 24.98 ? 97   LYS   A O   1 
ATOM   660  C CB  . LYS   A 1 101 ? -0.019  -7.431  9.592   1.00 24.33 ? 97   LYS   A CB  1 
ATOM   661  C CG  . LYS   A 1 101 ? 0.732   -6.794  8.426   1.00 25.26 ? 97   LYS   A CG  1 
ATOM   662  C CD  . LYS   A 1 101 ? 2.185   -6.555  8.812   1.00 29.83 ? 97   LYS   A CD  1 
ATOM   663  C CE  . LYS   A 1 101 ? 2.937   -5.777  7.742   1.00 29.83 ? 97   LYS   A CE  1 
ATOM   664  N NZ  . LYS   A 1 101 ? 4.337   -5.478  8.155   1.00 31.10 ? 97   LYS   A NZ  1 
ATOM   665  N N   . SER   A 1 102 ? -2.468  -8.782  11.243  1.00 24.09 ? 98   SER   A N   1 
ATOM   666  C CA  . SER   A 1 102 ? -2.897  -9.637  12.345  1.00 24.14 ? 98   SER   A CA  1 
ATOM   667  C C   . SER   A 1 102 ? -3.912  -10.680 11.906  1.00 30.71 ? 98   SER   A C   1 
ATOM   668  O O   . SER   A 1 102 ? -4.133  -11.656 12.633  1.00 27.56 ? 98   SER   A O   1 
ATOM   669  C CB  . SER   A 1 102 ? -3.515  -8.807  13.458  1.00 26.20 ? 98   SER   A CB  1 
ATOM   670  O OG  . SER   A 1 102 ? -4.773  -8.318  13.042  1.00 25.83 ? 98   SER   A OG  1 
ATOM   671  N N   . GLY   A 1 103 ? -4.535  -10.501 10.741  1.00 28.67 ? 99   GLY   A N   1 
ATOM   672  C CA  . GLY   A 1 103 ? -5.599  -11.373 10.332  1.00 29.20 ? 99   GLY   A CA  1 
ATOM   673  C C   . GLY   A 1 103 ? -6.959  -11.029 10.902  1.00 30.69 ? 99   GLY   A C   1 
ATOM   674  O O   . GLY   A 1 103 ? -7.926  -11.730 10.601  1.00 30.98 ? 99   GLY   A O   1 
ATOM   675  N N   . GLU   A 1 104 ? -7.074  -9.982  11.717  1.00 27.73 ? 100  GLU   A N   1 
ATOM   676  C CA  . GLU   A 1 104 ? -8.402  -9.567  12.150  1.00 32.56 ? 100  GLU   A CA  1 
ATOM   677  C C   . GLU   A 1 104 ? -9.270  -9.184  10.958  1.00 33.17 ? 100  GLU   A C   1 
ATOM   678  O O   . GLU   A 1 104 ? -10.488 -9.388  10.980  1.00 35.50 ? 100  GLU   A O   1 
ATOM   679  C CB  . GLU   A 1 104 ? -8.319  -8.385  13.115  1.00 30.57 ? 100  GLU   A CB  1 
ATOM   680  C CG  . GLU   A 1 104 ? -7.366  -8.546  14.279  1.00 38.91 ? 100  GLU   A CG  1 
ATOM   681  C CD  . GLU   A 1 104 ? -7.143  -7.209  15.008  1.00 45.07 ? 100  GLU   A CD  1 
ATOM   682  O OE1 . GLU   A 1 104 ? -8.156  -6.570  15.385  1.00 46.72 ? 100  GLU   A OE1 1 
ATOM   683  O OE2 . GLU   A 1 104 ? -5.973  -6.781  15.168  1.00 41.54 ? 100  GLU   A OE2 1 
ATOM   684  N N   . GLU   A 1 105 ? -8.671  -8.617  9.920   1.00 31.98 ? 101  GLU   A N   1 
ATOM   685  C CA  . GLU   A 1 105 ? -9.399  -8.187  8.738   1.00 34.31 ? 101  GLU   A CA  1 
ATOM   686  C C   . GLU   A 1 105 ? -8.683  -8.695  7.499   1.00 32.81 ? 101  GLU   A C   1 
ATOM   687  O O   . GLU   A 1 105 ? -7.478  -8.949  7.527   1.00 32.00 ? 101  GLU   A O   1 
ATOM   688  C CB  . GLU   A 1 105 ? -9.521  -6.661  8.669   1.00 33.83 ? 101  GLU   A CB  1 
ATOM   689  C CG  . GLU   A 1 105 ? -10.353 -6.057  9.767   1.00 38.66 ? 101  GLU   A CG  1 
ATOM   690  C CD  . GLU   A 1 105 ? -11.824 -6.400  9.623   1.00 41.58 ? 101  GLU   A CD  1 
ATOM   691  O OE1 . GLU   A 1 105 ? -12.203 -7.061  8.623   1.00 41.95 ? 101  GLU   A OE1 1 
ATOM   692  O OE2 . GLU   A 1 105 ? -12.598 -5.999  10.514  1.00 47.05 ? 101  GLU   A OE2 1 
ATOM   693  N N   . ASP   A 1 106 ? -9.443  -8.851  6.416   1.00 28.41 ? 102  ASP   A N   1 
ATOM   694  C CA  . ASP   A 1 106 ? -8.891  -9.152  5.104   1.00 29.02 ? 102  ASP   A CA  1 
ATOM   695  C C   . ASP   A 1 106 ? -8.605  -7.856  4.367   1.00 27.78 ? 102  ASP   A C   1 
ATOM   696  O O   . ASP   A 1 106 ? -9.374  -6.894  4.457   1.00 28.29 ? 102  ASP   A O   1 
ATOM   697  C CB  . ASP   A 1 106 ? -9.860  -9.990  4.261   1.00 32.27 ? 102  ASP   A CB  1 
ATOM   698  C CG  . ASP   A 1 106 ? -9.946  -11.420 4.716   1.00 44.45 ? 102  ASP   A CG  1 
ATOM   699  O OD1 . ASP   A 1 106 ? -8.932  -11.933 5.265   1.00 43.19 ? 102  ASP   A OD1 1 
ATOM   700  O OD2 . ASP   A 1 106 ? -11.029 -12.029 4.506   1.00 47.22 ? 102  ASP   A OD2 1 
ATOM   701  N N   . PHE   A 1 107 ? -7.503  -7.844  3.620   1.00 27.28 ? 103  PHE   A N   1 
ATOM   702  C CA  . PHE   A 1 107 ? -7.237  -6.723  2.728   1.00 27.16 ? 103  PHE   A CA  1 
ATOM   703  C C   . PHE   A 1 107 ? -8.463  -6.411  1.872   1.00 25.44 ? 103  PHE   A C   1 
ATOM   704  O O   . PHE   A 1 107 ? -8.881  -5.255  1.763   1.00 24.17 ? 103  PHE   A O   1 
ATOM   705  C CB  . PHE   A 1 107 ? -6.032  -7.038  1.839   1.00 27.52 ? 103  PHE   A CB  1 
ATOM   706  C CG  . PHE   A 1 107 ? -5.782  -5.995  0.797   1.00 29.09 ? 103  PHE   A CG  1 
ATOM   707  C CD1 . PHE   A 1 107 ? -6.458  -6.038  -0.421  1.00 28.66 ? 103  PHE   A CD1 1 
ATOM   708  C CD2 . PHE   A 1 107 ? -4.908  -4.945  1.045   1.00 27.20 ? 103  PHE   A CD2 1 
ATOM   709  C CE1 . PHE   A 1 107 ? -6.249  -5.059  -1.376  1.00 29.34 ? 103  PHE   A CE1 1 
ATOM   710  C CE2 . PHE   A 1 107 ? -4.691  -3.963  0.093   1.00 25.16 ? 103  PHE   A CE2 1 
ATOM   711  C CZ  . PHE   A 1 107 ? -5.357  -4.022  -1.118  1.00 23.35 ? 103  PHE   A CZ  1 
ATOM   712  N N   . GLU   A 1 108 ? -9.057  -7.443  1.258   1.00 25.39 ? 104  GLU   A N   1 
ATOM   713  C CA  . GLU   A 1 108 ? -10.180 -7.218  0.344   1.00 28.31 ? 104  GLU   A CA  1 
ATOM   714  C C   . GLU   A 1 108 ? -11.352 -6.568  1.057   1.00 27.66 ? 104  GLU   A C   1 
ATOM   715  O O   . GLU   A 1 108 ? -12.065 -5.737  0.478   1.00 28.57 ? 104  GLU   A O   1 
ATOM   716  C CB  . GLU   A 1 108 ? -10.636 -8.538  -0.288  1.00 28.88 ? 104  GLU   A CB  1 
ATOM   717  C CG  . GLU   A 1 108 ? -9.638  -9.163  -1.231  1.00 30.71 ? 104  GLU   A CG  1 
ATOM   718  C CD  . GLU   A 1 108 ? -8.644  -10.075 -0.538  1.00 33.74 ? 104  GLU   A CD  1 
ATOM   719  O OE1 . GLU   A 1 108 ? -8.456  -9.969  0.696   1.00 28.50 ? 104  GLU   A OE1 1 
ATOM   720  O OE2 . GLU   A 1 108 ? -8.046  -10.910 -1.244  1.00 36.23 ? 104  GLU   A OE2 1 
ATOM   721  N N   . SER   A 1 109 ? -11.595 -6.968  2.302   1.00 28.17 ? 105  SER   A N   1 
ATOM   722  C CA  . SER   A 1 109 ? -12.732 -6.440  3.038   1.00 31.27 ? 105  SER   A CA  1 
ATOM   723  C C   . SER   A 1 109 ? -12.526 -4.964  3.379   1.00 27.62 ? 105  SER   A C   1 
ATOM   724  O O   . SER   A 1 109 ? -13.456 -4.155  3.253   1.00 28.05 ? 105  SER   A O   1 
ATOM   725  C CB  . SER   A 1 109 ? -12.962 -7.278  4.292   1.00 29.71 ? 105  SER   A CB  1 
ATOM   726  O OG  . SER   A 1 109 ? -13.896 -6.659  5.154   1.00 36.07 ? 105  SER   A OG  1 
ATOM   727  N N   . LEU   A 1 110 ? -11.307 -4.593  3.785   1.00 28.25 ? 106  LEU   A N   1 
ATOM   728  C CA  . LEU   A 1 110 ? -11.013 -3.199  4.106   1.00 25.03 ? 106  LEU   A CA  1 
ATOM   729  C C   . LEU   A 1 110 ? -11.000 -2.331  2.857   1.00 24.13 ? 106  LEU   A C   1 
ATOM   730  O O   . LEU   A 1 110 ? -11.484 -1.196  2.885   1.00 25.02 ? 106  LEU   A O   1 
ATOM   731  C CB  . LEU   A 1 110 ? -9.678  -3.099  4.836   1.00 23.53 ? 106  LEU   A CB  1 
ATOM   732  C CG  . LEU   A 1 110 ? -9.615  -3.805  6.197   1.00 25.45 ? 106  LEU   A CG  1 
ATOM   733  C CD1 . LEU   A 1 110 ? -8.336  -3.434  6.913   1.00 23.65 ? 106  LEU   A CD1 1 
ATOM   734  C CD2 . LEU   A 1 110 ? -10.811 -3.466  7.061   1.00 25.07 ? 106  LEU   A CD2 1 
ATOM   735  N N   . ALA   A 1 111 ? -10.422 -2.825  1.757   1.00 22.02 ? 107  ALA   A N   1 
ATOM   736  C CA  . ALA   A 1 111 ? -10.503 -2.074  0.505   1.00 23.53 ? 107  ALA   A CA  1 
ATOM   737  C C   . ALA   A 1 111 ? -11.955 -1.822  0.126   1.00 26.59 ? 107  ALA   A C   1 
ATOM   738  O O   . ALA   A 1 111 ? -12.319 -0.710  -0.273  1.00 24.92 ? 107  ALA   A O   1 
ATOM   739  C CB  . ALA   A 1 111 ? -9.782  -2.815  -0.622  1.00 23.86 ? 107  ALA   A CB  1 
ATOM   740  N N   . SER   A 1 112 ? -12.800 -2.848  0.247   1.00 26.82 ? 108  SER   A N   1 
ATOM   741  C CA  . SER   A 1 112 ? -14.196 -2.707  -0.150  1.00 24.85 ? 108  SER   A CA  1 
ATOM   742  C C   . SER   A 1 112 ? -14.901 -1.662  0.699   1.00 27.66 ? 108  SER   A C   1 
ATOM   743  O O   . SER   A 1 112 ? -15.649 -0.831  0.180   1.00 27.66 ? 108  SER   A O   1 
ATOM   744  C CB  . SER   A 1 112 ? -14.906 -4.057  -0.035  1.00 27.60 ? 108  SER   A CB  1 
ATOM   745  O OG  . SER   A 1 112 ? -14.382 -4.978  -0.977  1.00 28.61 ? 108  SER   A OG  1 
ATOM   746  N N   . GLN   A 1 113 ? -14.661 -1.674  2.002   1.00 24.34 ? 109  GLN   A N   1 
ATOM   747  C CA  . GLN   A 1 113 ? -15.377 -0.764  2.879   1.00 28.98 ? 109  GLN   A CA  1 
ATOM   748  C C   . GLN   A 1 113 ? -14.807 0.641   2.872   1.00 28.73 ? 109  GLN   A C   1 
ATOM   749  O O   . GLN   A 1 113 ? -15.559 1.604   3.032   1.00 34.21 ? 109  GLN   A O   1 
ATOM   750  C CB  . GLN   A 1 113 ? -15.354 -1.282  4.309   1.00 30.23 ? 109  GLN   A CB  1 
ATOM   751  C CG  . GLN   A 1 113 ? -16.059 -2.599  4.518   1.00 28.84 ? 109  GLN   A CG  1 
ATOM   752  C CD  . GLN   A 1 113 ? -15.834 -3.103  5.914   1.00 37.00 ? 109  GLN   A CD  1 
ATOM   753  O OE1 . GLN   A 1 113 ? -16.368 -2.544  6.878   1.00 40.48 ? 109  GLN   A OE1 1 
ATOM   754  N NE2 . GLN   A 1 113 ? -15.001 -4.133  6.046   1.00 32.75 ? 109  GLN   A NE2 1 
ATOM   755  N N   . PHE   A 1 114 ? -13.495 0.792   2.727   1.00 29.92 ? 110  PHE   A N   1 
ATOM   756  C CA  . PHE   A 1 114 ? -12.865 2.042   3.112   1.00 28.25 ? 110  PHE   A CA  1 
ATOM   757  C C   . PHE   A 1 114 ? -11.970 2.673   2.060   1.00 26.76 ? 110  PHE   A C   1 
ATOM   758  O O   . PHE   A 1 114 ? -11.506 3.791   2.290   1.00 27.05 ? 110  PHE   A O   1 
ATOM   759  C CB  . PHE   A 1 114 ? -12.043 1.852   4.397   1.00 29.08 ? 110  PHE   A CB  1 
ATOM   760  C CG  . PHE   A 1 114 ? -12.856 1.384   5.569   1.00 30.21 ? 110  PHE   A CG  1 
ATOM   761  C CD1 . PHE   A 1 114 ? -13.970 2.098   5.988   1.00 34.31 ? 110  PHE   A CD1 1 
ATOM   762  C CD2 . PHE   A 1 114 ? -12.508 0.234   6.257   1.00 28.93 ? 110  PHE   A CD2 1 
ATOM   763  C CE1 . PHE   A 1 114 ? -14.733 1.664   7.069   1.00 31.67 ? 110  PHE   A CE1 1 
ATOM   764  C CE2 . PHE   A 1 114 ? -13.258 -0.204  7.342   1.00 29.61 ? 110  PHE   A CE2 1 
ATOM   765  C CZ  . PHE   A 1 114 ? -14.372 0.516   7.749   1.00 31.96 ? 110  PHE   A CZ  1 
ATOM   766  N N   . SER   A 1 115 ? -11.704 2.024   0.933   1.00 26.10 ? 111  SER   A N   1 
ATOM   767  C CA  . SER   A 1 115 ? -10.805 2.621   -0.049  1.00 23.75 ? 111  SER   A CA  1 
ATOM   768  C C   . SER   A 1 115 ? -11.490 3.801   -0.732  1.00 29.37 ? 111  SER   A C   1 
ATOM   769  O O   . SER   A 1 115 ? -12.637 3.686   -1.172  1.00 29.45 ? 111  SER   A O   1 
ATOM   770  C CB  . SER   A 1 115 ? -10.382 1.589   -1.092  1.00 25.87 ? 111  SER   A CB  1 
ATOM   771  O OG  . SER   A 1 115 ? -9.497  2.157   -2.058  1.00 23.01 ? 111  SER   A OG  1 
ATOM   772  N N   . ASP   A 1 116 ? -10.775 4.935   -0.834  1.00 27.93 ? 112  ASP   A N   1 
ATOM   773  C CA  . ASP   A 1 116 ? -11.296 6.146   -1.471  1.00 28.53 ? 112  ASP   A CA  1 
ATOM   774  C C   . ASP   A 1 116 ? -11.156 6.105   -2.987  1.00 32.50 ? 112  ASP   A C   1 
ATOM   775  O O   . ASP   A 1 116 ? -10.986 7.143   -3.634  1.00 35.25 ? 112  ASP   A O   1 
ATOM   776  C CB  . ASP   A 1 116 ? -10.587 7.383   -0.919  1.00 27.73 ? 112  ASP   A CB  1 
ATOM   777  C CG  . ASP   A 1 116 ? -11.137 7.807   0.413   1.00 28.20 ? 112  ASP   A CG  1 
ATOM   778  O OD1 . ASP   A 1 116 ? -12.377 7.940   0.514   1.00 29.91 ? 112  ASP   A OD1 1 
ATOM   779  O OD2 . ASP   A 1 116 ? -10.342 7.989   1.364   1.00 28.37 ? 112  ASP   A OD2 1 
ATOM   780  N N   . CYS   A 1 117 ? -11.235 4.913   -3.561  1.00 30.26 ? 113  CYS   A N   1 
ATOM   781  C CA  . CYS   A 1 117 ? -11.008 4.698   -4.976  1.00 28.01 ? 113  CYS   A CA  1 
ATOM   782  C C   . CYS   A 1 117 ? -12.174 3.900   -5.530  1.00 30.68 ? 113  CYS   A C   1 
ATOM   783  O O   . CYS   A 1 117 ? -12.800 3.114   -4.814  1.00 30.21 ? 113  CYS   A O   1 
ATOM   784  C CB  . CYS   A 1 117 ? -9.686  3.965   -5.200  1.00 25.70 ? 113  CYS   A CB  1 
ATOM   785  S SG  . CYS   A 1 117 ? -9.283  3.526   -6.889  1.00 30.93 ? 113  CYS   A SG  1 
ATOM   786  N N   . SER   A 1 118 ? -12.494 4.138   -6.799  1.00 32.06 ? 114  SER   A N   1 
ATOM   787  C CA  . SER   A 1 118 ? -13.604 3.415   -7.401  1.00 34.18 ? 114  SER   A CA  1 
ATOM   788  C C   . SER   A 1 118 ? -13.321 1.919   -7.492  1.00 32.90 ? 114  SER   A C   1 
ATOM   789  O O   . SER   A 1 118 ? -14.262 1.131   -7.624  1.00 33.55 ? 114  SER   A O   1 
ATOM   790  C CB  . SER   A 1 118 ? -13.914 3.988   -8.782  1.00 33.94 ? 114  SER   A CB  1 
ATOM   791  O OG  . SER   A 1 118 ? -12.785 3.869   -9.625  1.00 37.43 ? 114  SER   A OG  1 
ATOM   792  N N   . SER   A 1 119 ? -12.046 1.513   -7.407  1.00 28.84 ? 115  SER   A N   1 
ATOM   793  C CA  . SER   A 1 119 ? -11.696 0.097   -7.358  1.00 29.13 ? 115  SER   A CA  1 
ATOM   794  C C   . SER   A 1 119 ? -12.153 -0.574  -6.068  1.00 28.43 ? 115  SER   A C   1 
ATOM   795  O O   . SER   A 1 119 ? -12.040 -1.797  -5.954  1.00 27.30 ? 115  SER   A O   1 
ATOM   796  C CB  . SER   A 1 119 ? -10.178 -0.075  -7.519  1.00 29.99 ? 115  SER   A CB  1 
ATOM   797  O OG  . SER   A 1 119 ? -9.474  0.640   -6.502  1.00 25.91 ? 115  SER   A OG  1 
ATOM   798  N N   . ALA   A 1 120 ? -12.648 0.193   -5.093  1.00 26.57 ? 116  ALA   A N   1 
ATOM   799  C CA  . ALA   A 1 120 ? -13.190 -0.412  -3.885  1.00 25.04 ? 116  ALA   A CA  1 
ATOM   800  C C   . ALA   A 1 120 ? -14.254 -1.449  -4.220  1.00 29.69 ? 116  ALA   A C   1 
ATOM   801  O O   . ALA   A 1 120 ? -14.374 -2.470  -3.530  1.00 26.53 ? 116  ALA   A O   1 
ATOM   802  C CB  . ALA   A 1 120 ? -13.763 0.663   -2.958  1.00 27.09 ? 116  ALA   A CB  1 
ATOM   803  N N   . LYS   A 1 121 ? -15.036 -1.206  -5.286  1.00 26.77 ? 117  LYS   A N   1 
ATOM   804  C CA  . LYS   A 1 121 ? -16.120 -2.119  -5.647  1.00 30.93 ? 117  LYS   A CA  1 
ATOM   805  C C   . LYS   A 1 121 ? -15.595 -3.440  -6.191  1.00 30.15 ? 117  LYS   A C   1 
ATOM   806  O O   . LYS   A 1 121 ? -16.337 -4.432  -6.208  1.00 27.77 ? 117  LYS   A O   1 
ATOM   807  C CB  . LYS   A 1 121 ? -17.056 -1.485  -6.690  1.00 29.43 ? 117  LYS   A CB  1 
ATOM   808  C CG  . LYS   A 1 121 ? -17.614 -0.116  -6.308  1.00 35.74 ? 117  LYS   A CG  1 
ATOM   809  C CD  . LYS   A 1 121 ? -18.854 -0.196  -5.414  1.00 33.69 ? 117  LYS   A CD  1 
ATOM   810  C CE  . LYS   A 1 121 ? -19.026 1.091   -4.595  1.00 41.35 ? 117  LYS   A CE  1 
ATOM   811  N NZ  . LYS   A 1 121 ? -17.965 1.316   -3.549  1.00 32.54 ? 117  LYS   A NZ  1 
ATOM   812  N N   . ALA   A 1 122 ? -14.344 -3.464  -6.644  1.00 26.35 ? 118  ALA   A N   1 
ATOM   813  C CA  . ALA   A 1 122 ? -13.680 -4.672  -7.103  1.00 25.67 ? 118  ALA   A CA  1 
ATOM   814  C C   . ALA   A 1 122 ? -12.666 -5.174  -6.076  1.00 26.29 ? 118  ALA   A C   1 
ATOM   815  O O   . ALA   A 1 122 ? -11.652 -5.779  -6.438  1.00 27.29 ? 118  ALA   A O   1 
ATOM   816  C CB  . ALA   A 1 122 ? -13.004 -4.430  -8.455  1.00 26.98 ? 118  ALA   A CB  1 
ATOM   817  N N   . ARG   A 1 123 ? -12.932 -4.928  -4.795  1.00 24.09 ? 119  ARG   A N   1 
ATOM   818  C CA  . ARG   A 1 123 ? -12.037 -5.341  -3.709  1.00 27.87 ? 119  ARG   A CA  1 
ATOM   819  C C   . ARG   A 1 123 ? -10.642 -4.763  -3.886  1.00 25.32 ? 119  ARG   A C   1 
ATOM   820  O O   . ARG   A 1 123 ? -9.655  -5.384  -3.485  1.00 25.89 ? 119  ARG   A O   1 
ATOM   821  C CB  . ARG   A 1 123 ? -11.946 -6.868  -3.603  1.00 28.22 ? 119  ARG   A CB  1 
ATOM   822  C CG  . ARG   A 1 123 ? -13.257 -7.565  -3.255  1.00 32.00 ? 119  ARG   A CG  1 
ATOM   823  C CD  . ARG   A 1 123 ? -13.139 -9.064  -3.545  1.00 34.42 ? 119  ARG   A CD  1 
ATOM   824  N NE  . ARG   A 1 123 ? -13.677 -9.868  -2.457  1.00 42.91 ? 119  ARG   A NE  1 
ATOM   825  C CZ  . ARG   A 1 123 ? -13.147 -11.011 -2.021  1.00 49.09 ? 119  ARG   A CZ  1 
ATOM   826  N NH1 . ARG   A 1 123 ? -12.048 -11.527 -2.570  1.00 44.68 ? 119  ARG   A NH1 1 
ATOM   827  N NH2 . ARG   A 1 123 ? -13.727 -11.648 -1.003  1.00 44.33 ? 119  ARG   A NH2 1 
ATOM   828  N N   . GLY   A 1 124 ? -10.557 -3.581  -4.502  1.00 26.78 ? 120  GLY   A N   1 
ATOM   829  C CA  . GLY   A 1 124 ? -9.300  -2.896  -4.737  1.00 27.06 ? 120  GLY   A CA  1 
ATOM   830  C C   . GLY   A 1 124 ? -8.530  -3.360  -5.956  1.00 27.94 ? 120  GLY   A C   1 
ATOM   831  O O   . GLY   A 1 124 ? -7.479  -2.780  -6.267  1.00 27.97 ? 120  GLY   A O   1 
ATOM   832  N N   . ASP   A 1 125 ? -9.021  -4.373  -6.664  1.00 27.87 ? 121  ASP   A N   1 
ATOM   833  C CA  . ASP   A 1 125 ? -8.307  -4.917  -7.812  1.00 27.75 ? 121  ASP   A CA  1 
ATOM   834  C C   . ASP   A 1 125 ? -8.190  -3.882  -8.925  1.00 28.95 ? 121  ASP   A C   1 
ATOM   835  O O   . ASP   A 1 125 ? -9.181  -3.251  -9.312  1.00 28.32 ? 121  ASP   A O   1 
ATOM   836  C CB  . ASP   A 1 125 ? -9.022  -6.168  -8.330  1.00 28.21 ? 121  ASP   A CB  1 
ATOM   837  C CG  . ASP   A 1 125 ? -8.366  -6.725  -9.565  1.00 31.87 ? 121  ASP   A CG  1 
ATOM   838  O OD1 . ASP   A 1 125 ? -7.116  -6.746  -9.594  1.00 31.04 ? 121  ASP   A OD1 1 
ATOM   839  O OD2 . ASP   A 1 125 ? -9.087  -7.124  -10.506 1.00 29.60 ? 121  ASP   A OD2 1 
ATOM   840  N N   . LEU   A 1 126 ? -6.972  -3.709  -9.436  1.00 27.85 ? 122  LEU   A N   1 
ATOM   841  C CA  . LEU   A 1 126 ? -6.696  -2.778  -10.520 1.00 27.64 ? 122  LEU   A CA  1 
ATOM   842  C C   . LEU   A 1 126 ? -6.412  -3.473  -11.843 1.00 31.47 ? 122  LEU   A C   1 
ATOM   843  O O   . LEU   A 1 126 ? -6.136  -2.789  -12.834 1.00 32.20 ? 122  LEU   A O   1 
ATOM   844  C CB  . LEU   A 1 126 ? -5.505  -1.876  -10.163 1.00 30.12 ? 122  LEU   A CB  1 
ATOM   845  C CG  . LEU   A 1 126 ? -5.649  -0.934  -8.961  1.00 26.74 ? 122  LEU   A CG  1 
ATOM   846  C CD1 . LEU   A 1 126 ? -4.316  -0.201  -8.681  1.00 26.63 ? 122  LEU   A CD1 1 
ATOM   847  C CD2 . LEU   A 1 126 ? -6.767  0.058   -9.198  1.00 21.91 ? 122  LEU   A CD2 1 
ATOM   848  N N   . GLY   A 1 127 ? -6.469  -4.803  -11.890 1.00 31.80 ? 123  GLY   A N   1 
ATOM   849  C CA  . GLY   A 1 127 ? -6.065  -5.534  -13.070 1.00 29.22 ? 123  GLY   A CA  1 
ATOM   850  C C   . GLY   A 1 127 ? -4.560  -5.499  -13.232 1.00 32.59 ? 123  GLY   A C   1 
ATOM   851  O O   . GLY   A 1 127 ? -3.820  -4.984  -12.396 1.00 33.82 ? 123  GLY   A O   1 
ATOM   852  N N   . ALA   A 1 128 ? -4.100  -6.072  -14.331 1.00 29.05 ? 124  ALA   A N   1 
ATOM   853  C CA  . ALA   A 1 128 ? -2.673  -6.095  -14.587 1.00 33.51 ? 124  ALA   A CA  1 
ATOM   854  C C   . ALA   A 1 128 ? -2.266  -4.819  -15.311 1.00 34.14 ? 124  ALA   A C   1 
ATOM   855  O O   . ALA   A 1 128 ? -3.093  -4.109  -15.884 1.00 35.29 ? 124  ALA   A O   1 
ATOM   856  C CB  . ALA   A 1 128 ? -2.275  -7.327  -15.395 1.00 35.27 ? 124  ALA   A CB  1 
ATOM   857  N N   . PHE   A 1 129 ? -0.974  -4.518  -15.248 1.00 36.28 ? 125  PHE   A N   1 
ATOM   858  C CA  . PHE   A 1 129 ? -0.432  -3.323  -15.878 1.00 35.19 ? 125  PHE   A CA  1 
ATOM   859  C C   . PHE   A 1 129 ? 1.071   -3.487  -16.003 1.00 35.04 ? 125  PHE   A C   1 
ATOM   860  O O   . PHE   A 1 129 ? 1.675   -4.362  -15.375 1.00 37.04 ? 125  PHE   A O   1 
ATOM   861  C CB  . PHE   A 1 129 ? -0.784  -2.058  -15.085 1.00 37.71 ? 125  PHE   A CB  1 
ATOM   862  C CG  . PHE   A 1 129 ? -0.361  -2.105  -13.640 1.00 36.58 ? 125  PHE   A CG  1 
ATOM   863  C CD1 . PHE   A 1 129 ? 0.949   -1.798  -13.278 1.00 36.01 ? 125  PHE   A CD1 1 
ATOM   864  C CD2 . PHE   A 1 129 ? -1.270  -2.453  -12.646 1.00 33.46 ? 125  PHE   A CD2 1 
ATOM   865  C CE1 . PHE   A 1 129 ? 1.356   -1.837  -11.950 1.00 32.67 ? 125  PHE   A CE1 1 
ATOM   866  C CE2 . PHE   A 1 129 ? -0.876  -2.500  -11.318 1.00 37.70 ? 125  PHE   A CE2 1 
ATOM   867  C CZ  . PHE   A 1 129 ? 0.450   -2.182  -10.967 1.00 33.15 ? 125  PHE   A CZ  1 
ATOM   868  N N   . SER   A 1 130 ? 1.668   -2.652  -16.842 1.00 38.94 ? 126  SER   A N   1 
ATOM   869  C CA  . SER   A 1 130 ? 3.115   -2.608  -16.992 1.00 40.20 ? 126  SER   A CA  1 
ATOM   870  C C   . SER   A 1 130 ? 3.610   -1.229  -16.569 1.00 37.27 ? 126  SER   A C   1 
ATOM   871  O O   . SER   A 1 130 ? 2.824   -0.336  -16.224 1.00 35.31 ? 126  SER   A O   1 
ATOM   872  C CB  . SER   A 1 130 ? 3.525   -2.942  -18.427 1.00 42.24 ? 126  SER   A CB  1 
ATOM   873  O OG  . SER   A 1 130 ? 2.889   -2.063  -19.333 1.00 44.60 ? 126  SER   A OG  1 
ATOM   874  N N   . ARG   A 1 131 ? 4.926   -1.050  -16.587 1.00 36.04 ? 127  ARG   A N   1 
ATOM   875  C CA  . ARG   A 1 131 ? 5.446   0.266   -16.256 1.00 35.70 ? 127  ARG   A CA  1 
ATOM   876  C C   . ARG   A 1 131 ? 4.976   1.279   -17.294 1.00 38.50 ? 127  ARG   A C   1 
ATOM   877  O O   . ARG   A 1 131 ? 4.606   0.933   -18.419 1.00 41.39 ? 127  ARG   A O   1 
ATOM   878  C CB  . ARG   A 1 131 ? 6.967   0.242   -16.178 1.00 35.70 ? 127  ARG   A CB  1 
ATOM   879  C CG  . ARG   A 1 131 ? 7.508   -0.542  -14.998 1.00 36.06 ? 127  ARG   A CG  1 
ATOM   880  C CD  . ARG   A 1 131 ? 8.951   -0.189  -14.743 1.00 33.17 ? 127  ARG   A CD  1 
ATOM   881  N NE  . ARG   A 1 131 ? 9.527   -0.969  -13.656 1.00 36.18 ? 127  ARG   A NE  1 
ATOM   882  C CZ  . ARG   A 1 131 ? 9.722   -0.506  -12.429 1.00 33.02 ? 127  ARG   A CZ  1 
ATOM   883  N NH1 . ARG   A 1 131 ? 9.379   0.723   -12.095 1.00 32.20 ? 127  ARG   A NH1 1 
ATOM   884  N NH2 . ARG   A 1 131 ? 10.281  -1.296  -11.518 1.00 33.13 ? 127  ARG   A NH2 1 
ATOM   885  N N   . GLY   A 1 132 ? 4.969   2.542   -16.900 1.00 38.55 ? 128  GLY   A N   1 
ATOM   886  C CA  . GLY   A 1 132 ? 4.500   3.595   -17.773 1.00 36.67 ? 128  GLY   A CA  1 
ATOM   887  C C   . GLY   A 1 132 ? 3.031   3.934   -17.663 1.00 38.94 ? 128  GLY   A C   1 
ATOM   888  O O   . GLY   A 1 132 ? 2.554   4.786   -18.423 1.00 41.03 ? 128  GLY   A O   1 
ATOM   889  N N   . GLN   A 1 133 ? 2.289   3.309   -16.750 1.00 40.28 ? 129  GLN   A N   1 
ATOM   890  C CA  . GLN   A 1 133 ? 0.853   3.558   -16.636 1.00 37.66 ? 129  GLN   A CA  1 
ATOM   891  C C   . GLN   A 1 133 ? 0.449   4.206   -15.327 1.00 40.48 ? 129  GLN   A C   1 
ATOM   892  O O   . GLN   A 1 133 ? -0.412  5.088   -15.324 1.00 37.16 ? 129  GLN   A O   1 
ATOM   893  C CB  . GLN   A 1 133 ? 0.067   2.253   -16.778 1.00 39.68 ? 129  GLN   A CB  1 
ATOM   894  C CG  . GLN   A 1 133 ? 0.427   1.424   -17.982 1.00 43.99 ? 129  GLN   A CG  1 
ATOM   895  C CD  . GLN   A 1 133 ? -0.495  0.234   -18.140 1.00 46.80 ? 129  GLN   A CD  1 
ATOM   896  O OE1 . GLN   A 1 133 ? -0.043  -0.908  -18.229 1.00 46.34 ? 129  GLN   A OE1 1 
ATOM   897  N NE2 . GLN   A 1 133 ? -1.800  0.494   -18.167 1.00 47.92 ? 129  GLN   A NE2 1 
ATOM   898  N N   . MET   A 1 134 ? 1.022   3.768   -14.214 1.00 38.94 ? 130  MET   A N   1 
ATOM   899  C CA  . MET   A 1 134 ? 0.629   4.232   -12.894 1.00 39.57 ? 130  MET   A CA  1 
ATOM   900  C C   . MET   A 1 134 ? 1.544   5.362   -12.430 1.00 37.15 ? 130  MET   A C   1 
ATOM   901  O O   . MET   A 1 134 ? 2.589   5.638   -13.026 1.00 38.13 ? 130  MET   A O   1 
ATOM   902  C CB  . MET   A 1 134 ? 0.654   3.069   -11.895 1.00 37.96 ? 130  MET   A CB  1 
ATOM   903  C CG  . MET   A 1 134 ? -0.209  1.872   -12.311 1.00 39.17 ? 130  MET   A CG  1 
ATOM   904  S SD  . MET   A 1 134 ? -1.983  2.207   -12.259 1.00 45.15 ? 130  MET   A SD  1 
ATOM   905  C CE  . MET   A 1 134 ? -2.619  0.593   -12.722 1.00 41.74 ? 130  MET   A CE  1 
ATOM   906  N N   . GLN   A 1 135 ? 1.133   6.030   -11.359 1.00 36.53 ? 131  GLN   A N   1 
ATOM   907  C CA  . GLN   A 1 135 ? 2.006   7.029   -10.762 1.00 35.99 ? 131  GLN   A CA  1 
ATOM   908  C C   . GLN   A 1 135 ? 3.281   6.358   -10.264 1.00 34.63 ? 131  GLN   A C   1 
ATOM   909  O O   . GLN   A 1 135 ? 3.268   5.219   -9.790  1.00 34.24 ? 131  GLN   A O   1 
ATOM   910  C CB  . GLN   A 1 135 ? 1.279   7.759   -9.638  1.00 36.84 ? 131  GLN   A CB  1 
ATOM   911  C CG  . GLN   A 1 135 ? -0.015  8.408   -10.115 1.00 38.72 ? 131  GLN   A CG  1 
ATOM   912  C CD  . GLN   A 1 135 ? -0.761  9.140   -9.011  1.00 41.23 ? 131  GLN   A CD  1 
ATOM   913  O OE1 . GLN   A 1 135 ? -0.345  10.212  -8.570  1.00 44.94 ? 131  GLN   A OE1 1 
ATOM   914  N NE2 . GLN   A 1 135 ? -1.870  8.565   -8.562  1.00 40.34 ? 131  GLN   A NE2 1 
ATOM   915  N N   . LYS   A 1 136 ? 4.393   7.065   -10.400 1.00 38.14 ? 132  LYS   A N   1 
ATOM   916  C CA  . LYS   A 1 136 ? 5.703   6.431   -10.261 1.00 35.21 ? 132  LYS   A CA  1 
ATOM   917  C C   . LYS   A 1 136 ? 5.913   5.730   -8.923  1.00 31.39 ? 132  LYS   A C   1 
ATOM   918  O O   . LYS   A 1 136 ? 6.385   4.580   -8.924  1.00 30.16 ? 132  LYS   A O   1 
ATOM   919  C CB  . LYS   A 1 136 ? 6.784   7.481   -10.515 1.00 38.32 ? 132  LYS   A CB  1 
ATOM   920  C CG  . LYS   A 1 136 ? 8.174   6.907   -10.544 1.00 39.71 ? 132  LYS   A CG  1 
ATOM   921  C CD  . LYS   A 1 136 ? 8.345   5.917   -11.669 1.00 37.40 ? 132  LYS   A CD  1 
ATOM   922  C CE  . LYS   A 1 136 ? 9.727   5.315   -11.576 1.00 43.05 ? 132  LYS   A CE  1 
ATOM   923  N NZ  . LYS   A 1 136 ? 9.967   4.245   -12.570 1.00 43.68 ? 132  LYS   A NZ  1 
ATOM   924  N N   . PRO   A 1 137 ? 5.638   6.344   -7.769  1.00 31.98 ? 133  PRO   A N   1 
ATOM   925  C CA  . PRO   A 1 137 ? 5.853   5.607   -6.513  1.00 29.66 ? 133  PRO   A CA  1 
ATOM   926  C C   . PRO   A 1 137 ? 5.011   4.345   -6.437  1.00 29.57 ? 133  PRO   A C   1 
ATOM   927  O O   . PRO   A 1 137 ? 5.479   3.319   -5.931  1.00 27.14 ? 133  PRO   A O   1 
ATOM   928  C CB  . PRO   A 1 137 ? 5.460   6.620   -5.429  1.00 31.42 ? 133  PRO   A CB  1 
ATOM   929  C CG  . PRO   A 1 137 ? 5.382   7.949   -6.126  1.00 36.31 ? 133  PRO   A CG  1 
ATOM   930  C CD  . PRO   A 1 137 ? 5.016   7.656   -7.541  1.00 30.88 ? 133  PRO   A CD  1 
ATOM   931  N N   . PHE   A 1 138 ? 3.773   4.405   -6.935  1.00 29.46 ? 134  PHE   A N   1 
ATOM   932  C CA  . PHE   A 1 138 ? 2.917   3.224   -6.989  1.00 26.54 ? 134  PHE   A CA  1 
ATOM   933  C C   . PHE   A 1 138 ? 3.517   2.159   -7.893  1.00 28.76 ? 134  PHE   A C   1 
ATOM   934  O O   . PHE   A 1 138 ? 3.532   0.970   -7.554  1.00 27.20 ? 134  PHE   A O   1 
ATOM   935  C CB  . PHE   A 1 138 ? 1.532   3.621   -7.488  1.00 25.58 ? 134  PHE   A CB  1 
ATOM   936  C CG  . PHE   A 1 138 ? 0.486   2.553   -7.320  1.00 27.55 ? 134  PHE   A CG  1 
ATOM   937  C CD1 . PHE   A 1 138 ? 0.447   1.456   -8.163  1.00 26.36 ? 134  PHE   A CD1 1 
ATOM   938  C CD2 . PHE   A 1 138 ? -0.473  2.660   -6.319  1.00 27.32 ? 134  PHE   A CD2 1 
ATOM   939  C CE1 . PHE   A 1 138 ? -0.524  0.471   -8.004  1.00 28.32 ? 134  PHE   A CE1 1 
ATOM   940  C CE2 . PHE   A 1 138 ? -1.458  1.671   -6.154  1.00 29.11 ? 134  PHE   A CE2 1 
ATOM   941  C CZ  . PHE   A 1 138 ? -1.477  0.583   -6.999  1.00 25.07 ? 134  PHE   A CZ  1 
ATOM   942  N N   . GLU   A 1 139 ? 3.999   2.571   -9.065  1.00 26.73 ? 135  GLU   A N   1 
ATOM   943  C CA  . GLU   A 1 139 ? 4.580   1.624   -10.006 1.00 28.01 ? 135  GLU   A CA  1 
ATOM   944  C C   . GLU   A 1 139 ? 5.793   0.936   -9.401  1.00 32.20 ? 135  GLU   A C   1 
ATOM   945  O O   . GLU   A 1 139 ? 5.913   -0.302  -9.434  1.00 27.27 ? 135  GLU   A O   1 
ATOM   946  C CB  . GLU   A 1 139 ? 4.946   2.364   -11.291 1.00 30.98 ? 135  GLU   A CB  1 
ATOM   947  C CG  . GLU   A 1 139 ? 5.708   1.558   -12.301 1.00 34.24 ? 135  GLU   A CG  1 
ATOM   948  C CD  . GLU   A 1 139 ? 6.110   2.399   -13.514 1.00 36.77 ? 135  GLU   A CD  1 
ATOM   949  O OE1 . GLU   A 1 139 ? 5.229   3.072   -14.099 1.00 35.87 ? 135  GLU   A OE1 1 
ATOM   950  O OE2 . GLU   A 1 139 ? 7.313   2.395   -13.861 1.00 37.27 ? 135  GLU   A OE2 1 
ATOM   951  N N   . ASP   A 1 140 ? 6.705   1.729   -8.828  1.00 29.19 ? 136  ASP   A N   1 
ATOM   952  C CA  . ASP   A 1 140 ? 7.921   1.166   -8.255  1.00 27.36 ? 136  ASP   A CA  1 
ATOM   953  C C   . ASP   A 1 140 ? 7.601   0.161   -7.163  1.00 25.98 ? 136  ASP   A C   1 
ATOM   954  O O   . ASP   A 1 140 ? 8.222   -0.907  -7.086  1.00 26.92 ? 136  ASP   A O   1 
ATOM   955  C CB  . ASP   A 1 140 ? 8.816   2.285   -7.705  1.00 30.11 ? 136  ASP   A CB  1 
ATOM   956  C CG  . ASP   A 1 140 ? 9.573   3.024   -8.806  1.00 37.12 ? 136  ASP   A CG  1 
ATOM   957  O OD1 . ASP   A 1 140 ? 9.792   2.417   -9.883  1.00 34.46 ? 136  ASP   A OD1 1 
ATOM   958  O OD2 . ASP   A 1 140 ? 9.941   4.203   -8.600  1.00 34.73 ? 136  ASP   A OD2 1 
ATOM   959  N N   . ALA   A 1 141 ? 6.652   0.491   -6.292  1.00 25.59 ? 137  ALA   A N   1 
ATOM   960  C CA  . ALA   A 1 141 ? 6.284   -0.449  -5.235  1.00 25.46 ? 137  ALA   A CA  1 
ATOM   961  C C   . ALA   A 1 141 ? 5.692   -1.728  -5.830  1.00 26.37 ? 137  ALA   A C   1 
ATOM   962  O O   . ALA   A 1 141 ? 6.136   -2.843  -5.522  1.00 24.23 ? 137  ALA   A O   1 
ATOM   963  C CB  . ALA   A 1 141 ? 5.301   0.222   -4.274  1.00 22.42 ? 137  ALA   A CB  1 
ATOM   964  N N   . SER   A 1 142 ? 4.703   -1.573  -6.713  1.00 25.62 ? 138  SER   A N   1 
ATOM   965  C CA  . SER   A 1 142 ? 4.089   -2.723  -7.366  1.00 25.06 ? 138  SER   A CA  1 
ATOM   966  C C   . SER   A 1 142 ? 5.135   -3.667  -7.947  1.00 28.57 ? 138  SER   A C   1 
ATOM   967  O O   . SER   A 1 142 ? 5.076   -4.884  -7.730  1.00 30.07 ? 138  SER   A O   1 
ATOM   968  C CB  . SER   A 1 142 ? 3.137   -2.233  -8.451  1.00 24.07 ? 138  SER   A CB  1 
ATOM   969  O OG  . SER   A 1 142 ? 2.085   -1.484  -7.880  1.00 24.64 ? 138  SER   A OG  1 
ATOM   970  N N   . PHE   A 1 143 ? 6.113   -3.130  -8.681  1.00 28.19 ? 139  PHE   A N   1 
ATOM   971  C CA  . PHE   A 1 143 ? 7.073   -4.004  -9.344  1.00 27.63 ? 139  PHE   A CA  1 
ATOM   972  C C   . PHE   A 1 143 ? 8.156   -4.529  -8.415  1.00 29.62 ? 139  PHE   A C   1 
ATOM   973  O O   . PHE   A 1 143 ? 8.811   -5.521  -8.753  1.00 30.54 ? 139  PHE   A O   1 
ATOM   974  C CB  . PHE   A 1 143 ? 7.685   -3.290  -10.554 1.00 30.56 ? 139  PHE   A CB  1 
ATOM   975  C CG  . PHE   A 1 143 ? 6.795   -3.327  -11.760 1.00 29.17 ? 139  PHE   A CG  1 
ATOM   976  C CD1 . PHE   A 1 143 ? 5.805   -2.379  -11.925 1.00 28.86 ? 139  PHE   A CD1 1 
ATOM   977  C CD2 . PHE   A 1 143 ? 6.897   -4.356  -12.685 1.00 33.04 ? 139  PHE   A CD2 1 
ATOM   978  C CE1 . PHE   A 1 143 ? 4.944   -2.425  -13.014 1.00 35.20 ? 139  PHE   A CE1 1 
ATOM   979  C CE2 . PHE   A 1 143 ? 6.036   -4.412  -13.773 1.00 34.96 ? 139  PHE   A CE2 1 
ATOM   980  C CZ  . PHE   A 1 143 ? 5.059   -3.444  -13.938 1.00 32.43 ? 139  PHE   A CZ  1 
ATOM   981  N N   . ALA   A 1 144 ? 8.349   -3.920  -7.245  1.00 29.11 ? 140  ALA   A N   1 
ATOM   982  C CA  . ALA   A 1 144 ? 9.315   -4.452  -6.292  1.00 26.41 ? 140  ALA   A CA  1 
ATOM   983  C C   . ALA   A 1 144 ? 8.696   -5.455  -5.327  1.00 29.35 ? 140  ALA   A C   1 
ATOM   984  O O   . ALA   A 1 144 ? 9.433   -6.158  -4.628  1.00 28.07 ? 140  ALA   A O   1 
ATOM   985  C CB  . ALA   A 1 144 ? 9.966   -3.309  -5.503  1.00 25.56 ? 140  ALA   A CB  1 
ATOM   986  N N   . LEU   A 1 145 ? 7.370   -5.545  -5.269  1.00 27.43 ? 141  LEU   A N   1 
ATOM   987  C CA  . LEU   A 1 145 ? 6.745   -6.559  -4.431  1.00 29.35 ? 141  LEU   A CA  1 
ATOM   988  C C   . LEU   A 1 145 ? 6.909   -7.936  -5.051  1.00 31.82 ? 141  LEU   A C   1 
ATOM   989  O O   . LEU   A 1 145 ? 7.044   -8.086  -6.272  1.00 31.75 ? 141  LEU   A O   1 
ATOM   990  C CB  . LEU   A 1 145 ? 5.256   -6.274  -4.243  1.00 25.88 ? 141  LEU   A CB  1 
ATOM   991  C CG  . LEU   A 1 145 ? 4.900   -5.066  -3.395  1.00 25.51 ? 141  LEU   A CG  1 
ATOM   992  C CD1 . LEU   A 1 145 ? 3.438   -4.683  -3.611  1.00 22.33 ? 141  LEU   A CD1 1 
ATOM   993  C CD2 . LEU   A 1 145 ? 5.178   -5.365  -1.929  1.00 25.74 ? 141  LEU   A CD2 1 
ATOM   994  N N   . ARG   A 1 146 ? 6.893   -8.948  -4.197  1.00 29.57 ? 142  ARG   A N   1 
ATOM   995  C CA  . ARG   A 1 146 ? 6.754   -10.309 -4.681  1.00 35.17 ? 142  ARG   A CA  1 
ATOM   996  C C   . ARG   A 1 146 ? 5.281   -10.708 -4.712  1.00 33.97 ? 142  ARG   A C   1 
ATOM   997  O O   . ARG   A 1 146 ? 4.431   -10.070 -4.090  1.00 29.17 ? 142  ARG   A O   1 
ATOM   998  C CB  . ARG   A 1 146 ? 7.571   -11.255 -3.816  1.00 37.98 ? 142  ARG   A CB  1 
ATOM   999  C CG  . ARG   A 1 146 ? 9.013   -11.288 -4.283  1.00 46.98 ? 142  ARG   A CG  1 
ATOM   1000 C CD  . ARG   A 1 146 ? 9.898   -12.002 -3.317  1.00 54.83 ? 142  ARG   A CD  1 
ATOM   1001 N NE  . ARG   A 1 146 ? 9.958   -11.288 -2.049  1.00 59.41 ? 142  ARG   A NE  1 
ATOM   1002 C CZ  . ARG   A 1 146 ? 10.997  -11.326 -1.225  1.00 61.32 ? 142  ARG   A CZ  1 
ATOM   1003 N NH1 . ARG   A 1 146 ? 12.089  -12.018 -1.521  1.00 61.09 ? 142  ARG   A NH1 1 
ATOM   1004 N NH2 . ARG   A 1 146 ? 10.943  -10.648 -0.080  1.00 55.50 ? 142  ARG   A NH2 1 
ATOM   1005 N N   . THR   A 1 147 ? 4.975   -11.754 -5.477  1.00 35.01 ? 143  THR   A N   1 
ATOM   1006 C CA  . THR   A 1 147 ? 3.591   -12.180 -5.590  1.00 34.17 ? 143  THR   A CA  1 
ATOM   1007 C C   . THR   A 1 147 ? 3.051   -12.526 -4.215  1.00 30.58 ? 143  THR   A C   1 
ATOM   1008 O O   . THR   A 1 147 ? 3.694   -13.244 -3.448  1.00 32.50 ? 143  THR   A O   1 
ATOM   1009 C CB  . THR   A 1 147 ? 3.461   -13.377 -6.517  1.00 35.91 ? 143  THR   A CB  1 
ATOM   1010 O OG1 . THR   A 1 147 ? 3.946   -13.015 -7.809  1.00 40.25 ? 143  THR   A OG1 1 
ATOM   1011 C CG2 . THR   A 1 147 ? 1.995   -13.772 -6.627  1.00 36.38 ? 143  THR   A CG2 1 
ATOM   1012 N N   . GLY   A 1 148 ? 1.869   -11.994 -3.901  1.00 30.61 ? 144  GLY   A N   1 
ATOM   1013 C CA  . GLY   A 1 148 ? 1.253   -12.184 -2.604  1.00 30.59 ? 144  GLY   A CA  1 
ATOM   1014 C C   . GLY   A 1 148 ? 1.687   -11.199 -1.543  1.00 30.03 ? 144  GLY   A C   1 
ATOM   1015 O O   . GLY   A 1 148 ? 1.054   -11.138 -0.488  1.00 31.50 ? 144  GLY   A O   1 
ATOM   1016 N N   . GLU   A 1 149 ? 2.722   -10.408 -1.798  1.00 28.86 ? 145  GLU   A N   1 
ATOM   1017 C CA  . GLU   A 1 149 ? 3.292   -9.531  -0.789  1.00 29.46 ? 145  GLU   A CA  1 
ATOM   1018 C C   . GLU   A 1 149 ? 2.584   -8.178  -0.766  1.00 24.47 ? 145  GLU   A C   1 
ATOM   1019 O O   . GLU   A 1 149 ? 2.031   -7.721  -1.768  1.00 28.03 ? 145  GLU   A O   1 
ATOM   1020 C CB  . GLU   A 1 149 ? 4.784   -9.345  -1.043  1.00 26.96 ? 145  GLU   A CB  1 
ATOM   1021 C CG  . GLU   A 1 149 ? 5.494   -8.610  0.068   1.00 30.35 ? 145  GLU   A CG  1 
ATOM   1022 C CD  . GLU   A 1 149 ? 6.932   -8.278  -0.293  1.00 35.31 ? 145  GLU   A CD  1 
ATOM   1023 O OE1 . GLU   A 1 149 ? 7.345   -8.576  -1.449  1.00 32.22 ? 145  GLU   A OE1 1 
ATOM   1024 O OE2 . GLU   A 1 149 ? 7.639   -7.717  0.584   1.00 34.84 ? 145  GLU   A OE2 1 
ATOM   1025 N N   . MET   A 1 150 ? 2.603   -7.537  0.393   1.00 24.71 ? 146  MET   A N   1 
ATOM   1026 C CA  . MET   A 1 150 ? 1.882   -6.292  0.602   1.00 24.39 ? 146  MET   A CA  1 
ATOM   1027 C C   . MET   A 1 150 ? 2.852   -5.166  0.931   1.00 23.90 ? 146  MET   A C   1 
ATOM   1028 O O   . MET   A 1 150 ? 3.830   -5.367  1.658   1.00 23.49 ? 146  MET   A O   1 
ATOM   1029 C CB  . MET   A 1 150 ? 0.857   -6.444  1.729   1.00 25.29 ? 146  MET   A CB  1 
ATOM   1030 C CG  . MET   A 1 150 ? 0.003   -5.221  1.970   1.00 24.99 ? 146  MET   A CG  1 
ATOM   1031 S SD  . MET   A 1 150 ? -1.231  -5.546  3.232   1.00 27.15 ? 146  MET   A SD  1 
ATOM   1032 C CE  . MET   A 1 150 ? -0.209  -5.575  4.698   1.00 23.77 ? 146  MET   A CE  1 
ATOM   1033 N N   . SER   A 1 151 ? 2.560   -3.975  0.411   1.00 23.09 ? 147  SER   A N   1 
ATOM   1034 C CA  . SER   A 1 151 ? 3.412   -2.814  0.628   1.00 23.82 ? 147  SER   A CA  1 
ATOM   1035 C C   . SER   A 1 151 ? 3.168   -2.229  2.017   1.00 23.33 ? 147  SER   A C   1 
ATOM   1036 O O   . SER   A 1 151 ? 2.207   -2.576  2.697   1.00 23.15 ? 147  SER   A O   1 
ATOM   1037 C CB  . SER   A 1 151 ? 3.141   -1.750  -0.430  1.00 19.25 ? 147  SER   A CB  1 
ATOM   1038 O OG  . SER   A 1 151 ? 1.913   -1.092  -0.144  1.00 21.57 ? 147  SER   A OG  1 
ATOM   1039 N N   . GLY   A 1 152 ? 4.065   -1.344  2.445   1.00 24.96 ? 148  GLY   A N   1 
ATOM   1040 C CA  . GLY   A 1 152 ? 3.761   -0.436  3.528   1.00 26.20 ? 148  GLY   A CA  1 
ATOM   1041 C C   . GLY   A 1 152 ? 3.026   0.754   2.942   1.00 23.61 ? 148  GLY   A C   1 
ATOM   1042 O O   . GLY   A 1 152 ? 2.624   0.725   1.779   1.00 23.35 ? 148  GLY   A O   1 
ATOM   1043 N N   . PRO   A 1 153 ? 2.843   1.823   3.711   1.00 23.75 ? 149  PRO   A N   1 
ATOM   1044 C CA  . PRO   A 1 153 ? 2.196   3.014   3.146   1.00 20.59 ? 149  PRO   A CA  1 
ATOM   1045 C C   . PRO   A 1 153 ? 3.001   3.543   1.968   1.00 25.22 ? 149  PRO   A C   1 
ATOM   1046 O O   . PRO   A 1 153 ? 4.213   3.744   2.070   1.00 28.15 ? 149  PRO   A O   1 
ATOM   1047 C CB  . PRO   A 1 153 ? 2.193   4.013   4.316   1.00 26.59 ? 149  PRO   A CB  1 
ATOM   1048 C CG  . PRO   A 1 153 ? 2.346   3.183   5.547   1.00 28.81 ? 149  PRO   A CG  1 
ATOM   1049 C CD  . PRO   A 1 153 ? 3.198   1.997   5.130   1.00 27.08 ? 149  PRO   A CD  1 
ATOM   1050 N N   . VAL   A 1 154 ? 2.324   3.780   0.843   1.00 24.02 ? 150  VAL   A N   1 
ATOM   1051 C CA  . VAL   A 1 154 ? 2.959   4.306   -0.366  1.00 25.09 ? 150  VAL   A CA  1 
ATOM   1052 C C   . VAL   A 1 154 ? 2.263   5.604   -0.749  1.00 25.64 ? 150  VAL   A C   1 
ATOM   1053 O O   . VAL   A 1 154 ? 1.036   5.631   -0.908  1.00 24.99 ? 150  VAL   A O   1 
ATOM   1054 C CB  . VAL   A 1 154 ? 2.904   3.301   -1.531  1.00 23.67 ? 150  VAL   A CB  1 
ATOM   1055 C CG1 . VAL   A 1 154 ? 3.346   3.963   -2.846  1.00 24.82 ? 150  VAL   A CG1 1 
ATOM   1056 C CG2 . VAL   A 1 154 ? 3.778   2.105   -1.227  1.00 25.54 ? 150  VAL   A CG2 1 
ATOM   1057 N N   . PHE   A 1 155 ? 3.044   6.672   -0.920  1.00 24.58 ? 151  PHE   A N   1 
ATOM   1058 C CA  . PHE   A 1 155 ? 2.501   8.011   -1.109  1.00 24.08 ? 151  PHE   A CA  1 
ATOM   1059 C C   . PHE   A 1 155 ? 2.499   8.398   -2.584  1.00 28.75 ? 151  PHE   A C   1 
ATOM   1060 O O   . PHE   A 1 155 ? 3.510   8.230   -3.281  1.00 28.38 ? 151  PHE   A O   1 
ATOM   1061 C CB  . PHE   A 1 155 ? 3.311   9.031   -0.311  1.00 25.27 ? 151  PHE   A CB  1 
ATOM   1062 C CG  . PHE   A 1 155 ? 3.328   8.765   1.158   1.00 27.20 ? 151  PHE   A CG  1 
ATOM   1063 C CD1 . PHE   A 1 155 ? 4.141   7.766   1.689   1.00 24.65 ? 151  PHE   A CD1 1 
ATOM   1064 C CD2 . PHE   A 1 155 ? 2.533   9.517   2.015   1.00 24.52 ? 151  PHE   A CD2 1 
ATOM   1065 C CE1 . PHE   A 1 155 ? 4.146   7.523   3.065   1.00 28.52 ? 151  PHE   A CE1 1 
ATOM   1066 C CE2 . PHE   A 1 155 ? 2.537   9.284   3.376   1.00 24.03 ? 151  PHE   A CE2 1 
ATOM   1067 C CZ  . PHE   A 1 155 ? 3.340   8.289   3.903   1.00 25.15 ? 151  PHE   A CZ  1 
ATOM   1068 N N   . THR   A 1 156 ? 1.374   8.937   -3.049  1.00 27.31 ? 152  THR   A N   1 
ATOM   1069 C CA  . THR   A 1 156 ? 1.268   9.507   -4.388  1.00 30.24 ? 152  THR   A CA  1 
ATOM   1070 C C   . THR   A 1 156 ? 0.453   10.791  -4.319  1.00 32.32 ? 152  THR   A C   1 
ATOM   1071 O O   . THR   A 1 156 ? -0.119  11.137  -3.281  1.00 28.32 ? 152  THR   A O   1 
ATOM   1072 C CB  . THR   A 1 156 ? 0.575   8.558   -5.357  1.00 29.88 ? 152  THR   A CB  1 
ATOM   1073 O OG1 . THR   A 1 156 ? -0.810  8.506   -5.001  1.00 29.03 ? 152  THR   A OG1 1 
ATOM   1074 C CG2 . THR   A 1 156 ? 1.175   7.172   -5.271  1.00 28.02 ? 152  THR   A CG2 1 
ATOM   1075 N N   . ASP   A 1 157 ? 0.336   11.467  -5.465  1.00 31.60 ? 153  ASP   A N   1 
ATOM   1076 C CA  . ASP   A 1 157 ? -0.551  12.621  -5.522  1.00 31.41 ? 153  ASP   A CA  1 
ATOM   1077 C C   . ASP   A 1 157 ? -1.999  12.253  -5.232  1.00 35.05 ? 153  ASP   A C   1 
ATOM   1078 O O   . ASP   A 1 157 ? -2.797  13.145  -4.937  1.00 35.27 ? 153  ASP   A O   1 
ATOM   1079 C CB  . ASP   A 1 157 ? -0.467  13.301  -6.885  1.00 38.65 ? 153  ASP   A CB  1 
ATOM   1080 C CG  . ASP   A 1 157 ? 0.761   14.170  -7.024  1.00 42.89 ? 153  ASP   A CG  1 
ATOM   1081 O OD1 . ASP   A 1 157 ? 1.557   14.261  -6.057  1.00 40.89 ? 153  ASP   A OD1 1 
ATOM   1082 O OD2 . ASP   A 1 157 ? 0.920   14.770  -8.105  1.00 48.69 ? 153  ASP   A OD2 1 
ATOM   1083 N N   . SER   A 1 158 ? -2.366  10.970  -5.323  1.00 31.99 ? 154  SER   A N   1 
ATOM   1084 C CA  . SER   A 1 158 ? -3.743  10.588  -5.026  1.00 31.72 ? 154  SER   A CA  1 
ATOM   1085 C C   . SER   A 1 158 ? -4.002  10.521  -3.529  1.00 28.92 ? 154  SER   A C   1 
ATOM   1086 O O   . SER   A 1 158 ? -5.121  10.787  -3.085  1.00 28.89 ? 154  SER   A O   1 
ATOM   1087 C CB  . SER   A 1 158 ? -4.088  9.231   -5.647  1.00 29.58 ? 154  SER   A CB  1 
ATOM   1088 O OG  . SER   A 1 158 ? -3.819  9.205   -7.028  1.00 35.90 ? 154  SER   A OG  1 
ATOM   1089 N N   . GLY   A 1 159 ? -2.998  10.167  -2.752  1.00 27.66 ? 155  GLY   A N   1 
ATOM   1090 C CA  . GLY   A 1 159 ? -3.176  9.937   -1.341  1.00 28.62 ? 155  GLY   A CA  1 
ATOM   1091 C C   . GLY   A 1 159 ? -2.156  8.911   -0.872  1.00 27.91 ? 155  GLY   A C   1 
ATOM   1092 O O   . GLY   A 1 159 ? -1.012  8.933   -1.320  1.00 29.18 ? 155  GLY   A O   1 
ATOM   1093 N N   . ILE   A 1 160 ? -2.595  8.020   0.017   1.00 27.42 ? 156  ILE   A N   1 
ATOM   1094 C CA  . ILE   A 1 160 ? -1.733  6.994   0.597   1.00 24.15 ? 156  ILE   A CA  1 
ATOM   1095 C C   . ILE   A 1 160 ? -2.329  5.631   0.276   1.00 25.70 ? 156  ILE   A C   1 
ATOM   1096 O O   . ILE   A 1 160 ? -3.528  5.410   0.489   1.00 24.23 ? 156  ILE   A O   1 
ATOM   1097 C CB  . ILE   A 1 160 ? -1.585  7.177   2.116   1.00 24.73 ? 156  ILE   A CB  1 
ATOM   1098 C CG1 . ILE   A 1 160 ? -1.404  8.653   2.468   1.00 26.31 ? 156  ILE   A CG1 1 
ATOM   1099 C CG2 . ILE   A 1 160 ? -0.400  6.398   2.631   1.00 26.05 ? 156  ILE   A CG2 1 
ATOM   1100 C CD1 . ILE   A 1 160 ? -1.253  8.913   3.953   1.00 25.31 ? 156  ILE   A CD1 1 
ATOM   1101 N N   . HIS   A 1 161 ? -1.496  4.724   -0.224  1.00 23.42 ? 157  HIS   A N   1 
ATOM   1102 C CA  . HIS   A 1 161 ? -1.941  3.416   -0.686  1.00 27.88 ? 157  HIS   A CA  1 
ATOM   1103 C C   . HIS   A 1 161 ? -1.361  2.307   0.182   1.00 24.65 ? 157  HIS   A C   1 
ATOM   1104 O O   . HIS   A 1 161 ? -0.245  2.421   0.699   1.00 22.60 ? 157  HIS   A O   1 
ATOM   1105 C CB  . HIS   A 1 161 ? -1.503  3.129   -2.138  1.00 24.82 ? 157  HIS   A CB  1 
ATOM   1106 C CG  . HIS   A 1 161 ? -1.783  4.237   -3.106  1.00 27.11 ? 157  HIS   A CG  1 
ATOM   1107 N ND1 . HIS   A 1 161 ? -2.818  4.183   -4.016  1.00 24.96 ? 157  HIS   A ND1 1 
ATOM   1108 C CD2 . HIS   A 1 161 ? -1.142  5.408   -3.333  1.00 28.44 ? 157  HIS   A CD2 1 
ATOM   1109 C CE1 . HIS   A 1 161 ? -2.817  5.283   -4.745  1.00 29.08 ? 157  HIS   A CE1 1 
ATOM   1110 N NE2 . HIS   A 1 161 ? -1.807  6.042   -4.352  1.00 29.87 ? 157  HIS   A NE2 1 
ATOM   1111 N N   . ILE   A 1 162 ? -2.127  1.225   0.313   1.00 22.47 ? 158  ILE   A N   1 
ATOM   1112 C CA  . ILE   A 1 162 ? -1.604  -0.098  0.624   1.00 21.89 ? 158  ILE   A CA  1 
ATOM   1113 C C   . ILE   A 1 162 ? -1.743  -0.917  -0.652  1.00 24.32 ? 158  ILE   A C   1 
ATOM   1114 O O   . ILE   A 1 162 ? -2.833  -0.972  -1.232  1.00 23.15 ? 158  ILE   A O   1 
ATOM   1115 C CB  . ILE   A 1 162 ? -2.368  -0.764  1.780   1.00 22.93 ? 158  ILE   A CB  1 
ATOM   1116 C CG1 . ILE   A 1 162 ? -2.383  0.126   3.019   1.00 25.51 ? 158  ILE   A CG1 1 
ATOM   1117 C CG2 . ILE   A 1 162 ? -1.739  -2.107  2.119   1.00 22.37 ? 158  ILE   A CG2 1 
ATOM   1118 C CD1 . ILE   A 1 162 ? -3.476  -0.266  4.005   1.00 26.18 ? 158  ILE   A CD1 1 
ATOM   1119 N N   . ILE   A 1 163 ? -0.649  -1.531  -1.100  1.00 22.42 ? 159  ILE   A N   1 
ATOM   1120 C CA  . ILE   A 1 163 ? -0.634  -2.259  -2.368  1.00 21.93 ? 159  ILE   A CA  1 
ATOM   1121 C C   . ILE   A 1 163 ? -0.443  -3.746  -2.092  1.00 22.87 ? 159  ILE   A C   1 
ATOM   1122 O O   . ILE   A 1 163 ? 0.481   -4.140  -1.369  1.00 23.06 ? 159  ILE   A O   1 
ATOM   1123 C CB  . ILE   A 1 163 ? 0.464   -1.746  -3.317  1.00 18.03 ? 159  ILE   A CB  1 
ATOM   1124 C CG1 . ILE   A 1 163 ? 0.375   -0.219  -3.492  1.00 21.20 ? 159  ILE   A CG1 1 
ATOM   1125 C CG2 . ILE   A 1 163 ? 0.335   -2.429  -4.651  1.00 18.67 ? 159  ILE   A CG2 1 
ATOM   1126 C CD1 . ILE   A 1 163 ? 1.503   0.383   -4.346  1.00 22.53 ? 159  ILE   A CD1 1 
ATOM   1127 N N   . LEU   A 1 164 ? -1.309  -4.569  -2.676  1.00 22.36 ? 160  LEU   A N   1 
ATOM   1128 C CA  . LEU   A 1 164 ? -1.178  -6.022  -2.614  1.00 21.15 ? 160  LEU   A CA  1 
ATOM   1129 C C   . LEU   A 1 164 ? -0.921  -6.540  -4.019  1.00 21.50 ? 160  LEU   A C   1 
ATOM   1130 O O   . LEU   A 1 164 ? -1.769  -6.388  -4.896  1.00 24.68 ? 160  LEU   A O   1 
ATOM   1131 C CB  . LEU   A 1 164 ? -2.433  -6.679  -2.045  1.00 22.77 ? 160  LEU   A CB  1 
ATOM   1132 C CG  . LEU   A 1 164 ? -2.385  -8.211  -1.961  1.00 24.78 ? 160  LEU   A CG  1 
ATOM   1133 C CD1 . LEU   A 1 164 ? -1.303  -8.697  -0.982  1.00 25.43 ? 160  LEU   A CD1 1 
ATOM   1134 C CD2 . LEU   A 1 164 ? -3.753  -8.742  -1.548  1.00 28.03 ? 160  LEU   A CD2 1 
ATOM   1135 N N   . ARG   A 1 165 ? 0.245   -7.141  -4.234  1.00 24.22 ? 161  ARG   A N   1 
ATOM   1136 C CA  . ARG   A 1 165 ? 0.548   -7.729  -5.530  1.00 27.32 ? 161  ARG   A CA  1 
ATOM   1137 C C   . ARG   A 1 165 ? -0.071  -9.119  -5.601  1.00 27.04 ? 161  ARG   A C   1 
ATOM   1138 O O   . ARG   A 1 165 ? 0.277   -10.002 -4.814  1.00 25.53 ? 161  ARG   A O   1 
ATOM   1139 C CB  . ARG   A 1 165 ? 2.055   -7.797  -5.779  1.00 27.74 ? 161  ARG   A CB  1 
ATOM   1140 C CG  . ARG   A 1 165 ? 2.334   -8.323  -7.168  1.00 30.16 ? 161  ARG   A CG  1 
ATOM   1141 C CD  . ARG   A 1 165 ? 3.789   -8.471  -7.496  1.00 28.53 ? 161  ARG   A CD  1 
ATOM   1142 N NE  . ARG   A 1 165 ? 3.927   -9.316  -8.678  1.00 33.78 ? 161  ARG   A NE  1 
ATOM   1143 C CZ  . ARG   A 1 165 ? 5.039   -9.953  -9.022  1.00 37.69 ? 161  ARG   A CZ  1 
ATOM   1144 N NH1 . ARG   A 1 165 ? 6.152   -9.829  -8.316  1.00 37.61 ? 161  ARG   A NH1 1 
ATOM   1145 N NH2 . ARG   A 1 165 ? 5.029   -10.750 -10.089 1.00 35.26 ? 161  ARG   A NH2 1 
ATOM   1146 N N   . THR   A 1 166 ? -0.984  -9.310  -6.547  1.00 24.82 ? 162  THR   A N   1 
ATOM   1147 C CA  . THR   A 1 166 ? -1.697  -10.569 -6.693  1.00 27.37 ? 162  THR   A CA  1 
ATOM   1148 C C   . THR   A 1 166 ? -1.169  -11.449 -7.822  1.00 30.40 ? 162  THR   A C   1 
ATOM   1149 O O   . THR   A 1 166 ? -1.400  -12.660 -7.797  1.00 30.41 ? 162  THR   A O   1 
ATOM   1150 C CB  . THR   A 1 166 ? -3.179  -10.287 -6.919  1.00 27.22 ? 162  THR   A CB  1 
ATOM   1151 O OG1 . THR   A 1 166 ? -3.329  -9.464  -8.082  1.00 27.25 ? 162  THR   A OG1 1 
ATOM   1152 C CG2 . THR   A 1 166 ? -3.742  -9.550  -5.726  1.00 28.39 ? 162  THR   A CG2 1 
ATOM   1153 N N   . GLU   A 1 167 ? -0.483  -10.878 -8.807  1.00 30.60 ? 163  GLU   A N   1 
ATOM   1154 C CA  . GLU   A 1 167 ? 0.091   -11.658 -9.901  1.00 31.19 ? 163  GLU   A CA  1 
ATOM   1155 C C   . GLU   A 1 167 ? 1.379   -11.015 -10.366 1.00 31.22 ? 163  GLU   A C   1 
ATOM   1156 O O   . GLU   A 1 167 ? 2.258   -11.665 -10.923 1.00 30.47 ? 163  GLU   A O   1 
ATOM   1157 C CB  . GLU   A 1 167 ? -0.882  -11.766 -11.081 1.00 32.42 ? 163  GLU   A CB  1 
ATOM   1158 C CG  . GLU   A 1 167 ? -2.143  -12.577 -10.824 1.00 37.25 ? 163  GLU   A CG  1 
ATOM   1159 C CD  . GLU   A 1 167 ? -3.072  -12.605 -12.047 1.00 40.48 ? 163  GLU   A CD  1 
ATOM   1160 O OE1 . GLU   A 1 167 ? -2.587  -12.317 -13.172 1.00 39.47 ? 163  GLU   A OE1 1 
ATOM   1161 O OE2 . GLU   A 1 167 ? -4.281  -12.899 -11.880 1.00 40.23 ? 163  GLU   A OE2 1 
ATOM   1162 O OXT . GLU   A 1 167 ? 1.559   -9.809  -10.195 1.00 30.60 ? 163  GLU   A OXT 1 
HETATM 1163 C C4  . A1AEM B 2 .   ? 10.626  1.286   9.137   1.00 43.10 ? 901  A1AEM A C4  1 
HETATM 1164 C C5  . A1AEM B 2 .   ? 11.562  1.570   10.117  1.00 41.24 ? 901  A1AEM A C5  1 
HETATM 1165 C C6  . A1AEM B 2 .   ? 11.336  2.589   11.029  1.00 40.77 ? 901  A1AEM A C6  1 
HETATM 1166 C C7  . A1AEM B 2 .   ? 10.179  3.337   10.939  1.00 43.33 ? 901  A1AEM A C7  1 
HETATM 1167 C C1  . A1AEM B 2 .   ? 7.981   3.864   9.859   1.00 50.53 ? 901  A1AEM A C1  1 
HETATM 1168 C C2  . A1AEM B 2 .   ? 9.238   3.068   9.954   1.00 45.07 ? 901  A1AEM A C2  1 
HETATM 1169 C C3  . A1AEM B 2 .   ? 9.469   2.032   9.062   1.00 47.14 ? 901  A1AEM A C3  1 
HETATM 1170 O O11 . A1AEM B 2 .   ? 14.053  1.355   10.839  1.00 43.24 ? 901  A1AEM A O11 1 
HETATM 1171 O O13 . A1AEM B 2 .   ? 13.237  -0.085  9.001   1.00 42.93 ? 901  A1AEM A O13 1 
HETATM 1172 O O8  . A1AEM B 2 .   ? 7.847   4.839   10.628  1.00 52.91 ? 901  A1AEM A O8  1 
HETATM 1173 O O9  . A1AEM B 2 .   ? 7.133   3.494   9.020   1.00 54.13 ? 901  A1AEM A O9  1 
HETATM 1174 S S10 . A1AEM B 2 .   ? 13.011  0.603   10.225  1.00 45.82 ? 901  A1AEM A S10 1 
HETATM 1175 H H4  . A1AEM B 2 .   ? 10.780  0.590   8.528   1.00 51.70 ? 901  A1AEM A H4  1 
HETATM 1176 H H6  . A1AEM B 2 .   ? 11.965  2.769   11.700  1.00 48.90 ? 901  A1AEM A H6  1 
HETATM 1177 H H7  . A1AEM B 2 .   ? 10.029  4.034   11.554  1.00 51.98 ? 901  A1AEM A H7  1 
HETATM 1178 H H3  . A1AEM B 2 .   ? 8.830   1.833   8.398   1.00 56.55 ? 901  A1AEM A H3  1 
HETATM 1179 S S   . SO4   C 3 .   ? -6.965  11.359  -7.768  1.00 62.12 ? 902  SO4   A S   1 
HETATM 1180 O O1  . SO4   C 3 .   ? -7.210  12.468  -8.699  1.00 57.04 ? 902  SO4   A O1  1 
HETATM 1181 O O2  . SO4   C 3 .   ? -8.124  10.446  -7.761  1.00 46.18 ? 902  SO4   A O2  1 
HETATM 1182 O O3  . SO4   C 3 .   ? -6.680  11.941  -6.434  1.00 46.97 ? 902  SO4   A O3  1 
HETATM 1183 O O4  . SO4   C 3 .   ? -5.790  10.622  -8.237  1.00 53.92 ? 902  SO4   A O4  1 
HETATM 1184 S S   . SO4   D 3 .   ? 7.677   -13.358 -7.766  1.00 66.37 ? 903  SO4   A S   1 
HETATM 1185 O O1  . SO4   D 3 .   ? 7.550   -14.451 -8.749  1.00 62.72 ? 903  SO4   A O1  1 
HETATM 1186 O O2  . SO4   D 3 .   ? 6.358   -13.046 -7.207  1.00 52.59 ? 903  SO4   A O2  1 
HETATM 1187 O O3  . SO4   D 3 .   ? 8.560   -13.773 -6.663  1.00 59.68 ? 903  SO4   A O3  1 
HETATM 1188 O O4  . SO4   D 3 .   ? 8.239   -12.172 -8.446  1.00 58.86 ? 903  SO4   A O4  1 
HETATM 1189 O O1  . PE4   E 4 .   ? 5.180   0.953   11.922  1.00 48.03 ? 904  PE4   A O1  1 
HETATM 1190 C C1  . PE4   E 4 .   ? 5.994   0.117   11.129  1.00 44.38 ? 904  PE4   A C1  1 
HETATM 1191 C C2  . PE4   E 4 .   ? 7.451   0.355   11.434  1.00 47.33 ? 904  PE4   A C2  1 
HETATM 1192 O O2  . PE4   E 4 .   ? 7.970   -0.754  12.124  1.00 44.71 ? 904  PE4   A O2  1 
HETATM 1193 C C3  . PE4   E 4 .   ? 9.367   -0.733  12.275  1.00 42.31 ? 904  PE4   A C3  1 
HETATM 1194 C C4  . PE4   E 4 .   ? 9.822   -1.907  13.112  1.00 43.09 ? 904  PE4   A C4  1 
HETATM 1195 O O3  . PE4   E 4 .   ? 9.312   -3.117  12.588  1.00 40.46 ? 904  PE4   A O3  1 
HETATM 1196 C C5  . PE4   E 4 .   ? 10.093  -4.241  12.936  1.00 36.82 ? 904  PE4   A C5  1 
HETATM 1197 C C6  . PE4   E 4 .   ? 9.755   -5.417  12.056  1.00 34.11 ? 904  PE4   A C6  1 
HETATM 1198 O O4  . PE4   E 4 .   ? 8.415   -5.722  12.301  1.00 31.52 ? 904  PE4   A O4  1 
HETATM 1199 C C7  . PE4   E 4 .   ? 7.916   -6.650  11.363  1.00 35.39 ? 904  PE4   A C7  1 
HETATM 1200 C C8  . PE4   E 4 .   ? 6.497   -7.017  11.736  1.00 36.20 ? 904  PE4   A C8  1 
HETATM 1201 O O5  . PE4   E 4 .   ? 5.736   -5.844  11.873  1.00 40.96 ? 904  PE4   A O5  1 
HETATM 1202 C C9  . PE4   E 4 .   ? 4.341   -6.007  11.756  1.00 35.58 ? 904  PE4   A C9  1 
HETATM 1203 C C10 . PE4   E 4 .   ? 3.695   -4.646  11.594  1.00 35.12 ? 904  PE4   A C10 1 
HETATM 1204 O O6  . PE4   E 4 .   ? 4.033   -4.042  10.350  1.00 34.57 ? 904  PE4   A O6  1 
HETATM 1205 C C11 . PE4   E 4 .   ? 3.537   -2.734  10.271  1.00 38.37 ? 904  PE4   A C11 1 
HETATM 1206 C C12 . PE4   E 4 .   ? 4.119   -2.040  9.071   1.00 39.69 ? 904  PE4   A C12 1 
HETATM 1207 O O7  . PE4   E 4 .   ? 3.975   -2.880  7.970   1.00 39.27 ? 904  PE4   A O7  1 
HETATM 1208 C C13 . PE4   E 4 .   ? 4.445   -2.249  6.811   1.00 34.87 ? 904  PE4   A C13 1 
HETATM 1209 C C14 . PE4   E 4 .   ? 4.165   -3.126  5.611   1.00 33.52 ? 904  PE4   A C14 1 
HETATM 1210 O O8  . PE4   E 4 .   ? 4.799   -4.393  5.665   1.00 34.97 ? 904  PE4   A O8  1 
HETATM 1211 C C15 . PE4   E 4 .   ? 4.117   -5.324  4.806   1.00 39.43 ? 904  PE4   A C15 1 
HETATM 1212 C C16 . PE4   E 4 .   ? 4.944   -6.538  4.392   1.00 34.57 ? 904  PE4   A C16 1 
HETATM 1213 O O   . HOH   F 5 .   ? -5.570  10.612  13.846  1.00 50.08 ? 1001 HOH   A O   1 
HETATM 1214 O O   . HOH   F 5 .   ? 8.780   4.854   -14.229 1.00 40.36 ? 1002 HOH   A O   1 
HETATM 1215 O O   . HOH   F 5 .   ? 18.568  -5.256  -1.642  1.00 50.33 ? 1003 HOH   A O   1 
HETATM 1216 O O   . HOH   F 5 .   ? 18.177  -4.051  -3.714  1.00 63.29 ? 1004 HOH   A O   1 
HETATM 1217 O O   . HOH   F 5 .   ? 21.927  -10.657 -1.005  1.00 53.64 ? 1005 HOH   A O   1 
HETATM 1218 O O   . HOH   F 5 .   ? 13.439  -12.047 -3.284  1.00 64.77 ? 1006 HOH   A O   1 
HETATM 1219 O O   . HOH   F 5 .   ? 8.940   -10.508 1.014   1.00 41.13 ? 1007 HOH   A O   1 
HETATM 1220 O O   . HOH   F 5 .   ? -17.460 3.844   3.341   1.00 41.49 ? 1008 HOH   A O   1 
HETATM 1221 O O   . HOH   F 5 .   ? 22.163  -8.780  0.726   1.00 51.82 ? 1009 HOH   A O   1 
HETATM 1222 O O   . HOH   F 5 .   ? 7.308   -14.929 11.052  1.00 36.10 ? 1010 HOH   A O   1 
HETATM 1223 O O   . HOH   F 5 .   ? 18.953  2.857   3.352   1.00 43.29 ? 1011 HOH   A O   1 
HETATM 1224 O O   . HOH   F 5 .   ? -9.504  0.327   -3.753  1.00 21.67 ? 1012 HOH   A O   1 
HETATM 1225 O O   . HOH   F 5 .   ? 2.532   1.064   8.536   1.00 32.73 ? 1013 HOH   A O   1 
HETATM 1226 O O   . HOH   F 5 .   ? 10.568  4.691   1.496   1.00 27.08 ? 1014 HOH   A O   1 
HETATM 1227 O O   . HOH   F 5 .   ? -8.439  -7.467  -4.171  1.00 28.13 ? 1015 HOH   A O   1 
HETATM 1228 O O   . HOH   F 5 .   ? 4.814   5.800   -14.184 1.00 41.32 ? 1016 HOH   A O   1 
HETATM 1229 O O   . HOH   F 5 .   ? -18.159 -0.802  6.565   1.00 36.79 ? 1017 HOH   A O   1 
HETATM 1230 O O   . HOH   F 5 .   ? -16.004 -10.632 -1.408  1.00 38.79 ? 1018 HOH   A O   1 
HETATM 1231 O O   . HOH   F 5 .   ? 18.836  -6.268  -4.960  1.00 48.18 ? 1019 HOH   A O   1 
HETATM 1232 O O   . HOH   F 5 .   ? 9.680   -7.206  -2.309  1.00 33.65 ? 1020 HOH   A O   1 
HETATM 1233 O O   . HOH   F 5 .   ? 3.017   -10.971 -13.480 1.00 37.54 ? 1021 HOH   A O   1 
HETATM 1234 O O   . HOH   F 5 .   ? 8.726   -5.363  -0.403  1.00 30.38 ? 1022 HOH   A O   1 
HETATM 1235 O O   . HOH   F 5 .   ? 11.995  5.801   -8.555  1.00 42.90 ? 1023 HOH   A O   1 
HETATM 1236 O O   . HOH   F 5 .   ? -14.330 -4.886  8.910   1.00 49.76 ? 1024 HOH   A O   1 
HETATM 1237 O O   . HOH   F 5 .   ? -10.544 5.479   5.842   1.00 34.45 ? 1025 HOH   A O   1 
HETATM 1238 O O   . HOH   F 5 .   ? -15.626 6.150   7.077   1.00 49.58 ? 1026 HOH   A O   1 
HETATM 1239 O O   . HOH   F 5 .   ? 7.354   -8.113  3.206   1.00 33.40 ? 1027 HOH   A O   1 
HETATM 1240 O O   . HOH   F 5 .   ? 4.525   -15.725 -3.642  1.00 49.82 ? 1028 HOH   A O   1 
HETATM 1241 O O   . HOH   F 5 .   ? 14.758  -10.765 12.571  1.00 35.39 ? 1029 HOH   A O   1 
HETATM 1242 O O   . HOH   F 5 .   ? 1.152   -11.016 9.262   1.00 26.91 ? 1030 HOH   A O   1 
HETATM 1243 O O   . HOH   F 5 .   ? -13.239 9.024   3.043   1.00 33.15 ? 1031 HOH   A O   1 
HETATM 1244 O O   . HOH   F 5 .   ? 3.463   15.213  -8.680  1.00 44.56 ? 1032 HOH   A O   1 
HETATM 1245 O O   . HOH   F 5 .   ? -15.758 -5.353  -3.212  1.00 25.78 ? 1033 HOH   A O   1 
HETATM 1246 O O   . HOH   F 5 .   ? 5.056   -14.523 -9.712  1.00 50.86 ? 1034 HOH   A O   1 
HETATM 1247 O O   . HOH   F 5 .   ? -5.488  -7.786  -7.749  1.00 28.00 ? 1035 HOH   A O   1 
HETATM 1248 O O   . HOH   F 5 .   ? 17.074  -7.030  21.161  1.00 55.73 ? 1036 HOH   A O   1 
HETATM 1249 O O   . HOH   F 5 .   ? 12.238  -9.001  -2.213  1.00 46.50 ? 1037 HOH   A O   1 
HETATM 1250 O O   . HOH   F 5 .   ? -13.595 -11.331 4.840   1.00 45.59 ? 1038 HOH   A O   1 
HETATM 1251 O O   . HOH   F 5 .   ? 2.798   1.751   -14.310 1.00 37.63 ? 1039 HOH   A O   1 
HETATM 1252 O O   . HOH   F 5 .   ? -20.493 12.769  0.315   1.00 48.26 ? 1040 HOH   A O   1 
HETATM 1253 O O   . HOH   F 5 .   ? -17.061 -0.823  -2.130  1.00 25.72 ? 1041 HOH   A O   1 
HETATM 1254 O O   . HOH   F 5 .   ? 7.001   -3.315  11.187  1.00 40.25 ? 1042 HOH   A O   1 
HETATM 1255 O O   . HOH   F 5 .   ? 21.524  -2.954  5.414   1.00 46.02 ? 1043 HOH   A O   1 
HETATM 1256 O O   . HOH   F 5 .   ? 16.763  -0.912  19.404  1.00 47.70 ? 1044 HOH   A O   1 
HETATM 1257 O O   . HOH   F 5 .   ? 12.099  3.089   -11.342 1.00 41.91 ? 1045 HOH   A O   1 
HETATM 1258 O O   . HOH   F 5 .   ? 0.756   7.105   11.986  1.00 43.78 ? 1046 HOH   A O   1 
HETATM 1259 O O   . HOH   F 5 .   ? 7.795   3.578   -4.235  1.00 28.39 ? 1047 HOH   A O   1 
HETATM 1260 O O   . HOH   F 5 .   ? -10.954 6.261   3.385   1.00 29.54 ? 1048 HOH   A O   1 
HETATM 1261 O O   . HOH   F 5 .   ? -6.351  19.028  -2.712  1.00 48.03 ? 1049 HOH   A O   1 
HETATM 1262 O O   . HOH   F 5 .   ? 6.202   8.542   -2.844  1.00 29.02 ? 1050 HOH   A O   1 
HETATM 1263 O O   . HOH   F 5 .   ? -3.427  16.029  11.841  1.00 32.63 ? 1051 HOH   A O   1 
HETATM 1264 O O   . HOH   F 5 .   ? 7.705   -10.250 9.482   1.00 33.62 ? 1052 HOH   A O   1 
HETATM 1265 O O   . HOH   F 5 .   ? -10.739 19.319  1.420   1.00 36.52 ? 1053 HOH   A O   1 
HETATM 1266 O O   . HOH   F 5 .   ? -5.074  -10.868 6.516   1.00 31.40 ? 1054 HOH   A O   1 
HETATM 1267 O O   . HOH   F 5 .   ? 2.631   -14.402 -10.755 1.00 41.54 ? 1055 HOH   A O   1 
HETATM 1268 O O   . HOH   F 5 .   ? -9.986  13.012  10.393  1.00 51.13 ? 1056 HOH   A O   1 
HETATM 1269 O O   . HOH   F 5 .   ? -16.069 2.487   -5.201  1.00 46.30 ? 1057 HOH   A O   1 
HETATM 1270 O O   . HOH   F 5 .   ? -6.258  -0.639  13.819  1.00 45.09 ? 1058 HOH   A O   1 
HETATM 1271 O O   . HOH   F 5 .   ? -4.439  -11.057 -14.816 1.00 52.67 ? 1059 HOH   A O   1 
HETATM 1272 O O   . HOH   F 5 .   ? -12.430 -9.343  7.054   1.00 40.17 ? 1060 HOH   A O   1 
HETATM 1273 O O   . HOH   F 5 .   ? 7.120   -0.404  7.187   1.00 34.76 ? 1061 HOH   A O   1 
HETATM 1274 O O   . HOH   F 5 .   ? 9.181   -4.538  -16.283 1.00 45.33 ? 1062 HOH   A O   1 
HETATM 1275 O O   . HOH   F 5 .   ? -2.172  -14.049 -5.491  1.00 63.13 ? 1063 HOH   A O   1 
HETATM 1276 O O   . HOH   F 5 .   ? 11.944  0.367   14.590  1.00 39.03 ? 1064 HOH   A O   1 
HETATM 1277 O O   . HOH   F 5 .   ? -6.715  9.121   11.637  1.00 33.25 ? 1065 HOH   A O   1 
HETATM 1278 O O   . HOH   F 5 .   ? -0.138  11.621  -0.135  1.00 30.16 ? 1066 HOH   A O   1 
HETATM 1279 O O   . HOH   F 5 .   ? 15.708  3.353   -4.638  1.00 45.46 ? 1067 HOH   A O   1 
HETATM 1280 O O   . HOH   F 5 .   ? 5.864   -10.216 14.046  1.00 40.59 ? 1068 HOH   A O   1 
HETATM 1281 O O   . HOH   F 5 .   ? -7.420  2.416   10.605  1.00 27.22 ? 1069 HOH   A O   1 
HETATM 1282 O O   . HOH   F 5 .   ? 10.581  -1.147  -8.706  1.00 30.73 ? 1070 HOH   A O   1 
HETATM 1283 O O   . HOH   F 5 .   ? 12.757  -12.065 14.126  1.00 38.13 ? 1071 HOH   A O   1 
HETATM 1284 O O   . HOH   F 5 .   ? -18.502 15.588  2.254   1.00 38.01 ? 1072 HOH   A O   1 
HETATM 1285 O O   . HOH   F 5 .   ? 9.568   -8.283  -7.562  1.00 36.54 ? 1073 HOH   A O   1 
HETATM 1286 O O   . HOH   F 5 .   ? -10.875 -0.597  10.805  1.00 57.81 ? 1074 HOH   A O   1 
HETATM 1287 O O   . HOH   F 5 .   ? 7.123   -3.308  -17.273 1.00 37.99 ? 1075 HOH   A O   1 
HETATM 1288 O O   . HOH   F 5 .   ? -12.077 13.174  5.453   1.00 35.52 ? 1076 HOH   A O   1 
HETATM 1289 O O   . HOH   F 5 .   ? 11.471  2.662   -14.420 1.00 47.27 ? 1077 HOH   A O   1 
HETATM 1290 O O   . HOH   F 5 .   ? -8.537  20.607  0.309   1.00 45.68 ? 1078 HOH   A O   1 
HETATM 1291 O O   . HOH   F 5 .   ? 0.341   10.119  11.254  1.00 45.02 ? 1079 HOH   A O   1 
HETATM 1292 O O   . HOH   F 5 .   ? -16.735 -7.265  -6.528  1.00 24.78 ? 1080 HOH   A O   1 
HETATM 1293 O O   . HOH   F 5 .   ? -7.953  -10.649 -4.112  1.00 45.72 ? 1081 HOH   A O   1 
HETATM 1294 O O   . HOH   F 5 .   ? -11.764 8.849   -5.853  1.00 46.20 ? 1082 HOH   A O   1 
HETATM 1295 O O   . HOH   F 5 .   ? 0.858   -10.121 2.228   1.00 31.30 ? 1083 HOH   A O   1 
HETATM 1296 O O   . HOH   F 5 .   ? 15.843  1.888   13.699  1.00 43.05 ? 1084 HOH   A O   1 
HETATM 1297 O O   . HOH   F 5 .   ? 21.510  -0.923  6.663   1.00 59.64 ? 1085 HOH   A O   1 
HETATM 1298 O O   . HOH   F 5 .   ? -14.295 7.442   -5.998  1.00 36.62 ? 1086 HOH   A O   1 
HETATM 1299 O O   . HOH   F 5 .   ? -8.836  18.221  -8.870  1.00 49.05 ? 1087 HOH   A O   1 
HETATM 1300 O O   . HOH   F 5 .   ? 2.426   10.463  -7.620  1.00 36.76 ? 1088 HOH   A O   1 
HETATM 1301 O O   . HOH   F 5 .   ? 2.372   -1.418  14.037  1.00 43.84 ? 1089 HOH   A O   1 
HETATM 1302 O O   . HOH   F 5 .   ? -12.263 3.015   9.251   1.00 37.38 ? 1090 HOH   A O   1 
HETATM 1303 O O   . HOH   F 5 .   ? -2.984  17.462  4.766   1.00 47.23 ? 1091 HOH   A O   1 
HETATM 1304 O O   . HOH   F 5 .   ? 0.986   -0.504  10.752  1.00 28.54 ? 1092 HOH   A O   1 
HETATM 1305 O O   . HOH   F 5 .   ? 18.467  -9.553  16.176  1.00 44.96 ? 1093 HOH   A O   1 
HETATM 1306 O O   . HOH   F 5 .   ? -1.048  15.691  -4.006  1.00 39.28 ? 1094 HOH   A O   1 
HETATM 1307 O O   . HOH   F 5 .   ? -11.939 -8.611  -7.299  1.00 43.01 ? 1095 HOH   A O   1 
HETATM 1308 O O   . HOH   F 5 .   ? 17.744  0.837   12.600  1.00 45.44 ? 1096 HOH   A O   1 
HETATM 1309 O O   . HOH   F 5 .   ? 11.626  4.687   -3.128  1.00 42.47 ? 1097 HOH   A O   1 
HETATM 1310 O O   . HOH   F 5 .   ? 8.478   -10.918 16.901  1.00 39.96 ? 1098 HOH   A O   1 
HETATM 1311 O O   . HOH   F 5 .   ? 7.943   -9.189  17.685  1.00 30.16 ? 1099 HOH   A O   1 
HETATM 1312 O O   . HOH   F 5 .   ? -16.806 1.105   -9.230  1.00 37.16 ? 1100 HOH   A O   1 
HETATM 1313 O O   . HOH   F 5 .   ? -11.366 -5.390  13.191  1.00 45.31 ? 1101 HOH   A O   1 
HETATM 1314 O O   . HOH   F 5 .   ? -11.292 10.315  8.565   1.00 40.53 ? 1102 HOH   A O   1 
HETATM 1315 O O   . HOH   F 5 .   ? 0.740   18.108  -1.630  1.00 42.91 ? 1103 HOH   A O   1 
HETATM 1316 O O   . HOH   F 5 .   ? -14.354 -7.821  0.199   1.00 38.83 ? 1104 HOH   A O   1 
HETATM 1317 O O   . HOH   F 5 .   ? -3.844  1.441   -16.044 1.00 49.90 ? 1105 HOH   A O   1 
HETATM 1318 O O   . HOH   F 5 .   ? -15.019 -2.811  9.716   1.00 50.32 ? 1106 HOH   A O   1 
HETATM 1319 O O   . HOH   F 5 .   ? 4.029   4.601   8.974   1.00 37.56 ? 1107 HOH   A O   1 
HETATM 1320 O O   . HOH   F 5 .   ? -1.536  5.562   -9.701  1.00 36.55 ? 1108 HOH   A O   1 
HETATM 1321 O O   . HOH   F 5 .   ? 6.671   -4.763  14.841  1.00 43.79 ? 1109 HOH   A O   1 
HETATM 1322 O O   . HOH   F 5 .   ? -18.216 3.458   6.830   1.00 47.34 ? 1110 HOH   A O   1 
HETATM 1323 O O   . HOH   F 5 .   ? -5.042  6.229   -7.315  1.00 33.55 ? 1111 HOH   A O   1 
HETATM 1324 O O   . HOH   F 5 .   ? 3.456   6.885   11.329  1.00 39.80 ? 1112 HOH   A O   1 
HETATM 1325 O O   . HOH   F 5 .   ? 5.467   -8.507  8.754   1.00 38.49 ? 1113 HOH   A O   1 
HETATM 1326 O O   . HOH   F 5 .   ? -11.486 23.909  2.594   1.00 55.07 ? 1114 HOH   A O   1 
HETATM 1327 O O   . HOH   F 5 .   ? -0.262  5.604   13.400  1.00 40.59 ? 1115 HOH   A O   1 
HETATM 1328 O O   . HOH   F 5 .   ? -2.677  -2.711  -21.188 1.00 55.79 ? 1116 HOH   A O   1 
HETATM 1329 O O   . HOH   F 5 .   ? 18.600  -0.731  -0.055  1.00 47.32 ? 1117 HOH   A O   1 
HETATM 1330 O O   . HOH   F 5 .   ? -13.598 -9.879  1.894   1.00 38.55 ? 1118 HOH   A O   1 
HETATM 1331 O O   . HOH   F 5 .   ? -10.216 -10.178 -5.131  1.00 54.08 ? 1119 HOH   A O   1 
HETATM 1332 O O   . HOH   F 5 .   ? -12.191 -11.569 8.921   1.00 45.62 ? 1120 HOH   A O   1 
HETATM 1333 O O   . HOH   F 5 .   ? 18.966  -1.270  -2.352  1.00 49.57 ? 1121 HOH   A O   1 
HETATM 1334 O O   . HOH   F 5 .   ? 12.563  0.867   -8.407  1.00 37.96 ? 1122 HOH   A O   1 
HETATM 1335 O O   . HOH   F 5 .   ? -17.708 6.580   7.390   1.00 48.74 ? 1123 HOH   A O   1 
HETATM 1336 O O   . HOH   F 5 .   ? -6.937  4.072   12.764  1.00 31.87 ? 1124 HOH   A O   1 
HETATM 1337 O O   . HOH   F 5 .   ? -12.664 6.864   7.576   1.00 35.85 ? 1125 HOH   A O   1 
HETATM 1338 O O   . HOH   F 5 .   ? -6.987  -10.325 -7.687  1.00 33.38 ? 1126 HOH   A O   1 
HETATM 1339 O O   . HOH   F 5 .   ? 7.402   -12.303 15.130  1.00 27.59 ? 1127 HOH   A O   1 
HETATM 1340 O O   . HOH   F 5 .   ? -13.199 12.889  8.232   1.00 50.51 ? 1128 HOH   A O   1 
HETATM 1341 O O   . HOH   F 5 .   ? 0.692   8.685   -14.957 1.00 47.24 ? 1129 HOH   A O   1 
HETATM 1342 O O   . HOH   F 5 .   ? -16.713 -8.073  -4.096  1.00 27.30 ? 1130 HOH   A O   1 
HETATM 1343 O O   . HOH   F 5 .   ? -20.747 12.838  2.385   1.00 38.76 ? 1131 HOH   A O   1 
HETATM 1344 O O   . HOH   F 5 .   ? 5.399   6.022   6.503   1.00 38.62 ? 1132 HOH   A O   1 
HETATM 1345 O O   . HOH   F 5 .   ? -1.915  -13.023 -3.248  1.00 55.52 ? 1133 HOH   A O   1 
HETATM 1346 O O   . HOH   F 5 .   ? -10.345 2.827   11.119  1.00 42.19 ? 1134 HOH   A O   1 
HETATM 1347 O O   . HOH   F 5 .   ? -7.167  6.693   13.001  1.00 37.17 ? 1135 HOH   A O   1 
HETATM 1348 O O   . HOH   F 5 .   ? 19.176  -2.155  19.745  1.00 49.88 ? 1136 HOH   A O   1 
HETATM 1349 O O   . HOH   F 5 .   ? -0.173  -15.725 -4.037  1.00 47.63 ? 1137 HOH   A O   1 
HETATM 1350 O O   . HOH   F 5 .   ? 5.561   -10.964 11.337  1.00 37.15 ? 1138 HOH   A O   1 
HETATM 1351 O O   . HOH   F 5 .   ? 16.655  -11.796 19.373  1.00 43.87 ? 1139 HOH   A O   1 
HETATM 1352 O O   . HOH   F 5 .   ? 5.011   -13.608 11.523  1.00 37.33 ? 1140 HOH   A O   1 
HETATM 1353 O O   . HOH   F 5 .   ? -1.552  9.234   -13.355 1.00 53.05 ? 1141 HOH   A O   1 
HETATM 1354 O O   . HOH   F 5 .   ? 4.782   11.435  -6.885  1.00 43.61 ? 1142 HOH   A O   1 
HETATM 1355 O O   . HOH   F 5 .   ? -7.579  5.987   -7.425  1.00 49.88 ? 1143 HOH   A O   1 
HETATM 1356 O O   . HOH   F 5 .   ? -14.718 4.562   9.146   1.00 46.51 ? 1144 HOH   A O   1 
HETATM 1357 O O   . HOH   F 5 .   ? 2.533   11.933  10.036  1.00 40.45 ? 1145 HOH   A O   1 
HETATM 1358 O O   . HOH   F 5 .   ? -12.699 0.407   10.733  1.00 52.20 ? 1146 HOH   A O   1 
HETATM 1359 O O   . HOH   F 5 .   ? -3.619  4.133   -9.052  1.00 38.59 ? 1147 HOH   A O   1 
HETATM 1360 O O   . HOH   F 5 .   ? -5.903  4.115   -11.148 1.00 43.80 ? 1148 HOH   A O   1 
# 
